data_1HYS
#
_entry.id   1HYS
#
_cell.length_a   166.160
_cell.length_b   166.160
_cell.length_c   218.810
_cell.angle_alpha   90.00
_cell.angle_beta   90.00
_cell.angle_gamma   120.00
#
_symmetry.space_group_name_H-M   'P 32 1 2'
#
loop_
_entity.id
_entity.type
_entity.pdbx_description
1 polymer "5'-R(*UP*CP*AP*GP*CP*CP*AP*CP*UP*UP*UP*UP*UP*AP*AP*AP*AP*GP*AP*AP*AP*AP*G)-3'"
2 polymer "5'-D(*CP*TP*TP*TP*TP*CP*TP*TP*TP*TP*AP*AP*AP*AP*AP*GP*TP*GP*GP*CP*TP*G)-3'"
3 polymer 'HIV-1 REVERSE TRANSCRIPTASE'
4 polymer 'HIV-1 REVERSE TRANSCRIPTASE'
5 polymer 'FAB-28 MONOCLONAL ANTIBODY FRAGMENT LIGHT CHAIN'
6 polymer 'FAB-28 MONOCLONAL ANTIBODY FRAGMENT HEAVY CHAIN'
#
loop_
_entity_poly.entity_id
_entity_poly.type
_entity_poly.pdbx_seq_one_letter_code
_entity_poly.pdbx_strand_id
1 'polyribonucleotide' UCAGCCACUUUUUAAAAGAAAAG E
2 'polydeoxyribonucleotide'
;(DC)(DT)(DT)(DT)(DT)(DC)(DT)(DT)(DT)(DT)(DA)(DA)(DA)(DA)(DA)(DG)(DT)(DG)(DG)(DC)
(DT)(DG)
;
F
3 'polypeptide(L)'
;PISPIETVPVKLKPGMDGPKVKQWPLTEEKIKALVEICTEMEKEGKISKIGPENPYNTPVFAIKKKDSTKWRKLVDFREL
NKRTQDFWEVQLGIPHPAGLKKKKSVTVLDVGDAYFSVPLDEDFRKYTAFTIPSINNETPGIRYQYNVLPQGWKGSPAIF
QSSMTKILEPFKKQNPDIVIYQYMDDLYVGSDLEIGQHRTKIEELRQHLLRWGLTTPDKKHQKEPPFLWMGYELHPDKWT
VQPIVLPEKDSWTVNDIQKLVGKLNWASQIYPGIKVRQLSKLLRGTKALTEVIPLTEEAELELAENREILKEPVHGVYYD
PSKDLIAEIQKQGQGQWTYQIYQEPFKNLKTGKYARMRGAHTNDVKQLTEAVQKITTESIVIWGKTPKFKLPIQKETWET
WWTEYWQATWIPEWEFVNTPPLVKLWYQLEKEPIVGAETFYVDGAANRETKLGKAGYVTNKGRQKVVPLTNTTNQKTELQ
AIYLALQDSGLEVNIVTDSQYALGIIQAQPDKSESELVNQIIEQLIKKEKVYLAWVPAHKGIGGNEQVDKLVS
;
A
4 'polypeptide(L)'
;PISPIETVPVKLKPGMDGPKVKQWPLTEEKIKALVEICTEMEKEGKISKIGPENPYNTPVFAIKKKDSTKWRKLVDFREL
NKRTQDFWEVQLGIPHPAGLKKKKSVTVLDVGDAYFSVPLDEDFRKYTAFTIPSINNETPGIRYQYNVLPQGWKGSPAIF
QSSMTKILEPFKKQNPDIVIYQYMDDLYVGSDLEIGQHRTKIEELRQHLLRWGLTTPDKKHQKEPPFLWMGYELHPDKWT
VQPIVLPEKDSWTVNDIQKLVGKLNWASQIYPGIKVRQLSKLLRGTKALTEVIPLTEEAELELAENREILKEPVHGVYYD
PSKDLIAEIQKQGQGQWTYQIYQEPFKNLKTGKYARMRGAHTNDVKQLTEAVQKITTESIVIWGKTPKFKLPIQKETWET
WWTEYWQATWIPEWEFVNTPPLVKL
;
B
5 'polypeptide(L)'
;DIQMTQTTSSLSASLGDRVTISCSASQDISSYLNWYQQKPEGTVKLLIYYTSSLHSGVPSAFSGSGSGTDYSLTISNLEP
EDFATYYCQQYSKFPWTFGGGTKLEIKRADAAPTVSIFPPSSEQLTSGGASVVCFLNNFYPKDINVAWAIDGSAAANGVL
NSWTDQDSKDSTYSMSSTLTLTADAYEAANSYTCAATHKTSTSPIVKSFNANEC
;
C
6 'polypeptide(L)'
;QITLKESGPGIVQPSQPFRLTCTFSGFSLSTSGIGVTWIRQPSGKGLEWLATIWWDDDNRYNPSLKSRLTVSKDTSNNQA
FLNMMTVETADTAIYYCAQSAITSVTDSAMDHWGQGTSVTVSSAATTPPSVYPLAPGSAAQTNSMVTLGCLVKGYFPEPV
TVTWNSGSLSSGVHTFPAVLQSDLYTLSSSVTVPSSTWPSETVTCNVAHPASSTKVDKKI
;
D
#
# COMPACT_ATOMS: atom_id res chain seq x y z
N PRO C 1 -17.01 -24.52 45.93
CA PRO C 1 -15.55 -24.46 45.66
C PRO C 1 -15.16 -25.40 44.52
N ILE C 2 -15.56 -26.66 44.61
CA ILE C 2 -15.26 -27.67 43.59
C ILE C 2 -15.94 -27.27 42.29
N SER C 3 -15.13 -27.18 41.23
CA SER C 3 -15.59 -26.75 39.91
C SER C 3 -16.05 -27.80 38.87
N PRO C 4 -17.18 -27.52 38.17
CA PRO C 4 -17.73 -28.41 37.15
C PRO C 4 -17.13 -28.28 35.75
N ILE C 5 -16.20 -27.34 35.59
CA ILE C 5 -15.51 -27.12 34.32
C ILE C 5 -14.80 -28.40 33.84
N GLU C 6 -14.90 -28.72 32.54
CA GLU C 6 -14.25 -29.92 32.01
C GLU C 6 -12.74 -29.74 32.14
N THR C 7 -12.03 -30.86 32.12
CA THR C 7 -10.58 -30.90 32.30
C THR C 7 -9.63 -30.98 31.09
N VAL C 8 -8.40 -30.52 31.27
CA VAL C 8 -7.42 -30.61 30.21
C VAL C 8 -6.62 -31.91 30.34
N PRO C 9 -6.55 -32.69 29.26
CA PRO C 9 -5.84 -33.96 29.22
C PRO C 9 -4.34 -33.80 29.19
N VAL C 10 -3.76 -33.69 30.38
CA VAL C 10 -2.33 -33.51 30.50
C VAL C 10 -1.58 -34.83 30.46
N LYS C 11 -0.39 -34.83 29.88
CA LYS C 11 0.42 -36.05 29.82
C LYS C 11 1.82 -35.84 30.40
N LEU C 12 2.67 -36.84 30.21
CA LEU C 12 4.04 -36.75 30.69
C LEU C 12 4.93 -36.62 29.44
N LYS C 13 6.09 -36.01 29.62
CA LYS C 13 7.04 -35.86 28.53
C LYS C 13 7.16 -37.25 27.94
N PRO C 14 6.99 -37.37 26.61
CA PRO C 14 7.07 -38.65 25.90
C PRO C 14 8.18 -39.57 26.38
N GLY C 15 7.83 -40.85 26.52
CA GLY C 15 8.80 -41.85 26.96
C GLY C 15 9.36 -41.69 28.37
N MET C 16 8.48 -41.59 29.36
CA MET C 16 8.92 -41.47 30.73
C MET C 16 7.91 -42.18 31.65
N ASP C 17 7.68 -41.58 32.82
CA ASP C 17 6.73 -42.12 33.76
C ASP C 17 6.67 -41.15 34.91
N GLY C 18 5.93 -41.54 35.95
CA GLY C 18 5.78 -40.70 37.11
C GLY C 18 7.01 -40.53 37.97
N PRO C 19 6.91 -39.69 38.99
CA PRO C 19 8.01 -39.44 39.90
C PRO C 19 7.95 -40.48 41.02
N LYS C 20 9.10 -41.09 41.32
CA LYS C 20 9.17 -42.09 42.38
C LYS C 20 10.24 -41.69 43.37
N VAL C 21 10.14 -40.46 43.86
CA VAL C 21 11.08 -39.91 44.82
C VAL C 21 10.84 -40.44 46.21
N LYS C 22 11.93 -40.70 46.93
CA LYS C 22 11.89 -41.22 48.29
C LYS C 22 11.27 -40.21 49.25
N GLN C 23 10.67 -40.70 50.32
CA GLN C 23 10.07 -39.82 51.31
C GLN C 23 10.70 -40.04 52.70
N TRP C 24 11.63 -39.14 52.98
CA TRP C 24 12.38 -39.06 54.23
C TRP C 24 11.49 -39.17 55.46
N PRO C 25 11.90 -39.84 56.53
CA PRO C 25 11.13 -39.81 57.75
C PRO C 25 11.10 -38.36 58.21
N LEU C 26 9.91 -37.88 58.55
CA LEU C 26 9.71 -36.47 58.99
C LEU C 26 9.72 -36.35 60.50
N THR C 27 9.83 -35.12 60.98
CA THR C 27 9.83 -34.87 62.41
C THR C 27 8.42 -35.22 62.89
N GLU C 28 8.34 -35.73 64.12
CA GLU C 28 7.07 -36.12 64.72
C GLU C 28 6.04 -35.00 64.57
N GLU C 29 6.36 -33.82 65.10
CA GLU C 29 5.46 -32.66 65.00
C GLU C 29 5.14 -32.32 63.53
N LYS C 30 6.10 -32.52 62.64
CA LYS C 30 5.89 -32.27 61.22
C LYS C 30 4.77 -33.17 60.70
N ILE C 31 4.88 -34.47 60.99
CA ILE C 31 3.88 -35.45 60.58
C ILE C 31 2.49 -34.96 60.97
N LYS C 32 2.35 -34.67 62.25
CA LYS C 32 1.11 -34.20 62.84
C LYS C 32 0.52 -33.02 62.10
N ALA C 33 1.39 -32.11 61.67
CA ALA C 33 0.93 -30.92 60.96
C ALA C 33 0.34 -31.31 59.60
N LEU C 34 1.15 -32.00 58.83
CA LEU C 34 0.77 -32.46 57.51
C LEU C 34 -0.52 -33.26 57.60
N VAL C 35 -0.67 -34.06 58.65
CA VAL C 35 -1.87 -34.87 58.85
C VAL C 35 -3.12 -34.00 58.85
N GLU C 36 -3.18 -33.06 59.78
CA GLU C 36 -4.30 -32.14 59.93
C GLU C 36 -4.59 -31.37 58.65
N ILE C 37 -3.52 -30.95 57.98
CA ILE C 37 -3.63 -30.19 56.75
C ILE C 37 -4.25 -31.01 55.62
N CYS C 38 -3.70 -32.19 55.38
CA CYS C 38 -4.21 -33.07 54.34
C CYS C 38 -5.58 -33.61 54.68
N THR C 39 -5.90 -33.72 55.96
CA THR C 39 -7.22 -34.19 56.36
C THR C 39 -8.27 -33.17 55.94
N GLU C 40 -7.91 -31.89 55.96
CA GLU C 40 -8.83 -30.82 55.57
C GLU C 40 -8.94 -30.77 54.05
N MET C 41 -7.80 -30.93 53.38
CA MET C 41 -7.75 -30.92 51.92
C MET C 41 -8.53 -32.08 51.31
N GLU C 42 -8.80 -33.07 52.17
CA GLU C 42 -9.51 -34.26 51.77
C GLU C 42 -10.99 -33.97 51.76
N LYS C 43 -11.45 -33.26 52.78
CA LYS C 43 -12.86 -32.92 52.85
C LYS C 43 -13.14 -32.00 51.68
N GLU C 44 -12.17 -31.13 51.38
CA GLU C 44 -12.31 -30.19 50.28
C GLU C 44 -12.03 -30.80 48.91
N GLY C 45 -12.29 -32.11 48.77
CA GLY C 45 -12.08 -32.84 47.52
C GLY C 45 -10.77 -32.62 46.80
N LYS C 46 -9.97 -31.71 47.34
CA LYS C 46 -8.71 -31.35 46.74
C LYS C 46 -7.83 -32.56 46.51
N ILE C 47 -7.96 -33.50 47.43
CA ILE C 47 -7.22 -34.76 47.42
C ILE C 47 -8.09 -35.90 47.96
N SER C 48 -7.69 -37.13 47.64
CA SER C 48 -8.43 -38.30 48.12
C SER C 48 -7.52 -39.51 48.20
N LYS C 49 -7.64 -40.27 49.28
CA LYS C 49 -6.82 -41.47 49.52
C LYS C 49 -6.62 -42.35 48.28
N ILE C 50 -5.42 -42.91 48.14
CA ILE C 50 -5.08 -43.74 46.99
C ILE C 50 -4.84 -45.19 47.38
N GLY C 51 -4.97 -46.09 46.41
CA GLY C 51 -4.75 -47.50 46.67
C GLY C 51 -3.31 -47.96 46.45
N PRO C 52 -2.91 -49.04 47.12
CA PRO C 52 -1.61 -49.70 47.12
C PRO C 52 -1.22 -50.30 45.77
N GLU C 53 -1.07 -49.45 44.78
CA GLU C 53 -0.69 -49.89 43.44
C GLU C 53 0.02 -48.72 42.76
N ASN C 54 -0.12 -47.55 43.37
CA ASN C 54 0.44 -46.33 42.87
C ASN C 54 1.91 -46.22 43.23
N PRO C 55 2.80 -46.62 42.31
CA PRO C 55 4.24 -46.58 42.50
C PRO C 55 4.75 -45.19 42.35
N TYR C 56 3.82 -44.28 42.14
CA TYR C 56 4.19 -42.90 41.97
C TYR C 56 4.29 -42.22 43.35
N ASN C 57 5.20 -41.23 43.43
CA ASN C 57 5.43 -40.43 44.64
C ASN C 57 6.20 -39.11 44.55
N THR C 58 5.69 -38.11 45.26
CA THR C 58 6.29 -36.78 45.35
C THR C 58 6.42 -36.47 46.85
N PRO C 59 7.56 -35.93 47.26
CA PRO C 59 7.90 -35.56 48.64
C PRO C 59 7.14 -34.38 49.22
N VAL C 60 6.94 -34.43 50.53
CA VAL C 60 6.24 -33.37 51.28
C VAL C 60 7.10 -33.03 52.49
N PHE C 61 7.25 -31.73 52.74
CA PHE C 61 8.03 -31.25 53.86
C PHE C 61 7.16 -30.43 54.78
N ALA C 62 7.72 -30.11 55.93
CA ALA C 62 7.07 -29.31 56.91
C ALA C 62 7.78 -27.98 56.93
N ILE C 63 6.98 -26.92 56.92
CA ILE C 63 7.47 -25.55 57.00
C ILE C 63 6.24 -24.67 56.98
N LYS C 64 5.91 -24.22 58.17
CA LYS C 64 4.73 -23.40 58.36
C LYS C 64 5.14 -22.01 58.86
N LYS C 65 6.24 -21.54 58.27
CA LYS C 65 6.83 -20.23 58.57
C LYS C 65 6.13 -19.05 57.87
N LYS C 66 5.09 -19.33 57.07
CA LYS C 66 4.33 -18.27 56.38
C LYS C 66 3.03 -17.96 57.23
N ASP C 67 2.28 -16.98 56.73
CA ASP C 67 1.06 -16.35 57.38
C ASP C 67 0.07 -17.31 58.10
N SER C 68 -0.15 -16.87 59.34
CA SER C 68 -0.92 -17.49 60.45
C SER C 68 -2.34 -17.98 60.16
N THR C 69 -2.90 -17.64 59.01
CA THR C 69 -4.26 -18.08 58.73
C THR C 69 -4.28 -19.25 57.76
N LYS C 70 -4.05 -19.06 56.47
CA LYS C 70 -3.97 -20.26 55.64
C LYS C 70 -2.49 -20.53 55.36
N TRP C 71 -1.83 -20.95 56.45
CA TRP C 71 -0.39 -21.33 56.49
C TRP C 71 -0.26 -22.76 55.95
N ARG C 72 0.55 -22.90 54.91
CA ARG C 72 0.63 -24.14 54.10
C ARG C 72 1.70 -25.19 54.49
N LYS C 73 1.33 -26.42 54.09
CA LYS C 73 2.14 -27.67 54.14
C LYS C 73 2.62 -27.87 52.70
N LEU C 74 3.86 -28.24 52.49
CA LEU C 74 4.42 -28.16 51.12
C LEU C 74 4.92 -29.48 50.50
N VAL C 75 4.85 -29.47 49.17
CA VAL C 75 5.30 -30.55 48.27
C VAL C 75 6.26 -30.00 47.24
N ASP C 76 7.12 -30.87 46.73
CA ASP C 76 8.11 -30.53 45.73
C ASP C 76 7.83 -31.38 44.50
N PHE C 77 7.19 -30.79 43.51
CA PHE C 77 6.87 -31.52 42.28
C PHE C 77 7.92 -31.22 41.23
N ARG C 78 9.05 -30.68 41.65
CA ARG C 78 10.12 -30.36 40.71
C ARG C 78 10.42 -31.55 39.83
N GLU C 79 10.56 -32.72 40.45
CA GLU C 79 10.85 -33.90 39.65
C GLU C 79 9.64 -34.25 38.77
N LEU C 80 8.43 -34.18 39.33
CA LEU C 80 7.21 -34.49 38.57
C LEU C 80 7.25 -33.55 37.39
N ASN C 81 7.43 -32.27 37.67
CA ASN C 81 7.50 -31.27 36.63
C ASN C 81 8.50 -31.69 35.57
N LYS C 82 9.71 -32.01 36.00
CA LYS C 82 10.79 -32.44 35.11
C LYS C 82 10.31 -33.48 34.07
N ARG C 83 9.19 -34.14 34.37
CA ARG C 83 8.63 -35.17 33.51
C ARG C 83 7.23 -34.72 33.03
N THR C 84 6.67 -33.75 33.71
CA THR C 84 5.35 -33.24 33.32
C THR C 84 5.37 -32.65 31.92
N GLN C 85 4.77 -33.34 30.96
CA GLN C 85 4.72 -32.90 29.56
C GLN C 85 4.75 -31.39 29.37
N ASP C 86 5.42 -30.98 28.29
CA ASP C 86 5.55 -29.58 27.93
C ASP C 86 4.25 -28.96 27.46
N PHE C 87 4.07 -27.68 27.76
CA PHE C 87 2.86 -26.96 27.36
C PHE C 87 3.20 -25.71 26.57
N TRP C 88 2.20 -25.22 25.82
CA TRP C 88 2.35 -23.96 25.09
C TRP C 88 1.69 -22.98 26.08
N GLU C 89 2.50 -22.20 26.76
CA GLU C 89 2.01 -21.30 27.80
C GLU C 89 0.97 -20.25 27.43
N VAL C 90 0.74 -20.06 26.13
CA VAL C 90 -0.25 -19.09 25.64
C VAL C 90 -0.23 -17.69 26.24
N GLN C 91 0.60 -16.81 25.68
CA GLN C 91 0.72 -15.41 26.14
C GLN C 91 1.70 -14.58 25.32
N LEU C 92 1.47 -13.28 25.28
CA LEU C 92 2.34 -12.38 24.53
C LEU C 92 2.94 -11.39 25.52
N GLY C 93 2.68 -11.62 26.81
CA GLY C 93 3.24 -10.78 27.85
C GLY C 93 2.27 -10.28 28.90
N ILE C 94 2.76 -9.46 29.83
CA ILE C 94 1.91 -8.91 30.88
C ILE C 94 1.32 -7.56 30.49
N PRO C 95 -0.02 -7.44 30.51
CA PRO C 95 -0.74 -6.21 30.18
C PRO C 95 -0.21 -5.00 30.94
N HIS C 96 -0.01 -3.92 30.20
CA HIS C 96 0.50 -2.66 30.74
C HIS C 96 -0.61 -1.61 30.71
N PRO C 97 -0.72 -0.80 31.79
CA PRO C 97 -1.73 0.26 31.97
C PRO C 97 -1.87 1.22 30.79
N ALA C 98 -0.78 1.41 30.05
CA ALA C 98 -0.79 2.31 28.89
C ALA C 98 -1.78 1.81 27.85
N GLY C 99 -2.17 0.54 27.98
CA GLY C 99 -3.12 -0.04 27.05
C GLY C 99 -4.53 -0.07 27.60
N LEU C 100 -4.72 0.50 28.78
CA LEU C 100 -6.04 0.55 29.37
C LEU C 100 -6.74 1.81 28.88
N LYS C 101 -8.02 1.67 28.50
CA LYS C 101 -8.77 2.83 28.04
C LYS C 101 -9.28 3.56 29.29
N LYS C 102 -9.66 4.82 29.14
CA LYS C 102 -10.17 5.59 30.28
C LYS C 102 -11.67 5.35 30.40
N LYS C 103 -12.05 4.53 31.37
CA LYS C 103 -13.44 4.22 31.58
C LYS C 103 -14.01 5.06 32.71
N LYS C 104 -15.27 4.81 33.06
CA LYS C 104 -15.95 5.55 34.10
C LYS C 104 -15.89 4.78 35.42
N SER C 105 -16.37 3.54 35.41
CA SER C 105 -16.39 2.71 36.61
C SER C 105 -15.48 1.50 36.49
N VAL C 106 -14.51 1.39 37.40
CA VAL C 106 -13.53 0.29 37.40
C VAL C 106 -13.68 -0.62 38.62
N THR C 107 -13.28 -1.87 38.48
CA THR C 107 -13.39 -2.84 39.55
C THR C 107 -12.34 -3.92 39.33
N VAL C 108 -11.67 -4.34 40.41
CA VAL C 108 -10.67 -5.39 40.30
C VAL C 108 -10.91 -6.53 41.30
N LEU C 109 -11.62 -7.54 40.80
CA LEU C 109 -11.97 -8.73 41.59
C LEU C 109 -10.86 -9.74 41.48
N ASP C 110 -10.75 -10.59 42.49
CA ASP C 110 -9.74 -11.63 42.51
C ASP C 110 -10.31 -13.01 42.84
N VAL C 111 -9.46 -14.03 42.83
CA VAL C 111 -9.96 -15.36 43.12
C VAL C 111 -9.10 -16.21 44.03
N GLY C 112 -9.64 -16.45 45.22
CA GLY C 112 -8.97 -17.27 46.23
C GLY C 112 -8.96 -18.72 45.79
N ASP C 113 -7.97 -19.46 46.29
CA ASP C 113 -7.81 -20.88 46.00
C ASP C 113 -8.06 -21.22 44.51
N ALA C 114 -7.46 -20.44 43.62
CA ALA C 114 -7.64 -20.67 42.18
C ALA C 114 -7.29 -22.09 41.78
N TYR C 115 -6.00 -22.39 41.80
CA TYR C 115 -5.50 -23.71 41.46
C TYR C 115 -6.23 -24.80 42.27
N PHE C 116 -6.72 -24.42 43.44
CA PHE C 116 -7.47 -25.33 44.33
C PHE C 116 -8.96 -25.43 43.99
N SER C 117 -9.33 -25.10 42.75
CA SER C 117 -10.75 -25.13 42.36
C SER C 117 -10.96 -25.82 41.02
N VAL C 118 -9.96 -25.75 40.16
CA VAL C 118 -10.02 -26.40 38.85
C VAL C 118 -9.59 -27.85 38.96
N PRO C 119 -10.47 -28.79 38.63
CA PRO C 119 -10.11 -30.21 38.72
C PRO C 119 -8.99 -30.59 37.81
N LEU C 120 -8.05 -31.40 38.32
CA LEU C 120 -6.91 -31.88 37.51
C LEU C 120 -7.32 -33.12 36.75
N ASP C 121 -6.73 -33.32 35.59
CA ASP C 121 -7.05 -34.46 34.75
C ASP C 121 -7.09 -35.69 35.63
N GLU C 122 -8.33 -36.11 35.92
CA GLU C 122 -8.65 -37.24 36.77
C GLU C 122 -7.76 -38.36 36.40
N ASP C 123 -7.59 -38.53 35.09
CA ASP C 123 -6.77 -39.57 34.54
C ASP C 123 -5.32 -39.38 34.91
N PHE C 124 -4.85 -38.13 35.03
CA PHE C 124 -3.45 -37.77 35.39
C PHE C 124 -3.14 -37.85 36.92
N ARG C 125 -4.09 -37.43 37.75
CA ARG C 125 -4.01 -37.42 39.23
C ARG C 125 -3.07 -38.44 39.93
N LYS C 126 -3.02 -39.67 39.43
CA LYS C 126 -2.19 -40.74 39.99
C LYS C 126 -0.71 -40.40 40.00
N TYR C 127 -0.38 -39.13 39.81
CA TYR C 127 1.00 -38.71 39.79
C TYR C 127 1.26 -37.65 40.83
N THR C 128 0.23 -37.21 41.52
CA THR C 128 0.42 -36.19 42.53
C THR C 128 0.60 -36.90 43.87
N ALA C 129 0.90 -38.19 43.80
CA ALA C 129 1.04 -39.03 44.98
C ALA C 129 2.03 -38.62 46.05
N PHE C 130 1.53 -37.96 47.09
CA PHE C 130 2.39 -37.57 48.19
C PHE C 130 2.10 -38.44 49.39
N THR C 131 3.14 -39.06 49.94
CA THR C 131 2.98 -39.91 51.13
C THR C 131 3.31 -39.08 52.33
N ILE C 132 2.34 -38.80 53.20
CA ILE C 132 2.67 -38.04 54.41
C ILE C 132 3.36 -39.07 55.33
N PRO C 133 4.70 -39.00 55.44
CA PRO C 133 5.43 -39.96 56.30
C PRO C 133 4.71 -40.20 57.61
N SER C 134 4.52 -41.47 57.93
CA SER C 134 3.88 -41.86 59.17
C SER C 134 4.92 -41.81 60.28
N ILE C 135 4.46 -41.83 61.53
CA ILE C 135 5.36 -41.82 62.68
C ILE C 135 6.24 -43.08 62.64
N ASN C 136 7.43 -43.02 63.23
CA ASN C 136 8.36 -44.15 63.26
C ASN C 136 7.64 -45.49 63.50
N ASN C 137 6.86 -45.53 64.58
CA ASN C 137 6.07 -46.69 65.02
C ASN C 137 5.25 -47.38 63.91
N GLU C 138 4.27 -46.68 63.33
CA GLU C 138 3.42 -47.21 62.26
C GLU C 138 4.23 -47.44 60.98
N THR C 139 4.37 -48.70 60.59
CA THR C 139 5.12 -49.04 59.38
C THR C 139 4.51 -48.53 58.05
N PRO C 140 3.20 -48.68 57.85
CA PRO C 140 2.68 -48.16 56.57
C PRO C 140 2.28 -46.69 56.72
N GLY C 141 2.63 -45.86 55.73
CA GLY C 141 2.31 -44.44 55.77
C GLY C 141 0.99 -44.01 55.16
N ILE C 142 0.69 -42.71 55.20
CA ILE C 142 -0.58 -42.20 54.66
C ILE C 142 -0.51 -41.58 53.23
N ARG C 143 -1.18 -42.24 52.29
CA ARG C 143 -1.16 -41.78 50.92
C ARG C 143 -2.33 -40.91 50.48
N TYR C 144 -2.00 -39.95 49.63
CA TYR C 144 -2.95 -39.02 49.07
C TYR C 144 -2.53 -38.66 47.65
N GLN C 145 -3.52 -38.32 46.83
CA GLN C 145 -3.26 -37.85 45.47
C GLN C 145 -4.17 -36.63 45.28
N TYR C 146 -3.60 -35.59 44.66
CA TYR C 146 -4.31 -34.35 44.36
C TYR C 146 -5.36 -34.56 43.28
N ASN C 147 -6.44 -33.80 43.34
CA ASN C 147 -7.51 -33.90 42.35
C ASN C 147 -7.68 -32.61 41.59
N VAL C 148 -7.15 -31.53 42.15
CA VAL C 148 -7.20 -30.24 41.50
C VAL C 148 -5.78 -30.00 41.01
N LEU C 149 -5.46 -28.76 40.69
CA LEU C 149 -4.13 -28.41 40.21
C LEU C 149 -3.25 -28.04 41.36
N PRO C 150 -2.26 -28.89 41.66
CA PRO C 150 -1.33 -28.61 42.78
C PRO C 150 -0.42 -27.41 42.42
N GLN C 151 -0.30 -26.44 43.33
CA GLN C 151 0.58 -25.29 43.08
C GLN C 151 1.96 -25.90 43.00
N GLY C 152 2.80 -25.37 42.14
CA GLY C 152 4.14 -25.90 42.02
C GLY C 152 4.30 -26.80 40.82
N TRP C 153 3.20 -27.34 40.33
CA TRP C 153 3.20 -28.19 39.14
C TRP C 153 3.37 -27.21 37.95
N LYS C 154 4.11 -27.60 36.92
CA LYS C 154 4.36 -26.67 35.83
C LYS C 154 3.16 -26.16 35.11
N GLY C 155 2.28 -27.07 34.73
CA GLY C 155 1.10 -26.66 34.00
C GLY C 155 -0.08 -26.16 34.79
N SER C 156 0.11 -25.88 36.07
CA SER C 156 -0.99 -25.42 36.88
C SER C 156 -1.54 -24.02 36.53
N PRO C 157 -0.64 -23.04 36.33
CA PRO C 157 -1.06 -21.66 35.99
C PRO C 157 -1.53 -21.56 34.52
N ALA C 158 -1.12 -22.53 33.70
CA ALA C 158 -1.54 -22.59 32.31
C ALA C 158 -2.98 -23.11 32.32
N ILE C 159 -3.13 -24.41 32.54
CA ILE C 159 -4.42 -25.07 32.57
C ILE C 159 -5.45 -24.21 33.30
N PHE C 160 -5.00 -23.47 34.31
CA PHE C 160 -5.93 -22.62 35.02
C PHE C 160 -6.45 -21.57 34.09
N GLN C 161 -5.54 -20.88 33.42
CA GLN C 161 -5.90 -19.80 32.50
C GLN C 161 -6.93 -20.35 31.55
N SER C 162 -6.44 -21.26 30.71
CA SER C 162 -7.29 -21.87 29.71
C SER C 162 -8.71 -22.14 30.23
N SER C 163 -8.79 -22.48 31.52
CA SER C 163 -10.04 -22.75 32.24
C SER C 163 -10.75 -21.47 32.63
N MET C 164 -10.06 -20.59 33.37
CA MET C 164 -10.66 -19.30 33.81
C MET C 164 -11.14 -18.47 32.64
N THR C 165 -10.43 -18.53 31.51
CA THR C 165 -10.80 -17.78 30.32
C THR C 165 -12.11 -18.30 29.77
N LYS C 166 -12.29 -19.62 29.82
CA LYS C 166 -13.49 -20.26 29.31
C LYS C 166 -14.68 -19.79 30.11
N ILE C 167 -14.55 -19.88 31.42
CA ILE C 167 -15.63 -19.48 32.27
C ILE C 167 -16.03 -18.05 31.98
N LEU C 168 -15.09 -17.32 31.37
CA LEU C 168 -15.30 -15.91 31.05
C LEU C 168 -15.98 -15.60 29.71
N GLU C 169 -15.67 -16.38 28.67
CA GLU C 169 -16.24 -16.20 27.32
C GLU C 169 -17.76 -16.04 27.29
N PRO C 170 -18.50 -17.00 27.88
CA PRO C 170 -19.95 -17.01 27.93
C PRO C 170 -20.56 -15.77 28.56
N PHE C 171 -19.83 -15.18 29.53
CA PHE C 171 -20.27 -13.96 30.20
C PHE C 171 -19.90 -12.80 29.29
N LYS C 172 -18.77 -12.91 28.60
CA LYS C 172 -18.31 -11.86 27.69
C LYS C 172 -19.16 -11.68 26.42
N LYS C 173 -19.44 -12.78 25.72
CA LYS C 173 -20.23 -12.73 24.49
C LYS C 173 -21.62 -12.14 24.78
N GLN C 174 -22.03 -12.22 26.03
CA GLN C 174 -23.35 -11.70 26.37
C GLN C 174 -23.41 -10.24 26.74
N ASN C 175 -22.28 -9.53 26.63
CA ASN C 175 -22.24 -8.10 26.94
C ASN C 175 -20.89 -7.40 26.62
N PRO C 176 -20.44 -7.43 25.34
CA PRO C 176 -19.17 -6.81 24.90
C PRO C 176 -18.78 -5.39 25.37
N ASP C 177 -19.58 -4.76 26.22
CA ASP C 177 -19.27 -3.41 26.69
C ASP C 177 -18.42 -3.38 27.97
N ILE C 178 -18.46 -4.46 28.75
CA ILE C 178 -17.67 -4.50 29.97
C ILE C 178 -16.32 -5.14 29.69
N VAL C 179 -15.26 -4.38 29.96
CA VAL C 179 -13.91 -4.87 29.76
C VAL C 179 -13.55 -5.77 30.94
N ILE C 180 -12.96 -6.91 30.62
CA ILE C 180 -12.52 -7.86 31.63
C ILE C 180 -11.10 -8.26 31.27
N TYR C 181 -10.14 -7.64 31.94
CA TYR C 181 -8.72 -7.96 31.72
C TYR C 181 -8.33 -9.03 32.72
N GLN C 182 -7.97 -10.19 32.22
CA GLN C 182 -7.64 -11.29 33.12
C GLN C 182 -6.18 -11.64 33.17
N TYR C 183 -5.73 -11.96 34.38
CA TYR C 183 -4.36 -12.40 34.63
C TYR C 183 -4.35 -13.34 35.82
N MET C 184 -4.35 -14.64 35.55
CA MET C 184 -4.32 -15.66 36.60
C MET C 184 -5.52 -15.55 37.53
N ASP C 185 -5.32 -14.94 38.68
CA ASP C 185 -6.41 -14.79 39.63
C ASP C 185 -6.75 -13.32 40.01
N ASP C 186 -6.47 -12.47 39.04
CA ASP C 186 -6.75 -11.06 39.17
C ASP C 186 -7.67 -10.71 38.00
N LEU C 187 -8.94 -10.52 38.30
CA LEU C 187 -9.92 -10.16 37.29
C LEU C 187 -10.17 -8.69 37.39
N TYR C 188 -9.88 -7.98 36.31
CA TYR C 188 -10.11 -6.54 36.23
C TYR C 188 -11.28 -6.33 35.30
N VAL C 189 -12.23 -5.53 35.76
CA VAL C 189 -13.43 -5.21 34.98
C VAL C 189 -13.81 -3.76 35.17
N GLY C 190 -14.28 -3.17 34.08
CA GLY C 190 -14.70 -1.79 34.05
C GLY C 190 -15.47 -1.54 32.77
N SER C 191 -16.40 -0.59 32.84
CA SER C 191 -17.23 -0.20 31.71
C SER C 191 -17.87 1.15 31.96
N ASP C 192 -18.51 1.69 30.92
CA ASP C 192 -19.16 3.01 30.94
C ASP C 192 -20.42 3.08 31.82
N LEU C 193 -20.71 1.97 32.50
CA LEU C 193 -21.87 1.84 33.37
C LEU C 193 -21.72 2.71 34.63
N GLU C 194 -22.84 3.23 35.13
CA GLU C 194 -22.84 4.06 36.34
C GLU C 194 -22.28 3.23 37.48
N ILE C 195 -21.59 3.88 38.42
CA ILE C 195 -20.99 3.16 39.56
C ILE C 195 -21.94 2.13 40.17
N GLY C 196 -23.24 2.43 40.14
CA GLY C 196 -24.24 1.52 40.65
C GLY C 196 -24.52 0.44 39.62
N GLN C 197 -25.06 0.88 38.47
CA GLN C 197 -25.37 0.00 37.36
C GLN C 197 -24.17 -0.92 37.06
N HIS C 198 -22.98 -0.46 37.43
CA HIS C 198 -21.75 -1.22 37.21
C HIS C 198 -21.70 -2.43 38.13
N ARG C 199 -22.01 -2.22 39.41
CA ARG C 199 -21.97 -3.31 40.39
C ARG C 199 -23.11 -4.28 40.09
N THR C 200 -24.20 -3.75 39.54
CA THR C 200 -25.35 -4.57 39.18
C THR C 200 -24.93 -5.47 38.02
N LYS C 201 -23.72 -5.22 37.51
CA LYS C 201 -23.11 -6.00 36.43
C LYS C 201 -22.02 -6.86 37.02
N ILE C 202 -21.40 -6.39 38.10
CA ILE C 202 -20.36 -7.17 38.75
C ILE C 202 -21.06 -8.42 39.29
N GLU C 203 -22.20 -8.17 39.95
CA GLU C 203 -23.05 -9.21 40.53
C GLU C 203 -23.15 -10.41 39.60
N GLU C 204 -23.43 -10.10 38.34
CA GLU C 204 -23.57 -11.09 37.29
C GLU C 204 -22.28 -11.86 37.05
N LEU C 205 -21.17 -11.13 36.85
CA LEU C 205 -19.88 -11.78 36.62
C LEU C 205 -19.40 -12.44 37.90
N ARG C 206 -19.73 -11.84 39.04
CA ARG C 206 -19.33 -12.38 40.34
C ARG C 206 -20.12 -13.66 40.62
N GLN C 207 -21.26 -13.82 39.97
CA GLN C 207 -22.05 -15.04 40.14
C GLN C 207 -21.47 -16.12 39.22
N HIS C 208 -21.36 -15.78 37.94
CA HIS C 208 -20.86 -16.66 36.90
C HIS C 208 -19.65 -17.49 37.40
N LEU C 209 -18.64 -16.80 37.91
CA LEU C 209 -17.44 -17.44 38.42
C LEU C 209 -17.74 -18.41 39.57
N LEU C 210 -18.60 -18.00 40.50
CA LEU C 210 -18.95 -18.88 41.62
C LEU C 210 -19.78 -20.08 41.15
N ARG C 211 -20.61 -19.87 40.14
CA ARG C 211 -21.41 -20.99 39.62
C ARG C 211 -20.43 -22.05 39.11
N TRP C 212 -19.35 -21.59 38.49
CA TRP C 212 -18.32 -22.47 37.99
C TRP C 212 -17.36 -22.86 39.10
N GLY C 213 -17.44 -22.13 40.21
CA GLY C 213 -16.62 -22.46 41.35
C GLY C 213 -15.49 -21.52 41.62
N LEU C 214 -15.77 -20.22 41.61
CA LEU C 214 -14.71 -19.26 41.90
C LEU C 214 -15.07 -18.23 42.99
N THR C 215 -14.45 -18.42 44.16
CA THR C 215 -14.67 -17.52 45.30
C THR C 215 -14.10 -16.14 45.01
N THR C 216 -14.96 -15.15 45.17
CA THR C 216 -14.57 -13.77 44.96
C THR C 216 -15.08 -13.00 46.15
N PRO C 217 -14.28 -12.95 47.22
CA PRO C 217 -14.59 -12.26 48.47
C PRO C 217 -14.36 -10.76 48.40
N ASP C 218 -14.38 -10.15 49.58
CA ASP C 218 -14.18 -8.72 49.69
C ASP C 218 -12.69 -8.44 49.88
N LYS C 219 -11.86 -9.45 49.65
CA LYS C 219 -10.41 -9.27 49.74
C LYS C 219 -9.96 -8.73 48.38
N LYS C 220 -10.93 -8.12 47.68
CA LYS C 220 -10.78 -7.50 46.36
C LYS C 220 -10.63 -5.97 46.49
N HIS C 221 -10.47 -5.29 45.35
CA HIS C 221 -10.32 -3.84 45.36
C HIS C 221 -11.66 -3.14 45.57
N GLN C 222 -11.85 -2.60 46.77
CA GLN C 222 -13.09 -1.93 47.15
C GLN C 222 -13.17 -0.46 46.74
N LYS C 223 -12.12 0.30 47.07
CA LYS C 223 -12.09 1.72 46.75
C LYS C 223 -11.94 1.96 45.27
N GLU C 224 -12.88 2.71 44.71
CA GLU C 224 -12.84 3.02 43.29
C GLU C 224 -11.55 3.72 42.93
N PRO C 225 -11.19 4.80 43.66
CA PRO C 225 -9.94 5.48 43.32
C PRO C 225 -8.71 4.55 43.25
N PRO C 226 -8.43 3.77 44.31
CA PRO C 226 -7.26 2.90 44.23
C PRO C 226 -7.57 1.50 43.66
N PHE C 227 -6.77 1.08 42.68
CA PHE C 227 -6.94 -0.25 42.07
C PHE C 227 -5.54 -0.86 41.84
N LEU C 228 -4.99 -1.47 42.89
CA LEU C 228 -3.65 -2.08 42.85
C LEU C 228 -3.47 -3.27 41.88
N TRP C 229 -3.83 -3.07 40.62
CA TRP C 229 -3.71 -4.13 39.63
C TRP C 229 -2.31 -4.23 39.00
N MET C 230 -1.85 -5.48 38.94
CA MET C 230 -0.56 -5.89 38.33
C MET C 230 0.61 -4.99 38.76
N GLY C 231 0.68 -4.72 40.06
CA GLY C 231 1.75 -3.89 40.63
C GLY C 231 1.42 -2.41 40.49
N TYR C 232 0.67 -2.08 39.44
CA TYR C 232 0.27 -0.70 39.18
C TYR C 232 -0.93 -0.23 40.00
N GLU C 233 -0.93 1.05 40.32
CA GLU C 233 -2.03 1.63 41.07
C GLU C 233 -2.85 2.37 40.04
N LEU C 234 -4.02 1.84 39.76
CA LEU C 234 -4.90 2.46 38.79
C LEU C 234 -5.77 3.50 39.50
N HIS C 235 -5.56 4.77 39.12
CA HIS C 235 -6.27 5.92 39.68
C HIS C 235 -7.19 6.49 38.62
N PRO C 236 -8.21 7.28 39.03
CA PRO C 236 -9.16 7.88 38.09
C PRO C 236 -8.58 8.33 36.75
N ASP C 237 -7.37 8.88 36.79
CA ASP C 237 -6.75 9.34 35.55
C ASP C 237 -5.25 9.17 35.45
N LYS C 238 -4.70 8.21 36.20
CA LYS C 238 -3.25 7.99 36.18
C LYS C 238 -2.91 6.59 36.64
N TRP C 239 -1.71 6.13 36.26
CA TRP C 239 -1.24 4.83 36.70
C TRP C 239 0.15 5.00 37.30
N THR C 240 0.33 4.44 38.50
CA THR C 240 1.58 4.58 39.24
C THR C 240 2.06 3.30 39.95
N VAL C 241 3.21 3.41 40.63
CA VAL C 241 3.80 2.32 41.42
C VAL C 241 4.73 2.97 42.46
N GLN C 242 4.16 3.48 43.56
CA GLN C 242 4.91 4.15 44.63
C GLN C 242 6.17 3.39 45.02
N PRO C 243 6.05 2.06 45.21
CA PRO C 243 7.21 1.26 45.59
C PRO C 243 8.32 1.18 44.54
N ILE C 244 9.14 2.22 44.51
CA ILE C 244 10.28 2.31 43.63
C ILE C 244 11.47 1.87 44.50
N VAL C 245 11.15 1.66 45.79
CA VAL C 245 12.05 1.23 46.88
C VAL C 245 13.35 0.53 46.46
N LEU C 246 14.41 1.33 46.35
CA LEU C 246 15.71 0.85 45.91
C LEU C 246 16.59 0.22 47.00
N PRO C 247 17.53 -0.65 46.59
CA PRO C 247 18.46 -1.31 47.53
C PRO C 247 19.43 -0.23 48.01
N GLU C 248 19.02 0.45 49.08
CA GLU C 248 19.74 1.56 49.71
C GLU C 248 21.28 1.57 49.64
N LYS C 249 21.93 0.98 50.64
CA LYS C 249 23.39 0.95 50.70
C LYS C 249 23.94 -0.42 50.36
N ASP C 250 23.07 -1.44 50.48
CA ASP C 250 23.42 -2.83 50.24
C ASP C 250 24.08 -3.10 48.89
N SER C 251 24.34 -2.04 48.13
CA SER C 251 25.02 -2.17 46.83
C SER C 251 26.45 -2.68 47.12
N TRP C 252 26.65 -3.17 48.35
CA TRP C 252 27.89 -3.70 48.87
C TRP C 252 28.31 -4.97 48.18
N THR C 253 27.39 -5.61 47.46
CA THR C 253 27.69 -6.87 46.79
C THR C 253 27.27 -6.84 45.34
N VAL C 254 28.06 -7.52 44.50
CA VAL C 254 27.79 -7.61 43.07
C VAL C 254 26.36 -8.10 42.83
N ASN C 255 25.90 -8.97 43.72
CA ASN C 255 24.56 -9.54 43.63
C ASN C 255 23.53 -8.43 43.75
N ASP C 256 23.84 -7.44 44.58
CA ASP C 256 22.97 -6.29 44.78
C ASP C 256 23.08 -5.29 43.65
N ILE C 257 24.15 -5.44 42.87
CA ILE C 257 24.36 -4.60 41.70
C ILE C 257 23.33 -5.13 40.70
N GLN C 258 23.12 -6.44 40.73
CA GLN C 258 22.14 -7.10 39.87
C GLN C 258 20.77 -6.46 40.13
N LYS C 259 20.30 -6.66 41.36
CA LYS C 259 19.02 -6.15 41.84
C LYS C 259 18.88 -4.66 41.53
N LEU C 260 19.98 -3.93 41.73
CA LEU C 260 20.02 -2.49 41.47
C LEU C 260 19.78 -2.21 40.00
N VAL C 261 20.62 -2.81 39.16
CA VAL C 261 20.54 -2.67 37.71
C VAL C 261 19.13 -2.96 37.22
N GLY C 262 18.63 -4.15 37.58
CA GLY C 262 17.30 -4.56 37.17
C GLY C 262 16.17 -3.71 37.71
N LYS C 263 16.35 -3.21 38.93
CA LYS C 263 15.33 -2.38 39.55
C LYS C 263 15.11 -1.12 38.71
N LEU C 264 16.18 -0.64 38.08
CA LEU C 264 16.12 0.56 37.25
C LEU C 264 15.22 0.36 36.04
N ASN C 265 15.41 -0.78 35.36
CA ASN C 265 14.68 -1.15 34.15
C ASN C 265 13.18 -0.98 34.39
N TRP C 266 12.65 -1.65 35.41
CA TRP C 266 11.24 -1.58 35.74
C TRP C 266 10.81 -0.15 35.92
N ALA C 267 11.59 0.58 36.71
CA ALA C 267 11.35 1.99 37.01
C ALA C 267 11.21 2.82 35.73
N SER C 268 12.00 2.44 34.73
CA SER C 268 12.01 3.11 33.44
C SER C 268 10.65 3.29 32.77
N GLN C 269 9.67 2.50 33.17
CA GLN C 269 8.32 2.55 32.60
C GLN C 269 7.63 3.93 32.68
N ILE C 270 7.55 4.49 33.89
CA ILE C 270 6.94 5.80 34.05
C ILE C 270 8.12 6.75 34.03
N TYR C 271 9.18 6.33 34.72
CA TYR C 271 10.41 7.12 34.86
C TYR C 271 11.12 7.47 33.57
N PRO C 272 11.21 8.78 33.27
CA PRO C 272 11.86 9.30 32.07
C PRO C 272 13.30 8.86 31.99
N GLY C 273 13.78 8.75 30.77
CA GLY C 273 15.15 8.35 30.49
C GLY C 273 16.15 7.99 31.58
N ILE C 274 16.57 6.74 31.56
CA ILE C 274 17.55 6.22 32.52
C ILE C 274 18.41 5.21 31.79
N LYS C 275 19.71 5.41 31.89
CA LYS C 275 20.64 4.51 31.24
C LYS C 275 21.23 3.63 32.33
N VAL C 276 21.88 2.53 31.95
CA VAL C 276 22.48 1.64 32.95
C VAL C 276 23.83 1.03 32.49
N ARG C 277 24.20 1.26 31.23
CA ARG C 277 25.45 0.74 30.64
C ARG C 277 26.69 0.74 31.52
N GLN C 278 26.81 1.79 32.33
CA GLN C 278 27.91 1.96 33.26
C GLN C 278 27.81 0.83 34.30
N LEU C 279 26.68 0.79 35.01
CA LEU C 279 26.43 -0.25 36.00
C LEU C 279 26.49 -1.60 35.32
N SER C 280 25.75 -1.76 34.21
CA SER C 280 25.70 -3.02 33.46
C SER C 280 27.06 -3.60 33.08
N LYS C 281 28.04 -2.73 32.91
CA LYS C 281 29.38 -3.19 32.55
C LYS C 281 30.10 -3.68 33.81
N LEU C 282 29.66 -3.21 34.96
CA LEU C 282 30.29 -3.62 36.21
C LEU C 282 29.94 -5.08 36.51
N LEU C 283 28.80 -5.54 36.01
CA LEU C 283 28.36 -6.92 36.21
C LEU C 283 29.05 -7.90 35.26
N ARG C 284 29.37 -7.41 34.06
CA ARG C 284 30.04 -8.17 33.00
C ARG C 284 30.96 -9.30 33.46
N GLY C 285 32.09 -8.92 34.06
CA GLY C 285 33.09 -9.88 34.50
C GLY C 285 32.73 -10.86 35.61
N THR C 286 31.81 -10.47 36.49
CA THR C 286 31.41 -11.31 37.63
C THR C 286 30.88 -12.72 37.34
N LYS C 287 31.18 -13.63 38.26
CA LYS C 287 30.73 -15.02 38.24
C LYS C 287 30.72 -15.56 39.67
N ALA C 288 31.10 -14.69 40.60
CA ALA C 288 31.16 -15.02 42.01
C ALA C 288 29.88 -14.60 42.72
N LEU C 289 29.26 -15.56 43.41
CA LEU C 289 28.05 -15.26 44.17
C LEU C 289 28.47 -14.82 45.57
N THR C 290 27.98 -13.65 45.97
CA THR C 290 28.24 -13.04 47.30
C THR C 290 29.44 -12.07 47.39
N GLU C 291 30.10 -11.79 46.26
CA GLU C 291 31.28 -10.91 46.22
C GLU C 291 30.95 -9.47 45.71
N VAL C 292 31.96 -8.60 45.70
CA VAL C 292 31.79 -7.22 45.25
C VAL C 292 32.76 -6.80 44.15
N ILE C 293 32.34 -5.80 43.38
CA ILE C 293 33.11 -5.23 42.26
C ILE C 293 33.54 -3.81 42.65
N PRO C 294 34.82 -3.45 42.39
CA PRO C 294 35.29 -2.10 42.72
C PRO C 294 34.68 -1.06 41.79
N LEU C 295 33.37 -0.86 41.93
CA LEU C 295 32.56 0.06 41.14
C LEU C 295 33.37 1.06 40.32
N THR C 296 33.20 1.02 39.00
CA THR C 296 33.92 1.95 38.13
C THR C 296 33.26 3.33 38.24
N GLU C 297 34.08 4.34 38.55
CA GLU C 297 33.65 5.73 38.71
C GLU C 297 32.55 6.16 37.75
N GLU C 298 32.67 5.74 36.49
CA GLU C 298 31.70 6.05 35.44
C GLU C 298 30.28 5.80 35.98
N ALA C 299 30.14 4.72 36.75
CA ALA C 299 28.86 4.33 37.34
C ALA C 299 28.43 5.17 38.56
N GLU C 300 29.38 5.75 39.29
CA GLU C 300 29.05 6.55 40.48
C GLU C 300 28.20 7.78 40.15
N LEU C 301 28.48 8.41 39.01
CA LEU C 301 27.73 9.59 38.59
C LEU C 301 26.43 9.10 37.98
N GLU C 302 26.53 8.10 37.12
CA GLU C 302 25.38 7.52 36.45
C GLU C 302 24.32 7.15 37.49
N LEU C 303 24.78 6.56 38.59
CA LEU C 303 23.92 6.17 39.68
C LEU C 303 23.35 7.45 40.32
N ALA C 304 24.19 8.48 40.37
CA ALA C 304 23.82 9.78 40.94
C ALA C 304 22.78 10.50 40.09
N GLU C 305 22.92 10.42 38.76
CA GLU C 305 21.98 11.06 37.86
C GLU C 305 20.64 10.30 37.92
N ASN C 306 20.72 9.00 37.68
CA ASN C 306 19.58 8.10 37.68
C ASN C 306 18.70 8.21 38.93
N ARG C 307 19.35 8.22 40.09
CA ARG C 307 18.68 8.30 41.37
C ARG C 307 17.84 9.57 41.44
N GLU C 308 18.36 10.64 40.86
CA GLU C 308 17.66 11.93 40.84
C GLU C 308 16.38 11.79 40.01
N ILE C 309 16.37 10.78 39.14
CA ILE C 309 15.24 10.50 38.27
C ILE C 309 14.32 9.51 38.96
N LEU C 310 14.84 8.87 40.00
CA LEU C 310 14.08 7.91 40.78
C LEU C 310 13.29 8.55 41.92
N LYS C 311 13.81 9.66 42.45
CA LYS C 311 13.14 10.35 43.53
C LYS C 311 11.86 11.02 43.04
N GLU C 312 12.02 12.00 42.16
CA GLU C 312 10.89 12.76 41.62
C GLU C 312 9.71 11.88 41.20
N PRO C 313 8.49 12.19 41.71
CA PRO C 313 7.28 11.44 41.39
C PRO C 313 6.75 11.86 40.03
N VAL C 314 6.15 10.89 39.33
CA VAL C 314 5.60 11.10 37.98
C VAL C 314 4.40 10.18 37.76
N HIS C 315 3.81 10.26 36.57
CA HIS C 315 2.68 9.42 36.24
C HIS C 315 2.50 9.21 34.74
N GLY C 316 1.91 8.07 34.39
CA GLY C 316 1.60 7.73 33.01
C GLY C 316 0.08 7.90 32.91
N VAL C 317 -0.39 8.48 31.81
CA VAL C 317 -1.83 8.73 31.59
C VAL C 317 -2.41 7.62 30.71
N TYR C 318 -3.71 7.38 30.86
CA TYR C 318 -4.38 6.33 30.09
C TYR C 318 -4.41 6.63 28.58
N TYR C 319 -4.65 5.61 27.76
CA TYR C 319 -4.68 5.78 26.29
C TYR C 319 -6.06 5.79 25.65
N ASP C 320 -6.33 6.79 24.82
CA ASP C 320 -7.61 6.85 24.13
C ASP C 320 -7.47 6.84 22.60
N PRO C 321 -7.98 5.78 21.96
CA PRO C 321 -7.93 5.60 20.51
C PRO C 321 -8.89 6.60 19.87
N SER C 322 -8.36 7.77 19.59
CA SER C 322 -9.10 8.87 19.00
C SER C 322 -7.96 9.80 18.62
N LYS C 323 -7.24 10.13 19.68
CA LYS C 323 -5.97 10.87 19.62
C LYS C 323 -4.91 9.78 19.47
N ASP C 324 -3.94 10.00 18.60
CA ASP C 324 -2.94 8.94 18.31
C ASP C 324 -1.64 9.07 19.13
N LEU C 325 -0.84 8.01 18.97
CA LEU C 325 0.44 7.83 19.69
C LEU C 325 1.65 8.34 18.91
N ILE C 326 2.50 9.07 19.62
CA ILE C 326 3.72 9.60 19.06
C ILE C 326 4.84 8.98 19.86
N ALA C 327 5.90 8.59 19.17
CA ALA C 327 7.07 7.99 19.80
C ALA C 327 8.23 8.92 19.54
N GLU C 328 8.67 9.56 20.61
CA GLU C 328 9.78 10.50 20.59
C GLU C 328 11.03 9.76 21.04
N ILE C 329 12.12 9.97 20.34
CA ILE C 329 13.34 9.30 20.72
C ILE C 329 14.42 10.30 21.15
N GLN C 330 15.31 9.83 22.01
CA GLN C 330 16.40 10.66 22.51
C GLN C 330 17.65 9.80 22.73
N LYS C 331 18.81 10.41 22.51
CA LYS C 331 20.08 9.73 22.72
C LYS C 331 20.90 10.62 23.67
N GLN C 332 21.52 9.98 24.67
CA GLN C 332 22.33 10.68 25.65
C GLN C 332 23.43 9.78 26.17
N GLY C 333 23.47 8.54 25.68
CA GLY C 333 24.50 7.61 26.09
C GLY C 333 25.43 7.45 24.90
N GLN C 334 26.57 6.79 25.08
CA GLN C 334 27.52 6.62 23.99
C GLN C 334 26.92 5.74 22.88
N GLY C 335 25.69 5.29 23.08
CA GLY C 335 24.99 4.48 22.10
C GLY C 335 23.65 4.10 22.70
N GLN C 336 23.23 4.87 23.69
CA GLN C 336 21.97 4.58 24.37
C GLN C 336 20.86 5.60 24.05
N TRP C 337 19.65 5.09 23.89
CA TRP C 337 18.51 5.94 23.57
C TRP C 337 17.28 5.76 24.45
N THR C 338 16.44 6.78 24.42
CA THR C 338 15.18 6.77 25.18
C THR C 338 14.03 7.08 24.25
N TYR C 339 12.84 6.66 24.65
CA TYR C 339 11.67 6.92 23.83
C TYR C 339 10.44 7.22 24.67
N GLN C 340 9.74 8.26 24.24
CA GLN C 340 8.50 8.61 24.91
C GLN C 340 7.35 8.40 23.94
N ILE C 341 6.45 7.51 24.33
CA ILE C 341 5.26 7.17 23.56
C ILE C 341 4.20 7.99 24.28
N TYR C 342 3.63 8.96 23.55
CA TYR C 342 2.64 9.86 24.13
C TYR C 342 1.59 10.41 23.16
N GLN C 343 0.44 10.81 23.69
CA GLN C 343 -0.64 11.35 22.86
C GLN C 343 -0.63 12.88 22.89
N GLU C 344 -0.77 13.45 24.07
CA GLU C 344 -0.74 14.91 24.20
C GLU C 344 0.58 15.33 24.84
N PRO C 345 1.13 16.48 24.40
CA PRO C 345 2.37 17.11 24.83
C PRO C 345 3.03 16.61 26.13
N PHE C 346 2.65 17.22 27.24
CA PHE C 346 3.21 16.88 28.53
C PHE C 346 2.82 15.49 29.06
N LYS C 347 1.58 15.08 28.82
CA LYS C 347 1.11 13.79 29.32
C LYS C 347 1.76 12.57 28.65
N ASN C 348 2.61 11.89 29.41
CA ASN C 348 3.35 10.72 28.95
C ASN C 348 2.53 9.47 29.13
N LEU C 349 2.70 8.52 28.21
CA LEU C 349 1.95 7.27 28.27
C LEU C 349 2.84 6.21 28.92
N LYS C 350 3.69 5.58 28.12
CA LYS C 350 4.62 4.59 28.62
C LYS C 350 5.96 5.13 28.13
N THR C 351 7.00 4.97 28.93
CA THR C 351 8.33 5.45 28.58
C THR C 351 9.36 4.33 28.71
N GLY C 352 10.22 4.21 27.69
CA GLY C 352 11.23 3.14 27.69
C GLY C 352 12.58 3.57 27.14
N LYS C 353 13.56 2.75 27.50
CA LYS C 353 14.97 2.89 27.09
C LYS C 353 15.27 1.88 26.00
N TYR C 354 16.53 1.91 25.58
CA TYR C 354 17.08 1.00 24.58
C TYR C 354 18.59 1.14 24.70
N ALA C 355 19.27 -0.01 24.74
CA ALA C 355 20.73 0.01 24.90
C ALA C 355 21.41 -1.25 24.39
N ARG C 356 21.99 -1.19 23.19
CA ARG C 356 22.68 -2.35 22.65
C ARG C 356 23.33 -2.15 21.29
N MET C 357 24.26 -3.05 21.05
CA MET C 357 24.98 -3.18 19.78
C MET C 357 24.50 -4.47 19.14
N ARG C 358 23.64 -4.34 18.17
CA ARG C 358 23.07 -5.51 17.49
C ARG C 358 24.09 -6.13 16.54
N GLY C 359 25.34 -5.75 16.75
CA GLY C 359 26.45 -6.26 15.93
C GLY C 359 27.76 -5.75 16.48
N ALA C 360 28.76 -5.64 15.60
CA ALA C 360 30.08 -5.16 16.00
C ALA C 360 30.41 -3.79 15.42
N HIS C 361 29.97 -3.55 14.19
CA HIS C 361 30.25 -2.28 13.54
C HIS C 361 29.00 -1.42 13.33
N THR C 362 28.35 -1.11 14.44
CA THR C 362 27.13 -0.29 14.48
C THR C 362 27.52 1.16 14.53
N ASN C 363 26.53 2.04 14.53
CA ASN C 363 26.75 3.47 14.55
C ASN C 363 25.47 4.21 14.95
N ASP C 364 25.60 5.45 15.36
CA ASP C 364 24.43 6.22 15.75
C ASP C 364 23.35 6.31 14.69
N VAL C 365 23.67 5.96 13.44
CA VAL C 365 22.64 5.99 12.39
C VAL C 365 21.78 4.73 12.53
N LYS C 366 22.45 3.58 12.68
CA LYS C 366 21.77 2.31 12.85
C LYS C 366 21.01 2.24 14.18
N GLN C 367 21.70 2.60 15.25
CA GLN C 367 21.11 2.54 16.57
C GLN C 367 19.90 3.43 16.73
N LEU C 368 19.54 4.16 15.68
CA LEU C 368 18.33 4.98 15.74
C LEU C 368 17.17 4.05 15.40
N THR C 369 17.10 3.65 14.13
CA THR C 369 16.06 2.76 13.61
C THR C 369 15.90 1.59 14.54
N GLU C 370 17.02 0.94 14.85
CA GLU C 370 17.03 -0.22 15.70
C GLU C 370 16.36 0.01 17.04
N ALA C 371 16.11 1.28 17.33
CA ALA C 371 15.41 1.72 18.54
C ALA C 371 13.95 1.83 18.09
N VAL C 372 13.72 2.53 16.98
CA VAL C 372 12.38 2.72 16.41
C VAL C 372 11.65 1.41 16.26
N GLN C 373 12.27 0.49 15.53
CA GLN C 373 11.70 -0.83 15.29
C GLN C 373 11.41 -1.46 16.66
N LYS C 374 12.34 -1.29 17.59
CA LYS C 374 12.17 -1.82 18.94
C LYS C 374 10.95 -1.16 19.61
N ILE C 375 10.48 -0.04 19.05
CA ILE C 375 9.33 0.66 19.64
C ILE C 375 8.00 0.44 18.91
N THR C 376 8.04 0.22 17.61
CA THR C 376 6.79 -0.01 16.89
C THR C 376 6.22 -1.32 17.37
N THR C 377 6.99 -2.40 17.21
CA THR C 377 6.57 -3.73 17.64
C THR C 377 6.09 -3.69 19.07
N GLU C 378 6.81 -2.96 19.93
CA GLU C 378 6.42 -2.86 21.33
C GLU C 378 5.14 -2.05 21.55
N SER C 379 4.83 -1.18 20.59
CA SER C 379 3.62 -0.37 20.67
C SER C 379 2.50 -1.14 19.97
N ILE C 380 2.88 -1.88 18.93
CA ILE C 380 1.91 -2.67 18.21
C ILE C 380 1.29 -3.57 19.26
N VAL C 381 2.14 -4.04 20.19
CA VAL C 381 1.72 -4.92 21.28
C VAL C 381 0.81 -4.32 22.35
N ILE C 382 1.02 -3.05 22.69
CA ILE C 382 0.25 -2.41 23.76
C ILE C 382 -0.96 -1.57 23.29
N TRP C 383 -1.07 -1.29 21.99
CA TRP C 383 -2.18 -0.48 21.51
C TRP C 383 -2.82 -0.93 20.20
N GLY C 384 -2.12 -1.77 19.42
CA GLY C 384 -2.69 -2.25 18.16
C GLY C 384 -2.26 -1.49 16.91
N LYS C 385 -2.09 -0.16 17.02
CA LYS C 385 -1.68 0.69 15.89
C LYS C 385 -0.29 1.34 16.01
N THR C 386 0.50 1.24 14.93
CA THR C 386 1.86 1.78 14.87
C THR C 386 1.88 3.26 15.24
N PRO C 387 2.92 3.70 15.97
CA PRO C 387 3.01 5.11 16.36
C PRO C 387 3.86 6.01 15.45
N LYS C 388 3.57 7.30 15.52
CA LYS C 388 4.30 8.29 14.73
C LYS C 388 5.62 8.54 15.47
N PHE C 389 6.70 8.70 14.73
CA PHE C 389 8.00 8.91 15.35
C PHE C 389 8.57 10.33 15.27
N LYS C 390 9.33 10.69 16.29
CA LYS C 390 10.00 11.99 16.33
C LYS C 390 11.46 11.63 16.55
N LEU C 391 12.19 11.53 15.44
CA LEU C 391 13.59 11.18 15.52
C LEU C 391 14.52 12.40 15.58
N PRO C 392 15.51 12.35 16.48
CA PRO C 392 16.52 13.38 16.73
C PRO C 392 17.59 13.42 15.63
N ILE C 393 17.17 13.11 14.42
CA ILE C 393 18.06 13.15 13.27
C ILE C 393 17.37 14.12 12.33
N GLN C 394 18.12 14.60 11.34
CA GLN C 394 17.57 15.51 10.34
C GLN C 394 17.02 14.71 9.18
N LYS C 395 16.17 15.37 8.38
CA LYS C 395 15.58 14.72 7.22
C LYS C 395 16.64 14.37 6.18
N GLU C 396 17.52 15.32 5.88
CA GLU C 396 18.57 15.13 4.88
C GLU C 396 19.51 13.97 5.25
N THR C 397 19.87 13.92 6.53
CA THR C 397 20.77 12.90 7.08
C THR C 397 20.23 11.49 6.78
N TRP C 398 18.91 11.33 6.90
CA TRP C 398 18.28 10.04 6.60
C TRP C 398 18.29 9.83 5.10
N GLU C 399 18.04 10.90 4.35
CA GLU C 399 18.03 10.86 2.89
C GLU C 399 19.36 10.24 2.48
N THR C 400 20.45 10.92 2.83
CA THR C 400 21.79 10.45 2.50
C THR C 400 22.08 9.04 3.01
N TRP C 401 21.56 8.70 4.20
CA TRP C 401 21.81 7.37 4.76
C TRP C 401 21.28 6.29 3.82
N TRP C 402 19.97 6.17 3.70
CA TRP C 402 19.42 5.10 2.89
C TRP C 402 19.80 5.16 1.43
N THR C 403 20.04 6.36 0.90
CA THR C 403 20.41 6.49 -0.50
C THR C 403 21.75 5.82 -0.78
N GLU C 404 22.57 5.73 0.26
CA GLU C 404 23.89 5.11 0.14
C GLU C 404 23.91 3.64 0.55
N TYR C 405 23.55 3.36 1.80
CA TYR C 405 23.53 1.99 2.32
C TYR C 405 22.86 1.04 1.32
N TRP C 406 23.57 -0.03 0.97
CA TRP C 406 23.06 -1.01 0.03
C TRP C 406 22.02 -1.89 0.73
N GLN C 407 22.06 -1.88 2.06
CA GLN C 407 21.12 -2.68 2.82
C GLN C 407 19.82 -1.89 2.96
N ALA C 408 18.71 -2.51 2.60
CA ALA C 408 17.41 -1.87 2.70
C ALA C 408 17.07 -1.54 4.15
N THR C 409 16.53 -0.33 4.36
CA THR C 409 16.12 0.14 5.68
C THR C 409 15.05 1.19 5.52
N TRP C 410 14.34 1.52 6.60
CA TRP C 410 13.26 2.49 6.55
C TRP C 410 12.76 2.86 7.94
N ILE C 411 11.74 3.71 7.96
CA ILE C 411 11.05 4.14 9.18
C ILE C 411 9.74 4.73 8.73
N PRO C 412 8.65 4.40 9.44
CA PRO C 412 7.36 4.96 9.03
C PRO C 412 7.31 6.45 9.36
N GLU C 413 6.10 7.01 9.38
CA GLU C 413 5.86 8.42 9.65
C GLU C 413 6.70 9.04 10.76
N TRP C 414 7.76 9.75 10.36
CA TRP C 414 8.61 10.41 11.33
C TRP C 414 8.72 11.93 11.13
N GLU C 415 8.68 12.64 12.24
CA GLU C 415 8.77 14.08 12.23
C GLU C 415 10.23 14.47 12.31
N PHE C 416 10.48 15.74 12.60
CA PHE C 416 11.84 16.24 12.71
C PHE C 416 11.99 17.05 14.00
N VAL C 417 12.61 16.44 15.01
CA VAL C 417 12.84 17.11 16.28
C VAL C 417 14.26 17.68 16.28
N ASN C 418 14.53 18.64 17.16
CA ASN C 418 15.86 19.24 17.21
C ASN C 418 16.23 19.71 18.63
N THR C 419 16.10 18.80 19.59
CA THR C 419 16.41 19.06 20.99
C THR C 419 17.36 18.03 21.56
N PRO C 420 18.37 17.60 20.78
CA PRO C 420 19.16 16.60 21.48
C PRO C 420 20.61 16.75 21.07
N PRO C 421 21.43 15.74 21.39
CA PRO C 421 22.83 15.79 20.99
C PRO C 421 22.63 15.09 19.63
N LEU C 422 21.96 15.80 18.73
CA LEU C 422 21.63 15.34 17.39
C LEU C 422 22.49 14.25 16.80
N VAL C 423 21.81 13.26 16.26
CA VAL C 423 22.42 12.10 15.64
C VAL C 423 22.72 12.48 14.21
N LYS C 424 23.86 12.02 13.70
CA LYS C 424 24.30 12.31 12.33
C LYS C 424 25.46 11.43 11.97
N LEU C 425 25.65 11.18 10.67
CA LEU C 425 26.76 10.36 10.19
C LEU C 425 28.01 11.22 10.15
N TRP C 426 29.09 10.74 10.75
CA TRP C 426 30.35 11.47 10.79
C TRP C 426 31.00 11.71 9.45
N TYR C 427 31.77 10.75 8.97
CA TYR C 427 32.46 10.90 7.70
C TYR C 427 31.64 10.56 6.46
N GLN C 428 32.27 10.71 5.30
CA GLN C 428 31.65 10.38 4.03
C GLN C 428 32.70 9.99 2.97
N LEU C 429 32.81 8.70 2.68
CA LEU C 429 33.74 8.22 1.65
C LEU C 429 33.25 8.79 0.32
N GLU C 430 34.03 9.69 -0.28
CA GLU C 430 33.64 10.30 -1.54
C GLU C 430 33.40 9.30 -2.66
N LYS C 431 32.29 9.52 -3.35
CA LYS C 431 31.85 8.68 -4.45
C LYS C 431 32.97 8.52 -5.46
N GLU C 432 33.65 9.64 -5.71
CA GLU C 432 34.77 9.67 -6.64
C GLU C 432 36.13 9.92 -6.01
N PRO C 433 37.17 9.27 -6.56
CA PRO C 433 38.56 9.37 -6.11
C PRO C 433 39.06 10.78 -6.25
N ILE C 434 39.69 11.30 -5.20
CA ILE C 434 40.23 12.65 -5.24
C ILE C 434 41.37 12.83 -6.24
N VAL C 435 41.15 13.69 -7.22
CA VAL C 435 42.15 14.00 -8.24
C VAL C 435 43.16 14.97 -7.63
N GLY C 436 44.39 14.48 -7.45
CA GLY C 436 45.43 15.30 -6.85
C GLY C 436 45.75 14.88 -5.41
N ALA C 437 45.83 13.58 -5.17
CA ALA C 437 46.14 13.03 -3.85
C ALA C 437 46.85 11.68 -3.98
N GLU C 438 47.48 11.21 -2.91
CA GLU C 438 48.19 9.95 -2.94
C GLU C 438 47.28 8.73 -3.04
N THR C 439 47.66 7.81 -3.91
CA THR C 439 46.88 6.61 -4.15
C THR C 439 47.45 5.44 -3.33
N PHE C 440 47.63 5.68 -2.04
CA PHE C 440 48.17 4.68 -1.11
C PHE C 440 47.71 3.26 -1.28
N TYR C 441 48.42 2.46 -2.06
CA TYR C 441 48.04 1.07 -2.22
C TYR C 441 48.47 0.41 -0.90
N VAL C 442 47.48 -0.05 -0.13
CA VAL C 442 47.68 -0.70 1.16
C VAL C 442 47.65 -2.22 1.03
N ASP C 443 48.07 -2.91 2.10
CA ASP C 443 48.14 -4.38 2.14
C ASP C 443 48.57 -4.85 3.53
N GLY C 444 48.46 -6.16 3.75
CA GLY C 444 48.83 -6.82 5.00
C GLY C 444 48.84 -8.34 4.83
N ALA C 445 49.38 -9.06 5.80
CA ALA C 445 49.42 -10.52 5.74
C ALA C 445 49.83 -11.07 7.09
N ALA C 446 49.58 -12.36 7.31
CA ALA C 446 49.94 -12.97 8.58
C ALA C 446 50.00 -14.49 8.46
N ASN C 447 51.14 -15.06 8.79
CA ASN C 447 51.27 -16.52 8.71
C ASN C 447 50.39 -17.16 9.80
N ARG C 448 49.54 -18.06 9.33
CA ARG C 448 48.56 -18.77 10.15
C ARG C 448 49.13 -19.25 11.50
N GLU C 449 50.33 -19.82 11.45
CA GLU C 449 50.98 -20.40 12.65
C GLU C 449 51.96 -19.47 13.35
N THR C 450 52.30 -18.35 12.72
CA THR C 450 53.23 -17.41 13.35
C THR C 450 52.60 -16.53 14.42
N LYS C 451 51.29 -16.35 14.34
CA LYS C 451 50.57 -15.51 15.29
C LYS C 451 50.98 -14.04 15.06
N LEU C 452 51.86 -13.84 14.08
CA LEU C 452 52.37 -12.51 13.73
C LEU C 452 52.32 -12.22 12.23
N GLY C 453 52.48 -10.95 11.88
CA GLY C 453 52.45 -10.57 10.48
C GLY C 453 52.80 -9.10 10.26
N LYS C 454 53.09 -8.74 9.02
CA LYS C 454 53.45 -7.37 8.66
C LYS C 454 52.38 -6.59 7.90
N ALA C 455 52.20 -5.33 8.27
CA ALA C 455 51.24 -4.44 7.62
C ALA C 455 52.04 -3.41 6.84
N GLY C 456 51.41 -2.70 5.92
CA GLY C 456 52.14 -1.70 5.15
C GLY C 456 51.54 -1.22 3.84
N TYR C 457 52.26 -0.32 3.19
CA TYR C 457 51.79 0.24 1.93
C TYR C 457 52.86 0.97 1.13
N VAL C 458 52.49 1.25 -0.11
CA VAL C 458 53.30 1.94 -1.06
C VAL C 458 52.43 3.11 -1.55
N THR C 459 53.04 4.18 -2.06
CA THR C 459 52.25 5.32 -2.56
C THR C 459 52.58 5.64 -4.01
N ASN C 460 51.74 6.49 -4.60
CA ASN C 460 51.90 6.93 -6.00
C ASN C 460 53.27 7.53 -6.33
N LYS C 461 54.05 7.84 -5.29
CA LYS C 461 55.38 8.41 -5.47
C LYS C 461 56.46 7.46 -4.94
N GLY C 462 56.21 6.17 -5.11
CA GLY C 462 57.15 5.13 -4.69
C GLY C 462 57.31 4.92 -3.20
N ARG C 463 56.96 5.92 -2.40
CA ARG C 463 57.08 5.85 -0.93
C ARG C 463 56.54 4.54 -0.32
N GLN C 464 57.41 3.79 0.34
CA GLN C 464 56.98 2.53 0.94
C GLN C 464 56.99 2.60 2.46
N LYS C 465 56.42 1.57 3.08
CA LYS C 465 56.35 1.45 4.53
C LYS C 465 56.01 -0.01 4.85
N VAL C 466 56.15 -0.38 6.12
CA VAL C 466 55.87 -1.71 6.62
C VAL C 466 55.98 -1.72 8.13
N VAL C 467 55.20 -2.59 8.78
CA VAL C 467 55.21 -2.73 10.23
C VAL C 467 54.84 -4.17 10.63
N PRO C 468 55.79 -4.95 11.16
CA PRO C 468 55.38 -6.30 11.55
C PRO C 468 54.51 -6.13 12.78
N LEU C 469 53.71 -7.14 13.08
CA LEU C 469 52.82 -7.08 14.22
C LEU C 469 52.71 -8.49 14.77
N THR C 470 52.34 -8.59 16.05
CA THR C 470 52.14 -9.88 16.72
C THR C 470 50.71 -9.96 17.27
N ASN C 471 50.22 -11.19 17.48
CA ASN C 471 48.87 -11.44 18.01
C ASN C 471 47.74 -11.09 17.03
N THR C 472 48.10 -10.62 15.82
CA THR C 472 47.11 -10.24 14.82
C THR C 472 46.99 -11.29 13.71
N THR C 473 45.87 -11.25 12.98
CA THR C 473 45.61 -12.19 11.89
C THR C 473 45.43 -11.52 10.52
N ASN C 474 45.45 -12.34 9.47
CA ASN C 474 45.27 -11.90 8.07
C ASN C 474 44.26 -10.79 7.96
N GLN C 475 43.10 -11.04 8.55
CA GLN C 475 41.97 -10.12 8.53
C GLN C 475 42.20 -8.84 9.31
N LYS C 476 43.06 -8.95 10.30
CA LYS C 476 43.37 -7.82 11.15
C LYS C 476 44.37 -6.86 10.50
N THR C 477 45.32 -7.42 9.77
CA THR C 477 46.38 -6.63 9.11
C THR C 477 45.83 -5.72 8.00
N GLU C 478 45.18 -6.34 7.02
CA GLU C 478 44.64 -5.60 5.87
C GLU C 478 43.79 -4.40 6.34
N LEU C 479 43.18 -4.55 7.52
CA LEU C 479 42.38 -3.46 8.12
C LEU C 479 43.32 -2.51 8.86
N GLN C 480 44.31 -3.12 9.51
CA GLN C 480 45.36 -2.42 10.27
C GLN C 480 46.19 -1.52 9.34
N ALA C 481 46.67 -2.12 8.26
CA ALA C 481 47.47 -1.42 7.28
C ALA C 481 46.73 -0.22 6.70
N ILE C 482 45.41 -0.38 6.55
CA ILE C 482 44.52 0.70 6.05
C ILE C 482 44.83 1.93 6.93
N TYR C 483 45.01 1.67 8.24
CA TYR C 483 45.29 2.75 9.17
C TYR C 483 46.49 3.56 8.72
N LEU C 484 47.64 2.90 8.61
CA LEU C 484 48.91 3.53 8.22
C LEU C 484 48.71 4.52 7.06
N ALA C 485 47.91 4.10 6.08
CA ALA C 485 47.61 4.92 4.93
C ALA C 485 46.83 6.16 5.34
N LEU C 486 45.80 5.97 6.16
CA LEU C 486 44.95 7.06 6.63
C LEU C 486 45.75 8.03 7.48
N GLN C 487 46.71 7.48 8.22
CA GLN C 487 47.60 8.27 9.10
C GLN C 487 48.57 9.09 8.24
N ASP C 488 49.51 8.37 7.63
CA ASP C 488 50.51 8.96 6.77
C ASP C 488 49.86 9.46 5.48
N SER C 489 49.17 10.59 5.62
CA SER C 489 48.47 11.28 4.53
C SER C 489 47.68 12.41 5.19
N GLY C 490 47.46 13.48 4.43
CA GLY C 490 46.77 14.65 4.94
C GLY C 490 45.28 14.57 5.11
N LEU C 491 44.57 15.47 4.42
CA LEU C 491 43.11 15.52 4.47
C LEU C 491 42.52 14.81 3.27
N GLU C 492 43.32 14.72 2.21
CA GLU C 492 42.89 14.04 0.98
C GLU C 492 43.71 12.76 0.77
N VAL C 493 43.04 11.69 0.33
CA VAL C 493 43.74 10.44 0.09
C VAL C 493 42.92 9.38 -0.66
N ASN C 494 43.62 8.58 -1.47
CA ASN C 494 43.00 7.48 -2.22
C ASN C 494 43.64 6.21 -1.70
N ILE C 495 42.85 5.37 -1.02
CA ILE C 495 43.35 4.14 -0.41
C ILE C 495 42.90 2.93 -1.18
N VAL C 496 43.85 2.23 -1.78
CA VAL C 496 43.53 1.04 -2.53
C VAL C 496 43.82 -0.27 -1.75
N THR C 497 42.77 -1.05 -1.48
CA THR C 497 42.89 -2.33 -0.76
C THR C 497 42.58 -3.52 -1.65
N ASP C 498 42.97 -4.70 -1.19
CA ASP C 498 42.69 -5.94 -1.90
C ASP C 498 41.92 -6.84 -0.95
N SER C 499 41.42 -6.25 0.14
CA SER C 499 40.64 -6.97 1.15
C SER C 499 39.20 -6.55 1.06
N GLN C 500 38.32 -7.51 0.78
CA GLN C 500 36.88 -7.22 0.68
C GLN C 500 36.33 -6.88 2.06
N TYR C 501 36.95 -7.48 3.07
CA TYR C 501 36.62 -7.32 4.48
C TYR C 501 36.77 -5.85 4.89
N ALA C 502 37.95 -5.30 4.65
CA ALA C 502 38.29 -3.92 4.98
C ALA C 502 37.29 -2.99 4.37
N LEU C 503 37.15 -3.10 3.05
CA LEU C 503 36.22 -2.25 2.29
C LEU C 503 34.81 -2.26 2.88
N GLY C 504 34.33 -3.45 3.28
CA GLY C 504 33.00 -3.53 3.83
C GLY C 504 32.83 -2.76 5.14
N ILE C 505 33.71 -3.07 6.10
CA ILE C 505 33.67 -2.45 7.40
C ILE C 505 33.66 -0.93 7.26
N ILE C 506 34.50 -0.45 6.35
CA ILE C 506 34.70 0.98 6.14
C ILE C 506 33.57 1.67 5.39
N GLN C 507 32.86 0.94 4.54
CA GLN C 507 31.75 1.54 3.80
C GLN C 507 30.51 1.81 4.67
N ALA C 508 30.21 0.92 5.61
CA ALA C 508 29.05 1.06 6.49
C ALA C 508 29.02 2.34 7.34
N GLN C 509 30.15 3.04 7.39
CA GLN C 509 30.25 4.28 8.17
C GLN C 509 30.13 4.14 9.69
N PRO C 510 30.85 3.18 10.30
CA PRO C 510 30.77 3.00 11.76
C PRO C 510 31.16 4.23 12.60
N ASP C 511 30.27 4.61 13.53
CA ASP C 511 30.44 5.74 14.45
C ASP C 511 31.47 5.31 15.45
N LYS C 512 31.23 4.15 16.03
CA LYS C 512 32.13 3.59 17.02
C LYS C 512 32.14 2.08 16.84
N SER C 513 32.61 1.38 17.87
CA SER C 513 32.69 -0.06 17.87
C SER C 513 33.27 -0.49 19.21
N GLU C 514 33.39 -1.79 19.42
CA GLU C 514 33.95 -2.30 20.66
C GLU C 514 35.45 -2.26 20.49
N SER C 515 35.86 -2.52 19.25
CA SER C 515 37.28 -2.57 18.85
C SER C 515 38.03 -1.24 18.92
N GLU C 516 39.36 -1.33 19.06
CA GLU C 516 40.21 -0.14 19.14
C GLU C 516 40.71 0.34 17.77
N LEU C 517 41.26 -0.59 17.00
CA LEU C 517 41.80 -0.32 15.66
C LEU C 517 40.72 0.29 14.77
N VAL C 518 39.71 -0.53 14.49
CA VAL C 518 38.58 -0.16 13.65
C VAL C 518 38.02 1.20 14.02
N ASN C 519 38.04 1.51 15.32
CA ASN C 519 37.54 2.80 15.81
C ASN C 519 38.53 3.91 15.47
N GLN C 520 39.83 3.61 15.63
CA GLN C 520 40.87 4.57 15.31
C GLN C 520 40.79 4.88 13.81
N ILE C 521 40.54 3.85 13.00
CA ILE C 521 40.40 4.05 11.56
C ILE C 521 39.29 5.06 11.34
N ILE C 522 38.24 4.94 12.16
CA ILE C 522 37.11 5.85 12.10
C ILE C 522 37.60 7.25 12.47
N GLU C 523 38.24 7.37 13.62
CA GLU C 523 38.76 8.64 14.12
C GLU C 523 39.44 9.45 13.03
N GLN C 524 40.39 8.84 12.33
CA GLN C 524 41.12 9.50 11.25
C GLN C 524 40.16 9.97 10.17
N LEU C 525 39.28 9.06 9.76
CA LEU C 525 38.27 9.32 8.74
C LEU C 525 37.46 10.56 9.10
N ILE C 526 37.26 10.76 10.41
CA ILE C 526 36.50 11.90 10.94
C ILE C 526 37.26 13.22 10.81
N LYS C 527 38.56 13.14 10.53
CA LYS C 527 39.37 14.35 10.37
C LYS C 527 39.62 14.63 8.88
N LYS C 528 40.04 13.60 8.17
CA LYS C 528 40.34 13.68 6.74
C LYS C 528 39.16 14.24 5.95
N GLU C 529 39.40 15.29 5.17
CA GLU C 529 38.33 15.89 4.38
C GLU C 529 37.94 15.15 3.11
N LYS C 530 38.80 14.23 2.66
CA LYS C 530 38.50 13.49 1.45
C LYS C 530 39.11 12.08 1.45
N VAL C 531 38.22 11.09 1.48
CA VAL C 531 38.65 9.69 1.50
C VAL C 531 38.01 8.86 0.40
N TYR C 532 38.84 8.05 -0.23
CA TYR C 532 38.41 7.18 -1.29
C TYR C 532 38.88 5.79 -0.90
N LEU C 533 38.05 4.80 -1.18
CA LEU C 533 38.36 3.42 -0.89
C LEU C 533 37.99 2.60 -2.12
N ALA C 534 38.93 1.81 -2.60
CA ALA C 534 38.65 0.97 -3.76
C ALA C 534 39.25 -0.39 -3.60
N TRP C 535 38.49 -1.39 -4.02
CA TRP C 535 38.94 -2.74 -3.89
C TRP C 535 39.51 -3.23 -5.21
N VAL C 536 40.46 -4.14 -5.12
CA VAL C 536 41.09 -4.71 -6.29
C VAL C 536 41.36 -6.13 -5.87
N PRO C 537 41.18 -7.10 -6.76
CA PRO C 537 41.44 -8.51 -6.42
C PRO C 537 42.89 -8.58 -5.92
N ALA C 538 43.17 -9.50 -5.01
CA ALA C 538 44.51 -9.61 -4.42
C ALA C 538 45.63 -10.29 -5.21
N HIS C 539 45.38 -11.51 -5.68
CA HIS C 539 46.39 -12.28 -6.39
C HIS C 539 46.33 -12.39 -7.91
N LYS C 540 46.23 -11.25 -8.58
CA LYS C 540 46.22 -11.23 -10.05
C LYS C 540 47.25 -10.19 -10.47
N GLY C 541 47.40 -9.19 -9.60
CA GLY C 541 48.33 -8.12 -9.84
C GLY C 541 47.75 -6.99 -10.67
N ILE C 542 47.10 -6.05 -9.99
CA ILE C 542 46.49 -4.94 -10.68
C ILE C 542 46.90 -3.62 -10.04
N GLY C 543 47.65 -2.81 -10.79
CA GLY C 543 48.09 -1.52 -10.30
C GLY C 543 49.28 -1.59 -9.36
N GLY C 544 49.33 -0.68 -8.40
CA GLY C 544 50.41 -0.67 -7.44
C GLY C 544 50.34 -1.87 -6.50
N ASN C 545 49.27 -2.65 -6.65
CA ASN C 545 49.09 -3.81 -5.81
C ASN C 545 50.24 -4.83 -5.89
N GLU C 546 50.58 -5.29 -7.10
CA GLU C 546 51.66 -6.28 -7.24
C GLU C 546 52.88 -5.91 -6.38
N GLN C 547 53.23 -4.63 -6.43
CA GLN C 547 54.35 -4.10 -5.66
C GLN C 547 54.10 -4.16 -4.15
N VAL C 548 53.02 -3.52 -3.70
CA VAL C 548 52.67 -3.46 -2.27
C VAL C 548 52.64 -4.84 -1.67
N ASP C 549 52.21 -5.79 -2.50
CA ASP C 549 52.12 -7.19 -2.12
C ASP C 549 53.53 -7.67 -1.80
N LYS C 550 54.45 -7.45 -2.73
CA LYS C 550 55.84 -7.84 -2.55
C LYS C 550 56.48 -7.20 -1.34
N LEU C 551 56.04 -6.00 -1.00
CA LEU C 551 56.59 -5.26 0.13
C LEU C 551 56.19 -5.84 1.48
N VAL C 552 54.92 -5.67 1.81
CA VAL C 552 54.32 -6.13 3.06
C VAL C 552 54.55 -7.63 3.25
N SER C 553 55.01 -8.28 2.18
CA SER C 553 55.33 -9.71 2.23
C SER C 553 56.84 -9.97 2.01
N PRO D 1 -17.76 -32.52 10.44
CA PRO D 1 -18.46 -33.22 9.36
C PRO D 1 -18.33 -32.38 8.09
N ILE D 2 -17.74 -32.98 7.06
CA ILE D 2 -17.53 -32.28 5.80
C ILE D 2 -17.45 -33.16 4.59
N SER D 3 -16.51 -34.10 4.58
CA SER D 3 -16.40 -34.99 3.44
C SER D 3 -16.45 -36.43 3.85
N PRO D 4 -17.32 -37.23 3.19
CA PRO D 4 -17.43 -38.65 3.52
C PRO D 4 -16.16 -39.38 3.12
N ILE D 5 -15.12 -38.64 2.75
CA ILE D 5 -13.85 -39.25 2.37
C ILE D 5 -13.06 -39.68 3.62
N GLU D 6 -12.26 -40.73 3.45
CA GLU D 6 -11.44 -41.28 4.53
C GLU D 6 -10.12 -40.52 4.65
N THR D 7 -9.80 -40.12 5.86
CA THR D 7 -8.60 -39.35 6.17
C THR D 7 -7.32 -40.11 5.84
N VAL D 8 -6.45 -39.43 5.08
CA VAL D 8 -5.16 -39.97 4.64
C VAL D 8 -4.04 -39.73 5.64
N PRO D 9 -3.57 -40.81 6.29
CA PRO D 9 -2.50 -40.79 7.30
C PRO D 9 -1.24 -40.02 6.96
N VAL D 10 -1.02 -38.92 7.66
CA VAL D 10 0.16 -38.11 7.44
C VAL D 10 1.01 -38.13 8.69
N LYS D 11 2.28 -38.49 8.50
CA LYS D 11 3.25 -38.57 9.58
C LYS D 11 4.33 -37.52 9.27
N LEU D 12 4.97 -36.95 10.29
CA LEU D 12 6.00 -35.96 10.02
C LEU D 12 7.27 -36.66 9.59
N LYS D 13 8.22 -35.86 9.11
CA LYS D 13 9.55 -36.32 8.71
C LYS D 13 10.23 -36.77 10.01
N PRO D 14 10.66 -38.03 10.07
CA PRO D 14 11.32 -38.67 11.23
C PRO D 14 12.36 -37.86 12.02
N GLY D 15 12.21 -37.81 13.34
CA GLY D 15 13.16 -37.08 14.18
C GLY D 15 12.65 -35.68 14.57
N MET D 16 12.16 -34.97 13.57
CA MET D 16 11.60 -33.62 13.77
C MET D 16 10.39 -33.76 14.70
N ASP D 17 9.92 -32.64 15.26
CA ASP D 17 8.79 -32.70 16.21
C ASP D 17 7.77 -31.54 16.09
N GLY D 18 7.13 -31.42 14.92
CA GLY D 18 6.12 -30.38 14.75
C GLY D 18 6.48 -28.95 15.14
N PRO D 19 5.90 -27.96 14.48
CA PRO D 19 6.15 -26.54 14.73
C PRO D 19 6.01 -26.05 16.17
N LYS D 20 6.93 -25.21 16.60
CA LYS D 20 6.85 -24.62 17.94
C LYS D 20 7.41 -23.20 17.80
N VAL D 21 6.76 -22.47 16.91
CA VAL D 21 7.11 -21.11 16.59
C VAL D 21 6.26 -20.21 17.45
N LYS D 22 6.72 -18.98 17.68
CA LYS D 22 5.95 -18.06 18.48
C LYS D 22 5.20 -17.08 17.60
N GLN D 23 4.08 -16.60 18.13
CA GLN D 23 3.22 -15.65 17.44
C GLN D 23 3.67 -14.21 17.56
N TRP D 24 4.32 -13.69 16.52
CA TRP D 24 4.77 -12.29 16.48
C TRP D 24 3.57 -11.34 16.60
N PRO D 25 3.78 -10.13 17.11
CA PRO D 25 2.75 -9.08 17.31
C PRO D 25 1.89 -8.71 16.09
N LEU D 26 0.57 -8.59 16.32
CA LEU D 26 -0.35 -8.21 15.25
C LEU D 26 -1.08 -6.91 15.58
N THR D 27 -1.36 -6.13 14.54
CA THR D 27 -2.09 -4.88 14.67
C THR D 27 -3.60 -5.13 14.86
N GLU D 28 -4.25 -4.24 15.61
CA GLU D 28 -5.70 -4.32 15.89
C GLU D 28 -6.44 -4.86 14.69
N GLU D 29 -6.53 -4.02 13.66
CA GLU D 29 -7.16 -4.35 12.40
C GLU D 29 -6.95 -5.84 12.14
N LYS D 30 -5.71 -6.23 11.90
CA LYS D 30 -5.36 -7.62 11.65
C LYS D 30 -5.93 -8.55 12.72
N ILE D 31 -5.90 -8.13 13.98
CA ILE D 31 -6.42 -9.03 15.02
C ILE D 31 -7.89 -9.31 14.74
N LYS D 32 -8.69 -8.24 14.66
CA LYS D 32 -10.11 -8.37 14.35
C LYS D 32 -10.28 -9.23 13.07
N ALA D 33 -9.77 -8.73 11.96
CA ALA D 33 -9.87 -9.46 10.71
C ALA D 33 -9.54 -10.93 10.89
N LEU D 34 -8.66 -11.19 11.83
CA LEU D 34 -8.25 -12.56 12.10
C LEU D 34 -9.24 -13.27 13.01
N VAL D 35 -9.78 -12.51 13.94
CA VAL D 35 -10.77 -13.06 14.87
C VAL D 35 -12.02 -13.47 14.10
N GLU D 36 -12.57 -12.53 13.36
CA GLU D 36 -13.80 -12.77 12.60
C GLU D 36 -13.66 -14.05 11.75
N ILE D 37 -12.89 -13.96 10.66
CA ILE D 37 -12.64 -15.07 9.76
C ILE D 37 -12.42 -16.38 10.51
N CYS D 38 -11.78 -16.27 11.68
CA CYS D 38 -11.50 -17.44 12.50
C CYS D 38 -12.75 -18.10 13.09
N THR D 39 -13.56 -17.34 13.83
CA THR D 39 -14.77 -17.93 14.45
C THR D 39 -15.76 -18.53 13.48
N GLU D 40 -16.05 -17.82 12.40
CA GLU D 40 -17.01 -18.37 11.45
C GLU D 40 -16.53 -19.73 10.93
N MET D 41 -15.26 -20.07 11.18
CA MET D 41 -14.74 -21.36 10.75
C MET D 41 -14.91 -22.44 11.80
N GLU D 42 -14.96 -22.03 13.06
CA GLU D 42 -15.21 -22.95 14.18
C GLU D 42 -16.71 -23.28 14.13
N LYS D 43 -17.49 -22.27 13.76
CA LYS D 43 -18.92 -22.41 13.64
C LYS D 43 -19.11 -23.52 12.65
N GLU D 44 -18.38 -23.46 11.55
CA GLU D 44 -18.48 -24.47 10.51
C GLU D 44 -17.57 -25.61 10.91
N GLY D 45 -16.91 -25.42 12.05
CA GLY D 45 -16.00 -26.44 12.56
C GLY D 45 -14.93 -26.82 11.56
N LYS D 46 -14.37 -25.82 10.89
CA LYS D 46 -13.31 -26.07 9.95
C LYS D 46 -12.07 -26.32 10.84
N ILE D 47 -12.13 -25.71 12.02
CA ILE D 47 -11.08 -25.79 13.01
C ILE D 47 -11.71 -25.74 14.39
N SER D 48 -11.05 -26.39 15.34
CA SER D 48 -11.53 -26.40 16.73
C SER D 48 -10.68 -25.51 17.65
N LYS D 49 -11.22 -25.25 18.84
CA LYS D 49 -10.46 -24.46 19.79
C LYS D 49 -9.61 -25.48 20.53
N ILE D 50 -8.51 -25.03 21.12
CA ILE D 50 -7.64 -25.92 21.86
C ILE D 50 -6.91 -25.16 22.93
N GLY D 51 -6.67 -25.85 24.04
CA GLY D 51 -5.95 -25.23 25.13
C GLY D 51 -4.45 -25.47 25.13
N PRO D 52 -3.81 -25.13 26.25
CA PRO D 52 -2.40 -25.25 26.54
C PRO D 52 -1.94 -26.67 26.25
N GLU D 53 -2.73 -27.67 26.66
CA GLU D 53 -2.34 -29.07 26.41
C GLU D 53 -1.70 -29.44 25.04
N ASN D 54 -1.88 -28.56 24.05
CA ASN D 54 -1.30 -28.72 22.71
C ASN D 54 -0.09 -27.78 22.61
N PRO D 55 1.10 -28.29 22.91
CA PRO D 55 2.43 -27.64 22.94
C PRO D 55 2.83 -27.08 21.59
N TYR D 56 2.53 -27.83 20.53
CA TYR D 56 2.90 -27.37 19.21
C TYR D 56 2.27 -26.02 18.89
N ASN D 57 2.81 -25.37 17.85
CA ASN D 57 2.31 -24.09 17.35
C ASN D 57 2.95 -23.54 16.06
N THR D 58 2.19 -22.72 15.33
CA THR D 58 2.60 -22.07 14.08
C THR D 58 1.97 -20.69 14.07
N PRO D 59 2.58 -19.70 13.43
CA PRO D 59 1.91 -18.39 13.48
C PRO D 59 0.90 -17.99 12.41
N VAL D 60 0.11 -16.98 12.74
CA VAL D 60 -0.87 -16.48 11.80
C VAL D 60 -0.91 -14.97 11.84
N PHE D 61 -1.17 -14.49 10.67
CA PHE D 61 -1.35 -13.09 10.41
C PHE D 61 -2.30 -13.05 9.24
N ALA D 62 -2.98 -11.96 9.12
CA ALA D 62 -3.94 -11.79 8.03
C ALA D 62 -3.49 -10.67 7.13
N ILE D 63 -3.75 -10.78 5.84
CA ILE D 63 -3.33 -9.70 4.96
C ILE D 63 -4.52 -9.05 4.27
N LYS D 64 -4.49 -7.72 4.16
CA LYS D 64 -5.57 -6.99 3.50
C LYS D 64 -5.49 -7.04 1.97
N LYS D 65 -5.87 -8.19 1.41
CA LYS D 65 -5.87 -8.39 -0.03
C LYS D 65 -6.98 -7.49 -0.62
N LYS D 66 -6.55 -6.63 -1.55
CA LYS D 66 -7.41 -5.66 -2.20
C LYS D 66 -8.42 -6.28 -3.14
N ASP D 67 -9.33 -7.09 -2.60
CA ASP D 67 -10.40 -7.72 -3.41
C ASP D 67 -11.79 -7.68 -2.78
N SER D 68 -12.81 -7.48 -3.62
CA SER D 68 -14.22 -7.36 -3.20
C SER D 68 -14.83 -8.52 -2.40
N THR D 69 -13.99 -9.46 -1.99
CA THR D 69 -14.47 -10.57 -1.16
C THR D 69 -14.30 -10.11 0.31
N LYS D 70 -13.17 -10.50 0.93
CA LYS D 70 -12.88 -10.16 2.32
C LYS D 70 -11.35 -10.21 2.57
N TRP D 71 -10.96 -10.30 3.85
CA TRP D 71 -9.54 -10.42 4.28
C TRP D 71 -8.96 -11.81 3.95
N ARG D 72 -7.80 -12.11 4.50
CA ARG D 72 -7.17 -13.40 4.29
C ARG D 72 -6.21 -13.75 5.44
N LYS D 73 -6.56 -14.78 6.22
CA LYS D 73 -5.66 -15.21 7.30
C LYS D 73 -4.62 -16.00 6.58
N LEU D 74 -3.38 -15.94 7.08
CA LEU D 74 -2.26 -16.66 6.49
C LEU D 74 -1.40 -17.31 7.56
N VAL D 75 -1.45 -18.63 7.64
CA VAL D 75 -0.69 -19.41 8.60
C VAL D 75 0.72 -19.54 8.05
N ASP D 76 1.72 -19.35 8.90
CA ASP D 76 3.08 -19.42 8.43
C ASP D 76 3.57 -20.83 8.61
N PHE D 77 2.96 -21.71 7.85
CA PHE D 77 3.28 -23.12 7.92
C PHE D 77 4.58 -23.55 7.27
N ARG D 78 5.54 -22.62 7.10
CA ARG D 78 6.85 -22.93 6.47
C ARG D 78 7.60 -23.93 7.34
N GLU D 79 7.33 -23.80 8.64
CA GLU D 79 7.91 -24.63 9.68
C GLU D 79 7.35 -26.02 9.52
N LEU D 80 6.09 -26.22 9.88
CA LEU D 80 5.43 -27.52 9.77
C LEU D 80 5.62 -28.16 8.37
N ASN D 81 5.88 -27.34 7.37
CA ASN D 81 6.04 -27.87 6.04
C ASN D 81 7.28 -28.77 5.99
N LYS D 82 8.38 -28.24 6.53
CA LYS D 82 9.65 -28.94 6.58
C LYS D 82 9.62 -30.02 7.64
N ARG D 83 8.78 -29.86 8.67
CA ARG D 83 8.63 -30.84 9.74
C ARG D 83 7.80 -32.02 9.25
N THR D 84 6.85 -31.72 8.36
CA THR D 84 5.93 -32.66 7.72
C THR D 84 6.63 -33.57 6.71
N GLN D 85 6.04 -34.74 6.45
CA GLN D 85 6.59 -35.75 5.52
C GLN D 85 6.60 -35.30 4.07
N ASP D 86 7.05 -36.21 3.23
CA ASP D 86 7.10 -35.97 1.80
C ASP D 86 5.78 -36.36 1.19
N PHE D 87 5.64 -36.09 -0.10
CA PHE D 87 4.44 -36.42 -0.85
C PHE D 87 4.71 -36.72 -2.31
N TRP D 88 4.70 -38.01 -2.65
CA TRP D 88 4.91 -38.48 -4.02
C TRP D 88 3.87 -37.83 -4.96
N GLU D 89 2.81 -37.31 -4.34
CA GLU D 89 1.70 -36.64 -5.01
C GLU D 89 2.09 -35.22 -5.45
N VAL D 90 2.75 -34.48 -4.55
CA VAL D 90 3.16 -33.10 -4.83
C VAL D 90 4.24 -33.02 -5.91
N GLN D 91 4.92 -34.14 -6.12
CA GLN D 91 5.99 -34.19 -7.11
C GLN D 91 5.51 -34.70 -8.47
N LEU D 92 5.49 -36.02 -8.67
CA LEU D 92 5.06 -36.65 -9.93
C LEU D 92 3.56 -36.52 -10.14
N GLY D 93 2.82 -36.50 -9.03
CA GLY D 93 1.38 -36.35 -9.09
C GLY D 93 1.06 -34.93 -9.57
N ILE D 94 2.00 -34.00 -9.33
CA ILE D 94 1.84 -32.63 -9.77
C ILE D 94 3.01 -32.17 -10.64
N PRO D 95 3.13 -32.70 -11.86
CA PRO D 95 4.21 -32.33 -12.79
C PRO D 95 4.13 -30.83 -13.08
N HIS D 96 5.09 -30.30 -13.83
CA HIS D 96 5.04 -28.87 -14.11
C HIS D 96 4.99 -28.50 -15.59
N PRO D 97 3.96 -27.74 -15.98
CA PRO D 97 3.75 -27.28 -17.36
C PRO D 97 4.87 -26.43 -17.90
N ALA D 98 5.44 -26.91 -19.00
CA ALA D 98 6.50 -26.19 -19.68
C ALA D 98 5.93 -24.83 -20.12
N GLY D 99 4.88 -24.92 -20.91
CA GLY D 99 4.22 -23.74 -21.52
C GLY D 99 3.57 -22.77 -20.53
N LEU D 100 3.81 -22.89 -19.23
CA LEU D 100 3.17 -21.93 -18.30
C LEU D 100 3.82 -20.56 -18.45
N LYS D 101 5.08 -20.61 -18.83
CA LYS D 101 5.90 -19.43 -19.09
C LYS D 101 5.65 -18.98 -20.53
N LYS D 102 5.45 -19.96 -21.42
CA LYS D 102 5.23 -19.71 -22.83
C LYS D 102 3.92 -18.97 -23.21
N LYS D 103 2.99 -18.87 -22.27
CA LYS D 103 1.73 -18.18 -22.58
C LYS D 103 1.83 -16.66 -22.56
N LYS D 104 0.85 -16.03 -23.21
CA LYS D 104 0.74 -14.59 -23.30
C LYS D 104 0.28 -13.99 -21.97
N SER D 105 -0.57 -14.74 -21.31
CA SER D 105 -1.15 -14.33 -20.04
C SER D 105 -1.33 -15.49 -19.08
N VAL D 106 -0.94 -15.26 -17.84
CA VAL D 106 -1.18 -16.26 -16.82
C VAL D 106 -1.90 -15.54 -15.67
N THR D 107 -2.96 -16.14 -15.16
CA THR D 107 -3.66 -15.53 -14.04
C THR D 107 -3.41 -16.37 -12.81
N VAL D 108 -3.48 -15.69 -11.67
CA VAL D 108 -3.30 -16.36 -10.39
C VAL D 108 -4.70 -16.38 -9.81
N LEU D 109 -5.10 -17.56 -9.39
CA LEU D 109 -6.40 -17.80 -8.85
C LEU D 109 -6.28 -18.58 -7.53
N ASP D 110 -6.64 -17.87 -6.46
CA ASP D 110 -6.62 -18.34 -5.08
C ASP D 110 -7.61 -19.49 -4.82
N VAL D 111 -7.38 -20.66 -5.38
CA VAL D 111 -8.22 -21.81 -5.17
C VAL D 111 -7.99 -22.35 -3.75
N GLY D 112 -8.02 -21.46 -2.78
CA GLY D 112 -7.80 -21.87 -1.40
C GLY D 112 -8.96 -22.68 -0.89
N ASP D 113 -10.09 -22.00 -0.80
CA ASP D 113 -11.30 -22.64 -0.29
C ASP D 113 -11.60 -24.06 -0.74
N ALA D 114 -10.89 -24.58 -1.75
CA ALA D 114 -11.18 -25.91 -2.21
C ALA D 114 -10.63 -26.89 -1.20
N TYR D 115 -10.20 -26.34 -0.07
CA TYR D 115 -9.62 -27.15 0.98
C TYR D 115 -10.56 -27.59 2.07
N PHE D 116 -11.44 -26.69 2.51
CA PHE D 116 -12.39 -27.00 3.60
C PHE D 116 -13.15 -28.30 3.38
N SER D 117 -13.31 -28.64 2.12
CA SER D 117 -13.96 -29.85 1.68
C SER D 117 -13.26 -31.17 2.05
N VAL D 118 -12.13 -31.12 2.73
CA VAL D 118 -11.40 -32.32 3.13
C VAL D 118 -10.78 -32.19 4.51
N PRO D 119 -11.14 -33.11 5.41
CA PRO D 119 -10.71 -33.24 6.79
C PRO D 119 -9.25 -33.64 6.92
N LEU D 120 -8.63 -33.12 7.95
CA LEU D 120 -7.25 -33.39 8.22
C LEU D 120 -7.06 -34.57 9.19
N ASP D 121 -6.02 -35.36 8.97
CA ASP D 121 -5.77 -36.51 9.82
C ASP D 121 -5.87 -36.17 11.31
N GLU D 122 -6.81 -36.81 11.99
CA GLU D 122 -7.06 -36.62 13.41
C GLU D 122 -5.79 -36.68 14.24
N ASP D 123 -4.93 -37.68 13.97
CA ASP D 123 -3.69 -37.78 14.73
C ASP D 123 -2.78 -36.61 14.47
N PHE D 124 -2.79 -36.10 13.25
CA PHE D 124 -1.91 -34.99 12.84
C PHE D 124 -2.34 -33.56 13.31
N ARG D 125 -3.65 -33.37 13.45
CA ARG D 125 -4.24 -32.09 13.81
C ARG D 125 -3.64 -31.21 14.93
N LYS D 126 -2.81 -31.80 15.78
CA LYS D 126 -2.19 -31.03 16.83
C LYS D 126 -1.13 -30.07 16.25
N TYR D 127 -0.42 -30.52 15.23
CA TYR D 127 0.64 -29.72 14.62
C TYR D 127 0.26 -28.42 13.94
N THR D 128 -0.85 -28.43 13.22
CA THR D 128 -1.30 -27.23 12.50
C THR D 128 -2.05 -26.38 13.49
N ALA D 129 -1.40 -25.99 14.57
CA ALA D 129 -2.10 -25.18 15.56
C ALA D 129 -1.52 -23.80 15.54
N PHE D 130 -2.40 -22.80 15.59
CA PHE D 130 -2.00 -21.39 15.58
C PHE D 130 -2.62 -20.69 16.78
N THR D 131 -2.45 -19.36 16.85
CA THR D 131 -3.01 -18.63 17.99
C THR D 131 -3.19 -17.14 17.77
N ILE D 132 -4.42 -16.66 17.91
CA ILE D 132 -4.64 -15.23 17.78
C ILE D 132 -4.22 -14.51 19.07
N PRO D 133 -3.49 -13.39 18.94
CA PRO D 133 -2.95 -12.48 19.94
C PRO D 133 -4.08 -11.63 20.50
N SER D 134 -3.73 -10.50 21.10
CA SER D 134 -4.74 -9.61 21.66
C SER D 134 -4.16 -8.32 22.20
N ILE D 135 -4.76 -7.21 21.76
CA ILE D 135 -4.37 -5.85 22.18
C ILE D 135 -4.02 -5.73 23.66
N ASN D 136 -2.79 -5.32 23.91
CA ASN D 136 -2.33 -5.13 25.28
C ASN D 136 -2.51 -6.40 26.10
N ASN D 137 -2.58 -7.57 25.44
CA ASN D 137 -2.77 -8.85 26.15
C ASN D 137 -3.87 -8.75 27.22
N GLU D 138 -5.07 -8.45 26.78
CA GLU D 138 -6.26 -8.40 27.65
C GLU D 138 -6.37 -9.76 28.33
N THR D 139 -7.23 -10.54 27.73
CA THR D 139 -7.41 -11.96 28.04
C THR D 139 -6.35 -12.64 27.20
N PRO D 140 -6.03 -13.89 27.54
CA PRO D 140 -5.06 -14.69 26.83
C PRO D 140 -5.48 -14.99 25.42
N GLY D 141 -4.49 -15.33 24.59
CA GLY D 141 -4.75 -15.61 23.20
C GLY D 141 -5.46 -16.93 23.02
N ILE D 142 -6.56 -16.87 22.28
CA ILE D 142 -7.37 -18.06 21.99
C ILE D 142 -6.65 -18.91 20.93
N ARG D 143 -6.55 -20.21 21.16
CA ARG D 143 -5.83 -21.08 20.24
C ARG D 143 -6.77 -22.02 19.47
N TYR D 144 -6.50 -22.19 18.19
CA TYR D 144 -7.30 -23.06 17.34
C TYR D 144 -6.50 -24.23 16.79
N GLN D 145 -7.24 -25.20 16.29
CA GLN D 145 -6.60 -26.35 15.69
C GLN D 145 -7.28 -26.66 14.37
N TYR D 146 -6.52 -27.03 13.37
CA TYR D 146 -7.16 -27.34 12.08
C TYR D 146 -7.77 -28.72 12.05
N ASN D 147 -8.99 -28.84 11.53
CA ASN D 147 -9.74 -30.12 11.41
C ASN D 147 -9.89 -30.57 9.94
N VAL D 148 -9.32 -29.79 9.05
CA VAL D 148 -9.41 -30.01 7.63
C VAL D 148 -8.15 -29.49 6.93
N LEU D 149 -7.88 -29.94 5.69
CA LEU D 149 -6.68 -29.50 4.94
C LEU D 149 -6.52 -28.00 5.13
N PRO D 150 -5.44 -27.60 5.83
CA PRO D 150 -5.18 -26.20 6.12
C PRO D 150 -4.64 -25.39 4.97
N GLN D 151 -4.98 -24.11 5.03
CA GLN D 151 -4.52 -23.14 4.04
C GLN D 151 -2.98 -23.07 4.16
N GLY D 152 -2.32 -23.25 3.02
CA GLY D 152 -0.87 -23.25 2.99
C GLY D 152 -0.14 -24.36 3.77
N TRP D 153 -0.24 -25.61 3.37
CA TRP D 153 0.47 -26.71 4.05
C TRP D 153 0.88 -27.70 2.97
N LYS D 154 2.18 -27.99 2.88
CA LYS D 154 2.72 -28.90 1.86
C LYS D 154 1.86 -30.14 1.53
N GLY D 155 0.90 -30.44 2.41
CA GLY D 155 0.03 -31.58 2.20
C GLY D 155 -1.30 -31.26 1.55
N SER D 156 -1.92 -30.13 1.91
CA SER D 156 -3.21 -29.70 1.36
C SER D 156 -3.32 -29.95 -0.15
N PRO D 157 -2.28 -29.64 -0.94
CA PRO D 157 -2.41 -29.87 -2.38
C PRO D 157 -2.12 -31.28 -2.81
N ALA D 158 -1.55 -32.06 -1.92
CA ALA D 158 -1.18 -33.42 -2.28
C ALA D 158 -2.43 -34.24 -2.11
N ILE D 159 -2.90 -34.26 -0.88
CA ILE D 159 -4.09 -35.01 -0.57
C ILE D 159 -5.20 -34.55 -1.45
N PHE D 160 -5.45 -33.26 -1.50
CA PHE D 160 -6.55 -32.82 -2.34
C PHE D 160 -6.42 -32.91 -3.83
N GLN D 161 -5.21 -33.06 -4.35
CA GLN D 161 -4.95 -33.15 -5.80
C GLN D 161 -5.88 -34.10 -6.63
N SER D 162 -5.95 -35.40 -6.33
CA SER D 162 -6.84 -36.28 -7.09
C SER D 162 -8.26 -35.71 -7.24
N SER D 163 -8.64 -34.79 -6.35
CA SER D 163 -9.95 -34.13 -6.41
C SER D 163 -9.83 -32.94 -7.38
N MET D 164 -8.96 -31.99 -7.02
CA MET D 164 -8.69 -30.78 -7.81
C MET D 164 -8.58 -31.16 -9.25
N THR D 165 -8.05 -32.36 -9.45
CA THR D 165 -7.84 -33.01 -10.74
C THR D 165 -9.15 -33.17 -11.50
N LYS D 166 -10.07 -33.92 -10.91
CA LYS D 166 -11.35 -34.15 -11.54
C LYS D 166 -12.11 -32.82 -11.75
N ILE D 167 -12.04 -31.90 -10.76
CA ILE D 167 -12.68 -30.59 -10.86
C ILE D 167 -12.28 -29.81 -12.10
N LEU D 168 -11.02 -29.91 -12.50
CA LEU D 168 -10.58 -29.17 -13.68
C LEU D 168 -10.66 -29.99 -14.96
N GLU D 169 -10.80 -31.31 -14.82
CA GLU D 169 -10.85 -32.22 -15.97
C GLU D 169 -11.77 -31.71 -17.05
N PRO D 170 -12.97 -31.24 -16.67
CA PRO D 170 -13.91 -30.72 -17.68
C PRO D 170 -13.34 -29.46 -18.35
N PHE D 171 -12.86 -28.53 -17.51
CA PHE D 171 -12.30 -27.27 -17.99
C PHE D 171 -11.05 -27.47 -18.83
N LYS D 172 -10.03 -28.09 -18.28
CA LYS D 172 -8.81 -28.33 -19.06
C LYS D 172 -9.11 -29.08 -20.36
N LYS D 173 -10.20 -29.85 -20.39
CA LYS D 173 -10.58 -30.63 -21.56
C LYS D 173 -11.22 -29.77 -22.65
N GLN D 174 -12.13 -28.88 -22.25
CA GLN D 174 -12.81 -27.98 -23.19
C GLN D 174 -12.06 -26.69 -23.39
N ASN D 175 -10.77 -26.69 -23.06
CA ASN D 175 -9.94 -25.53 -23.26
C ASN D 175 -8.51 -25.99 -23.33
N PRO D 176 -8.22 -27.01 -24.17
CA PRO D 176 -6.85 -27.51 -24.30
C PRO D 176 -5.86 -26.37 -24.53
N ASP D 177 -6.27 -25.38 -25.32
CA ASP D 177 -5.43 -24.22 -25.59
C ASP D 177 -4.87 -23.64 -24.28
N ILE D 178 -5.65 -23.71 -23.20
CA ILE D 178 -5.25 -23.20 -21.88
C ILE D 178 -4.29 -24.08 -21.10
N VAL D 179 -3.48 -23.45 -20.27
CA VAL D 179 -2.52 -24.14 -19.43
C VAL D 179 -2.74 -23.80 -17.95
N ILE D 180 -3.05 -24.84 -17.19
CA ILE D 180 -3.36 -24.72 -15.78
C ILE D 180 -2.30 -25.42 -14.94
N TYR D 181 -2.02 -24.82 -13.79
CA TYR D 181 -1.02 -25.32 -12.88
C TYR D 181 -1.49 -25.11 -11.43
N GLN D 182 -1.02 -25.95 -10.52
CA GLN D 182 -1.40 -25.88 -9.12
C GLN D 182 -0.13 -25.73 -8.27
N TYR D 183 -0.09 -24.73 -7.39
CA TYR D 183 1.08 -24.51 -6.51
C TYR D 183 0.54 -23.94 -5.19
N MET D 184 0.48 -24.80 -4.16
CA MET D 184 -0.07 -24.39 -2.86
C MET D 184 -1.58 -24.02 -2.92
N ASP D 185 -1.91 -22.82 -2.44
CA ASP D 185 -3.31 -22.36 -2.48
C ASP D 185 -3.62 -21.62 -3.79
N ASP D 186 -2.79 -21.79 -4.82
CA ASP D 186 -3.00 -21.11 -6.08
C ASP D 186 -3.08 -21.97 -7.34
N LEU D 187 -3.82 -21.41 -8.31
CA LEU D 187 -3.99 -22.00 -9.62
C LEU D 187 -3.35 -21.02 -10.62
N TYR D 188 -2.48 -21.55 -11.47
CA TYR D 188 -1.79 -20.70 -12.46
C TYR D 188 -2.38 -21.06 -13.80
N VAL D 189 -3.32 -20.21 -14.24
CA VAL D 189 -4.04 -20.38 -15.51
C VAL D 189 -3.41 -19.51 -16.52
N GLY D 190 -3.10 -20.09 -17.68
CA GLY D 190 -2.48 -19.27 -18.69
C GLY D 190 -2.97 -19.61 -20.08
N SER D 191 -3.22 -18.57 -20.86
CA SER D 191 -3.66 -18.77 -22.23
C SER D 191 -2.94 -17.81 -23.16
N ASP D 192 -2.98 -18.12 -24.47
CA ASP D 192 -2.36 -17.24 -25.44
C ASP D 192 -3.43 -16.29 -26.03
N LEU D 193 -4.64 -16.33 -25.47
CA LEU D 193 -5.76 -15.51 -25.95
C LEU D 193 -5.56 -14.01 -25.79
N GLU D 194 -6.36 -13.24 -26.54
CA GLU D 194 -6.31 -11.77 -26.47
C GLU D 194 -6.60 -11.50 -25.00
N ILE D 195 -6.02 -10.46 -24.42
CA ILE D 195 -6.26 -10.23 -23.01
C ILE D 195 -7.74 -10.17 -22.60
N GLY D 196 -8.58 -9.53 -23.40
CA GLY D 196 -9.98 -9.51 -23.07
C GLY D 196 -10.65 -10.88 -23.16
N GLN D 197 -10.13 -11.76 -24.02
CA GLN D 197 -10.69 -13.11 -24.19
C GLN D 197 -10.20 -13.95 -23.01
N HIS D 198 -9.01 -13.61 -22.51
CA HIS D 198 -8.44 -14.30 -21.37
C HIS D 198 -9.24 -13.88 -20.14
N ARG D 199 -9.25 -12.59 -19.85
CA ARG D 199 -10.01 -12.12 -18.72
C ARG D 199 -11.46 -12.66 -18.68
N THR D 200 -11.92 -13.15 -19.83
CA THR D 200 -13.25 -13.72 -19.92
C THR D 200 -13.24 -15.24 -19.83
N LYS D 201 -12.10 -15.86 -20.06
CA LYS D 201 -12.07 -17.30 -19.94
C LYS D 201 -11.64 -17.64 -18.52
N ILE D 202 -11.03 -16.68 -17.83
CA ILE D 202 -10.67 -16.97 -16.44
C ILE D 202 -11.99 -16.98 -15.70
N GLU D 203 -12.81 -15.95 -15.92
CA GLU D 203 -14.09 -15.89 -15.26
C GLU D 203 -14.90 -17.06 -15.75
N GLU D 204 -14.48 -17.63 -16.86
CA GLU D 204 -15.22 -18.78 -17.33
C GLU D 204 -14.83 -19.87 -16.35
N LEU D 205 -13.53 -20.01 -16.09
CA LEU D 205 -13.02 -21.01 -15.16
C LEU D 205 -13.40 -20.69 -13.74
N ARG D 206 -13.38 -19.41 -13.40
CA ARG D 206 -13.69 -18.94 -12.07
C ARG D 206 -15.17 -19.09 -11.70
N GLN D 207 -15.89 -19.89 -12.48
CA GLN D 207 -17.32 -20.18 -12.24
C GLN D 207 -17.56 -21.66 -12.27
N HIS D 208 -16.79 -22.36 -13.11
CA HIS D 208 -16.91 -23.80 -13.20
C HIS D 208 -16.43 -24.34 -11.86
N LEU D 209 -15.39 -23.67 -11.33
CA LEU D 209 -14.82 -24.03 -10.03
C LEU D 209 -15.90 -24.01 -8.95
N LEU D 210 -17.02 -23.33 -9.23
CA LEU D 210 -18.14 -23.22 -8.33
C LEU D 210 -19.11 -24.41 -8.37
N ARG D 211 -19.70 -24.65 -9.51
CA ARG D 211 -20.68 -25.75 -9.66
C ARG D 211 -20.04 -27.08 -9.26
N TRP D 212 -18.77 -27.01 -8.98
CA TRP D 212 -17.99 -28.17 -8.63
C TRP D 212 -17.21 -27.97 -7.36
N GLY D 213 -17.42 -28.91 -6.49
CA GLY D 213 -16.77 -28.92 -5.19
C GLY D 213 -16.74 -27.49 -4.58
N LEU D 214 -17.85 -26.78 -4.70
CA LEU D 214 -18.01 -25.42 -4.10
C LEU D 214 -16.68 -24.68 -3.85
N THR D 215 -15.83 -24.67 -4.86
CA THR D 215 -14.52 -24.00 -4.81
C THR D 215 -14.71 -22.52 -5.07
N THR D 216 -14.81 -21.76 -4.00
CA THR D 216 -15.02 -20.33 -4.11
C THR D 216 -13.72 -19.49 -4.19
N PRO D 217 -13.45 -18.84 -5.33
CA PRO D 217 -12.24 -18.01 -5.48
C PRO D 217 -12.59 -16.60 -5.03
N ASP D 218 -11.67 -15.68 -5.10
CA ASP D 218 -11.97 -14.33 -4.66
C ASP D 218 -12.58 -13.52 -5.78
N LYS D 219 -13.40 -12.55 -5.37
CA LYS D 219 -14.04 -11.58 -6.27
C LYS D 219 -13.23 -10.29 -6.08
N LYS D 220 -12.39 -9.97 -7.07
CA LYS D 220 -11.50 -8.78 -7.00
C LYS D 220 -12.21 -7.48 -7.39
N HIS D 221 -11.89 -6.39 -6.68
CA HIS D 221 -12.49 -5.07 -6.96
C HIS D 221 -11.67 -4.36 -8.04
N GLN D 222 -12.26 -4.21 -9.23
CA GLN D 222 -11.60 -3.46 -10.31
C GLN D 222 -11.99 -2.01 -10.08
N LYS D 223 -11.29 -1.05 -10.68
CA LYS D 223 -11.74 0.33 -10.43
C LYS D 223 -11.42 1.28 -11.54
N GLU D 224 -11.41 2.57 -11.25
CA GLU D 224 -11.09 3.56 -12.25
C GLU D 224 -9.75 4.29 -12.02
N PRO D 225 -9.69 5.44 -11.28
CA PRO D 225 -8.41 6.18 -11.07
C PRO D 225 -7.08 5.50 -11.54
N PRO D 226 -6.15 5.03 -10.64
CA PRO D 226 -4.94 4.36 -11.21
C PRO D 226 -5.03 2.83 -11.32
N PHE D 227 -5.73 2.38 -12.34
CA PHE D 227 -6.01 0.96 -12.74
C PHE D 227 -4.98 -0.14 -12.45
N LEU D 228 -4.94 -0.60 -11.21
CA LEU D 228 -4.00 -1.69 -10.83
C LEU D 228 -4.51 -3.04 -11.37
N TRP D 229 -5.82 -3.20 -11.36
CA TRP D 229 -6.44 -4.46 -11.82
C TRP D 229 -5.97 -4.83 -13.21
N MET D 230 -5.77 -3.81 -14.02
CA MET D 230 -5.32 -3.99 -15.40
C MET D 230 -3.91 -4.57 -15.44
N GLY D 231 -3.24 -4.53 -14.29
CA GLY D 231 -1.86 -5.03 -14.15
C GLY D 231 -1.83 -6.45 -13.55
N TYR D 232 -2.89 -6.79 -12.84
CA TYR D 232 -3.04 -8.09 -12.13
C TYR D 232 -2.63 -9.27 -12.98
N GLU D 233 -2.96 -9.26 -14.27
CA GLU D 233 -2.58 -10.36 -15.14
C GLU D 233 -1.07 -10.43 -15.21
N LEU D 234 -0.57 -11.62 -15.46
CA LEU D 234 0.87 -11.83 -15.59
C LEU D 234 1.21 -12.28 -17.03
N HIS D 235 2.26 -11.66 -17.59
CA HIS D 235 2.71 -11.99 -18.94
C HIS D 235 4.14 -12.49 -18.88
N PRO D 236 4.33 -13.81 -18.92
CA PRO D 236 5.68 -14.36 -18.88
C PRO D 236 6.49 -14.17 -20.16
N ASP D 237 5.85 -14.12 -21.33
CA ASP D 237 6.60 -13.94 -22.58
C ASP D 237 7.26 -12.57 -22.60
N LYS D 238 6.59 -11.62 -21.97
CA LYS D 238 7.08 -10.26 -21.90
C LYS D 238 8.30 -10.16 -20.99
N TRP D 239 8.68 -11.26 -20.35
CA TRP D 239 9.83 -11.30 -19.44
C TRP D 239 11.18 -11.16 -20.17
N THR D 240 12.04 -10.30 -19.62
CA THR D 240 13.36 -10.02 -20.20
C THR D 240 14.51 -10.77 -19.50
N VAL D 241 15.71 -10.22 -19.60
CA VAL D 241 16.91 -10.82 -18.98
C VAL D 241 17.72 -9.70 -18.28
N GLN D 242 19.05 -9.77 -18.32
CA GLN D 242 19.90 -8.75 -17.69
C GLN D 242 21.34 -8.68 -18.26
N PRO D 243 21.51 -8.85 -19.58
CA PRO D 243 22.90 -8.75 -20.02
C PRO D 243 23.28 -7.28 -20.25
N ILE D 244 23.16 -6.48 -19.18
CA ILE D 244 23.50 -5.05 -19.23
C ILE D 244 25.01 -4.80 -18.94
N VAL D 245 25.67 -5.89 -18.63
CA VAL D 245 27.11 -5.95 -18.27
C VAL D 245 27.99 -4.78 -18.80
N LEU D 246 28.24 -4.81 -20.09
CA LEU D 246 29.16 -3.88 -20.84
C LEU D 246 29.35 -2.43 -20.35
N PRO D 247 30.51 -2.12 -19.75
CA PRO D 247 30.80 -0.76 -19.26
C PRO D 247 31.19 0.08 -20.50
N GLU D 248 31.26 1.40 -20.38
CA GLU D 248 31.60 2.22 -21.57
C GLU D 248 32.04 3.67 -21.28
N LYS D 249 33.34 3.92 -21.40
CA LYS D 249 33.92 5.23 -21.15
C LYS D 249 34.83 5.64 -22.28
N ASP D 250 35.12 6.94 -22.33
CA ASP D 250 36.02 7.51 -23.34
C ASP D 250 37.39 7.82 -22.69
N SER D 251 37.34 8.39 -21.49
CA SER D 251 38.52 8.75 -20.71
C SER D 251 38.88 7.67 -19.68
N TRP D 252 39.28 6.50 -20.17
CA TRP D 252 39.63 5.38 -19.29
C TRP D 252 40.78 5.66 -18.30
N THR D 253 40.44 5.97 -17.05
CA THR D 253 41.43 6.25 -16.02
C THR D 253 41.83 4.98 -15.23
N VAL D 254 42.80 5.13 -14.31
CA VAL D 254 43.28 4.03 -13.47
C VAL D 254 42.11 3.36 -12.79
N ASN D 255 41.42 4.14 -11.95
CA ASN D 255 40.27 3.71 -11.17
C ASN D 255 39.29 2.94 -12.02
N ASP D 256 38.97 3.49 -13.19
CA ASP D 256 38.05 2.85 -14.12
C ASP D 256 38.61 1.57 -14.71
N ILE D 257 39.93 1.48 -14.86
CA ILE D 257 40.56 0.27 -15.40
C ILE D 257 40.62 -0.81 -14.30
N GLN D 258 40.74 -0.37 -13.05
CA GLN D 258 40.79 -1.31 -11.94
C GLN D 258 39.37 -1.82 -11.63
N LYS D 259 38.41 -0.89 -11.54
CA LYS D 259 37.03 -1.27 -11.27
C LYS D 259 36.57 -2.26 -12.33
N LEU D 260 36.93 -1.98 -13.58
CA LEU D 260 36.57 -2.89 -14.67
C LEU D 260 37.18 -4.27 -14.49
N VAL D 261 38.43 -4.35 -14.02
CA VAL D 261 39.05 -5.65 -13.84
C VAL D 261 38.51 -6.38 -12.63
N GLY D 262 38.26 -5.63 -11.56
CA GLY D 262 37.72 -6.24 -10.36
C GLY D 262 36.45 -6.98 -10.74
N LYS D 263 35.57 -6.25 -11.42
CA LYS D 263 34.28 -6.75 -11.88
C LYS D 263 34.41 -7.79 -12.99
N LEU D 264 35.45 -7.67 -13.79
CA LEU D 264 35.66 -8.58 -14.90
C LEU D 264 36.41 -9.83 -14.46
N ASN D 265 37.19 -9.70 -13.39
CA ASN D 265 37.98 -10.81 -12.86
C ASN D 265 37.09 -11.80 -12.12
N TRP D 266 36.02 -11.26 -11.58
CA TRP D 266 35.08 -12.06 -10.83
C TRP D 266 34.10 -12.73 -11.79
N ALA D 267 33.78 -12.01 -12.87
CA ALA D 267 32.87 -12.50 -13.89
C ALA D 267 33.40 -13.76 -14.55
N SER D 268 34.70 -14.00 -14.42
CA SER D 268 35.30 -15.18 -15.02
C SER D 268 34.63 -16.46 -14.54
N GLN D 269 33.82 -16.36 -13.50
CA GLN D 269 33.10 -17.51 -12.97
C GLN D 269 31.76 -17.69 -13.67
N ILE D 270 31.19 -16.60 -14.18
CA ILE D 270 29.91 -16.64 -14.86
C ILE D 270 29.99 -16.64 -16.38
N TYR D 271 31.21 -16.67 -16.92
CA TYR D 271 31.39 -16.66 -18.38
C TYR D 271 32.72 -17.30 -18.77
N PRO D 272 32.80 -17.85 -20.00
CA PRO D 272 33.97 -18.52 -20.60
C PRO D 272 35.29 -17.74 -20.69
N GLY D 273 35.56 -17.23 -21.89
CA GLY D 273 36.78 -16.48 -22.14
C GLY D 273 36.87 -15.14 -21.47
N ILE D 274 36.93 -15.15 -20.14
CA ILE D 274 37.05 -13.91 -19.39
C ILE D 274 38.53 -13.75 -19.10
N LYS D 275 39.26 -13.45 -20.17
CA LYS D 275 40.69 -13.26 -20.11
C LYS D 275 40.99 -11.78 -19.88
N VAL D 276 41.33 -11.44 -18.65
CA VAL D 276 41.65 -10.06 -18.30
C VAL D 276 43.10 -9.99 -17.85
N ARG D 277 43.98 -10.40 -18.77
CA ARG D 277 45.42 -10.42 -18.54
C ARG D 277 46.07 -9.13 -19.06
N GLN D 278 45.77 -8.80 -20.32
CA GLN D 278 46.30 -7.60 -20.94
C GLN D 278 45.77 -6.33 -20.28
N LEU D 279 44.64 -6.45 -19.60
CA LEU D 279 44.06 -5.30 -18.92
C LEU D 279 44.91 -5.00 -17.67
N SER D 280 45.38 -6.07 -17.02
CA SER D 280 46.20 -5.95 -15.82
C SER D 280 47.51 -5.24 -16.19
N LYS D 281 48.00 -5.56 -17.40
CA LYS D 281 49.24 -5.02 -17.94
C LYS D 281 49.24 -3.49 -18.08
N LEU D 282 48.07 -2.92 -18.32
CA LEU D 282 47.93 -1.48 -18.47
C LEU D 282 48.13 -0.76 -17.15
N LEU D 283 47.79 -1.44 -16.06
CA LEU D 283 48.00 -0.84 -14.74
C LEU D 283 49.23 -1.46 -14.07
N ARG D 284 50.32 -1.56 -14.83
CA ARG D 284 51.57 -2.13 -14.33
C ARG D 284 52.26 -1.56 -13.08
N GLY D 285 52.28 -0.25 -12.90
CA GLY D 285 52.95 0.33 -11.73
C GLY D 285 52.07 1.08 -10.77
N THR D 286 52.70 1.65 -9.74
CA THR D 286 52.02 2.41 -8.68
C THR D 286 51.43 3.73 -9.20
N LYS D 287 50.91 3.70 -10.43
CA LYS D 287 50.33 4.85 -11.10
C LYS D 287 49.32 5.65 -10.28
N ALA D 288 49.37 6.97 -10.47
CA ALA D 288 48.46 7.86 -9.75
C ALA D 288 47.04 7.50 -10.17
N LEU D 289 46.28 7.04 -9.18
CA LEU D 289 44.89 6.62 -9.39
C LEU D 289 44.06 7.62 -10.17
N THR D 290 43.49 8.54 -9.39
CA THR D 290 42.59 9.60 -9.82
C THR D 290 42.85 10.40 -11.09
N GLU D 291 43.97 10.26 -11.73
CA GLU D 291 44.16 11.07 -12.94
C GLU D 291 44.64 10.26 -14.13
N VAL D 292 45.69 9.48 -13.92
CA VAL D 292 46.31 8.68 -14.99
C VAL D 292 45.24 7.96 -15.83
N ILE D 293 45.33 8.23 -17.13
CA ILE D 293 44.35 7.69 -18.08
C ILE D 293 44.99 6.96 -19.26
N PRO D 294 45.66 5.82 -19.00
CA PRO D 294 46.27 5.09 -20.12
C PRO D 294 45.17 4.62 -21.08
N LEU D 295 45.06 5.30 -22.22
CA LEU D 295 44.04 5.01 -23.21
C LEU D 295 44.29 3.77 -24.09
N THR D 296 45.49 3.21 -23.95
CA THR D 296 45.96 2.03 -24.68
C THR D 296 44.94 1.28 -25.52
N GLU D 297 45.09 1.40 -26.84
CA GLU D 297 44.23 0.74 -27.81
C GLU D 297 44.51 -0.76 -27.79
N GLU D 298 45.68 -1.15 -27.28
CA GLU D 298 46.09 -2.56 -27.18
C GLU D 298 45.02 -3.37 -26.48
N ALA D 299 44.53 -2.83 -25.38
CA ALA D 299 43.48 -3.47 -24.59
C ALA D 299 42.14 -3.36 -25.31
N GLU D 300 41.87 -2.18 -25.87
CA GLU D 300 40.63 -1.91 -26.58
C GLU D 300 40.15 -3.05 -27.47
N LEU D 301 41.07 -3.79 -28.06
CA LEU D 301 40.71 -4.90 -28.94
C LEU D 301 40.13 -6.09 -28.20
N GLU D 302 40.87 -6.62 -27.23
CA GLU D 302 40.39 -7.78 -26.47
C GLU D 302 39.41 -7.45 -25.35
N LEU D 303 39.15 -6.15 -25.22
CA LEU D 303 38.20 -5.61 -24.24
C LEU D 303 36.85 -5.73 -24.94
N ALA D 304 36.88 -5.61 -26.26
CA ALA D 304 35.71 -5.74 -27.11
C ALA D 304 35.41 -7.23 -27.29
N GLU D 305 36.46 -8.05 -27.17
CA GLU D 305 36.34 -9.49 -27.30
C GLU D 305 35.63 -10.05 -26.07
N ASN D 306 36.03 -9.57 -24.89
CA ASN D 306 35.42 -10.01 -23.65
C ASN D 306 33.96 -9.54 -23.68
N ARG D 307 33.74 -8.36 -24.25
CA ARG D 307 32.38 -7.80 -24.36
C ARG D 307 31.47 -8.75 -25.13
N GLU D 308 32.05 -9.45 -26.10
CA GLU D 308 31.35 -10.42 -26.93
C GLU D 308 30.78 -11.56 -26.10
N ILE D 309 31.65 -12.22 -25.35
CA ILE D 309 31.27 -13.33 -24.49
C ILE D 309 30.18 -12.98 -23.45
N LEU D 310 30.07 -11.71 -23.10
CA LEU D 310 29.10 -11.26 -22.11
C LEU D 310 27.62 -11.10 -22.52
N LYS D 311 27.26 -11.53 -23.73
CA LYS D 311 25.86 -11.43 -24.19
C LYS D 311 25.50 -12.66 -25.02
N GLU D 312 25.26 -13.79 -24.37
CA GLU D 312 24.91 -15.01 -25.10
C GLU D 312 24.37 -16.12 -24.22
N PRO D 313 23.80 -17.18 -24.85
CA PRO D 313 23.24 -18.33 -24.10
C PRO D 313 24.32 -19.09 -23.32
N VAL D 314 24.53 -18.62 -22.11
CA VAL D 314 25.51 -19.16 -21.18
C VAL D 314 25.66 -20.68 -21.24
N HIS D 315 26.91 -21.13 -21.24
CA HIS D 315 27.20 -22.56 -21.26
C HIS D 315 27.47 -22.98 -19.82
N GLY D 316 26.78 -24.02 -19.37
CA GLY D 316 26.96 -24.50 -18.01
C GLY D 316 25.66 -24.61 -17.25
N VAL D 317 24.75 -23.67 -17.49
CA VAL D 317 23.45 -23.64 -16.81
C VAL D 317 22.66 -24.91 -17.05
N TYR D 318 21.78 -25.23 -16.11
CA TYR D 318 20.95 -26.43 -16.17
C TYR D 318 20.10 -26.48 -14.92
N TYR D 319 18.83 -26.87 -15.06
CA TYR D 319 17.98 -26.96 -13.90
C TYR D 319 17.90 -28.41 -13.44
N ASP D 320 18.37 -28.64 -12.22
CA ASP D 320 18.34 -29.96 -11.62
C ASP D 320 17.14 -29.91 -10.70
N PRO D 321 16.05 -30.62 -11.06
CA PRO D 321 14.84 -30.64 -10.24
C PRO D 321 15.19 -30.82 -8.78
N SER D 322 16.22 -31.66 -8.57
CA SER D 322 16.75 -32.02 -7.26
C SER D 322 17.20 -30.83 -6.42
N LYS D 323 18.34 -30.24 -6.76
CA LYS D 323 18.84 -29.12 -5.97
C LYS D 323 17.83 -28.01 -5.79
N ASP D 324 17.97 -27.25 -4.71
CA ASP D 324 17.03 -26.17 -4.45
C ASP D 324 17.18 -25.03 -5.45
N LEU D 325 16.62 -23.90 -5.08
CA LEU D 325 16.75 -22.75 -5.90
C LEU D 325 17.16 -21.63 -4.96
N ILE D 326 17.95 -20.69 -5.47
CA ILE D 326 18.37 -19.55 -4.69
C ILE D 326 18.13 -18.23 -5.43
N ALA D 327 17.79 -17.21 -4.68
CA ALA D 327 17.52 -15.92 -5.28
C ALA D 327 18.20 -14.89 -4.40
N GLU D 328 18.99 -14.03 -5.05
CA GLU D 328 19.77 -12.98 -4.37
C GLU D 328 19.43 -11.54 -4.83
N ILE D 329 19.04 -10.72 -3.85
CA ILE D 329 18.67 -9.32 -4.10
C ILE D 329 19.70 -8.31 -3.59
N GLN D 330 19.78 -7.16 -4.24
CA GLN D 330 20.72 -6.11 -3.84
C GLN D 330 20.15 -4.73 -4.13
N LYS D 331 20.20 -3.84 -3.13
CA LYS D 331 19.64 -2.50 -3.33
C LYS D 331 20.52 -1.79 -4.34
N GLN D 332 20.13 -1.89 -5.60
CA GLN D 332 20.92 -1.35 -6.69
C GLN D 332 20.42 -0.03 -7.27
N GLY D 333 20.67 1.05 -6.56
CA GLY D 333 20.26 2.33 -7.09
C GLY D 333 19.03 2.93 -6.46
N GLN D 334 18.38 3.79 -7.22
CA GLN D 334 17.16 4.47 -6.78
C GLN D 334 15.94 3.60 -7.15
N GLY D 335 15.32 3.05 -6.11
CA GLY D 335 14.14 2.19 -6.28
C GLY D 335 14.33 1.01 -7.21
N GLN D 336 15.56 0.84 -7.69
CA GLN D 336 15.89 -0.24 -8.60
C GLN D 336 16.50 -1.37 -7.80
N TRP D 337 16.12 -2.60 -8.17
CA TRP D 337 16.61 -3.80 -7.53
C TRP D 337 16.92 -4.81 -8.62
N THR D 338 17.72 -5.82 -8.31
CA THR D 338 18.05 -6.84 -9.28
C THR D 338 18.11 -8.15 -8.53
N TYR D 339 17.92 -9.23 -9.28
CA TYR D 339 17.91 -10.55 -8.70
C TYR D 339 18.61 -11.63 -9.57
N GLN D 340 19.18 -12.62 -8.90
CA GLN D 340 19.83 -13.72 -9.57
C GLN D 340 19.31 -14.92 -8.83
N ILE D 341 18.93 -15.95 -9.58
CA ILE D 341 18.39 -17.19 -9.08
C ILE D 341 19.29 -18.27 -9.60
N TYR D 342 19.80 -19.12 -8.70
CA TYR D 342 20.70 -20.21 -9.09
C TYR D 342 20.60 -21.45 -8.20
N GLN D 343 21.19 -22.55 -8.69
CA GLN D 343 21.22 -23.81 -7.93
C GLN D 343 22.68 -24.00 -7.50
N GLU D 344 23.51 -24.44 -8.44
CA GLU D 344 24.96 -24.58 -8.17
C GLU D 344 25.47 -23.16 -8.40
N PRO D 345 26.10 -22.55 -7.39
CA PRO D 345 26.61 -21.17 -7.52
C PRO D 345 27.25 -20.75 -8.84
N PHE D 346 27.27 -19.44 -9.05
CA PHE D 346 27.86 -18.82 -10.24
C PHE D 346 27.45 -19.36 -11.61
N LYS D 347 26.26 -19.93 -11.67
CA LYS D 347 25.71 -20.47 -12.92
C LYS D 347 24.21 -20.31 -12.89
N ASN D 348 23.79 -19.08 -12.53
CA ASN D 348 22.39 -18.72 -12.41
C ASN D 348 21.58 -19.04 -13.66
N LEU D 349 20.38 -19.55 -13.46
CA LEU D 349 19.52 -19.90 -14.58
C LEU D 349 18.58 -18.76 -14.96
N LYS D 350 18.69 -17.63 -14.26
CA LYS D 350 17.84 -16.50 -14.60
C LYS D 350 18.09 -15.29 -13.72
N THR D 351 18.24 -14.12 -14.37
CA THR D 351 18.46 -12.83 -13.70
C THR D 351 17.42 -11.81 -14.18
N GLY D 352 17.01 -10.93 -13.28
CA GLY D 352 16.04 -9.93 -13.61
C GLY D 352 16.19 -8.74 -12.68
N LYS D 353 15.14 -7.92 -12.61
CA LYS D 353 15.17 -6.71 -11.79
C LYS D 353 13.80 -6.29 -11.22
N TYR D 354 13.80 -5.22 -10.42
CA TYR D 354 12.58 -4.68 -9.84
C TYR D 354 12.69 -3.20 -9.70
N ALA D 355 11.80 -2.48 -10.38
CA ALA D 355 11.77 -1.04 -10.32
C ALA D 355 10.38 -0.67 -9.84
N ARG D 356 10.31 -0.05 -8.67
CA ARG D 356 9.02 0.34 -8.11
C ARG D 356 8.22 1.11 -9.15
N MET D 357 6.96 0.70 -9.34
CA MET D 357 6.09 1.35 -10.31
C MET D 357 5.95 2.84 -10.03
N ARG D 358 5.62 3.62 -11.04
CA ARG D 358 5.44 5.05 -10.84
C ARG D 358 4.24 5.18 -9.91
N GLY D 359 4.53 5.67 -8.70
CA GLY D 359 3.50 5.84 -7.67
C GLY D 359 4.19 6.19 -6.37
N ALA D 360 3.41 6.62 -5.37
CA ALA D 360 3.99 6.99 -4.07
C ALA D 360 4.11 5.86 -3.04
N HIS D 361 4.69 4.74 -3.46
CA HIS D 361 4.89 3.60 -2.58
C HIS D 361 6.39 3.41 -2.26
N THR D 362 7.05 4.52 -1.96
CA THR D 362 8.46 4.49 -1.62
C THR D 362 8.62 4.07 -0.18
N ASN D 363 9.29 2.92 -0.02
CA ASN D 363 9.59 2.32 1.26
C ASN D 363 10.53 1.21 0.88
N ASP D 364 11.76 1.34 1.36
CA ASP D 364 12.84 0.41 1.10
C ASP D 364 12.49 -1.05 1.37
N VAL D 365 11.72 -1.30 2.44
CA VAL D 365 11.34 -2.65 2.77
C VAL D 365 10.31 -3.11 1.76
N LYS D 366 9.23 -2.32 1.69
CA LYS D 366 8.07 -2.53 0.83
C LYS D 366 8.46 -2.98 -0.57
N GLN D 367 9.54 -2.39 -1.07
CA GLN D 367 10.03 -2.74 -2.38
C GLN D 367 10.67 -4.12 -2.33
N LEU D 368 11.46 -4.34 -1.29
CA LEU D 368 12.16 -5.60 -1.14
C LEU D 368 11.17 -6.72 -0.98
N THR D 369 10.19 -6.50 -0.12
CA THR D 369 9.12 -7.45 0.14
C THR D 369 8.50 -7.79 -1.19
N GLU D 370 7.87 -6.79 -1.81
CA GLU D 370 7.20 -6.92 -3.12
C GLU D 370 8.10 -7.61 -4.13
N ALA D 371 9.35 -7.16 -4.14
CA ALA D 371 10.39 -7.72 -4.99
C ALA D 371 10.41 -9.24 -4.85
N VAL D 372 10.59 -9.70 -3.60
CA VAL D 372 10.63 -11.14 -3.27
C VAL D 372 9.41 -11.83 -3.88
N GLN D 373 8.22 -11.25 -3.62
CA GLN D 373 6.94 -11.76 -4.15
C GLN D 373 7.00 -11.94 -5.67
N LYS D 374 7.71 -11.05 -6.34
CA LYS D 374 7.88 -11.19 -7.76
C LYS D 374 8.87 -12.33 -8.14
N ILE D 375 10.02 -12.35 -7.50
CA ILE D 375 11.02 -13.38 -7.80
C ILE D 375 10.40 -14.77 -7.55
N THR D 376 9.59 -14.84 -6.50
CA THR D 376 8.94 -16.08 -6.16
C THR D 376 8.09 -16.53 -7.31
N THR D 377 7.11 -15.70 -7.68
CA THR D 377 6.20 -16.00 -8.78
C THR D 377 6.94 -16.51 -10.05
N GLU D 378 7.94 -15.77 -10.55
CA GLU D 378 8.70 -16.23 -11.75
C GLU D 378 9.10 -17.71 -11.63
N SER D 379 9.61 -18.08 -10.45
CA SER D 379 10.06 -19.45 -10.15
C SER D 379 8.99 -20.46 -10.29
N ILE D 380 7.82 -20.11 -9.77
CA ILE D 380 6.64 -20.97 -9.79
C ILE D 380 6.24 -21.24 -11.25
N VAL D 381 6.10 -20.16 -12.01
CA VAL D 381 5.72 -20.20 -13.41
C VAL D 381 6.77 -20.89 -14.28
N ILE D 382 8.04 -20.70 -13.92
CA ILE D 382 9.12 -21.27 -14.71
C ILE D 382 9.55 -22.68 -14.38
N TRP D 383 10.08 -22.90 -13.20
CA TRP D 383 10.57 -24.25 -12.91
C TRP D 383 9.53 -25.05 -12.11
N GLY D 384 8.59 -24.33 -11.51
CA GLY D 384 7.56 -24.95 -10.74
C GLY D 384 7.89 -25.15 -9.29
N LYS D 385 8.92 -24.48 -8.78
CA LYS D 385 9.31 -24.59 -7.37
C LYS D 385 9.50 -23.20 -6.77
N THR D 386 10.06 -23.08 -5.56
CA THR D 386 10.24 -21.76 -4.96
C THR D 386 11.67 -21.50 -4.52
N PRO D 387 12.25 -20.35 -4.91
CA PRO D 387 13.62 -20.03 -4.54
C PRO D 387 13.67 -19.74 -3.08
N LYS D 388 14.89 -19.81 -2.52
CA LYS D 388 15.16 -19.52 -1.10
C LYS D 388 15.84 -18.16 -1.14
N PHE D 389 15.44 -17.26 -0.28
CA PHE D 389 15.95 -15.90 -0.44
C PHE D 389 16.91 -15.37 0.56
N LYS D 390 18.04 -14.89 0.01
CA LYS D 390 19.08 -14.22 0.79
C LYS D 390 18.65 -12.75 0.70
N LEU D 391 18.05 -12.24 1.78
CA LEU D 391 17.55 -10.86 1.84
C LEU D 391 18.49 -9.74 2.36
N PRO D 392 19.01 -8.87 1.47
CA PRO D 392 19.90 -7.76 1.81
C PRO D 392 19.25 -6.75 2.74
N ILE D 393 19.05 -7.16 3.98
CA ILE D 393 18.42 -6.34 4.99
C ILE D 393 18.65 -7.02 6.34
N GLN D 394 18.40 -6.31 7.42
CA GLN D 394 18.54 -6.88 8.78
C GLN D 394 17.29 -7.66 9.12
N LYS D 395 17.50 -8.88 9.57
CA LYS D 395 16.39 -9.76 9.94
C LYS D 395 15.44 -8.99 10.88
N GLU D 396 15.98 -8.58 12.01
CA GLU D 396 15.21 -7.84 13.05
C GLU D 396 14.31 -6.78 12.38
N THR D 397 14.77 -6.17 11.29
CA THR D 397 14.01 -5.13 10.58
C THR D 397 12.79 -5.71 9.85
N TRP D 398 13.06 -6.37 8.72
CA TRP D 398 12.11 -7.05 7.84
C TRP D 398 10.99 -7.78 8.60
N GLU D 399 11.29 -8.11 9.85
CA GLU D 399 10.33 -8.78 10.67
C GLU D 399 9.29 -7.79 11.21
N THR D 400 9.66 -6.51 11.24
CA THR D 400 8.74 -5.50 11.70
C THR D 400 7.75 -5.03 10.63
N TRP D 401 8.06 -5.24 9.34
CA TRP D 401 7.18 -4.75 8.27
C TRP D 401 6.70 -5.69 7.14
N TRP D 402 7.47 -6.75 6.78
CA TRP D 402 7.09 -7.68 5.68
C TRP D 402 5.61 -8.10 5.62
N THR D 403 4.97 -8.33 6.77
CA THR D 403 3.55 -8.68 6.72
C THR D 403 2.77 -7.53 6.01
N GLU D 404 3.01 -6.29 6.44
CA GLU D 404 2.30 -5.17 5.83
C GLU D 404 2.52 -4.83 4.34
N TYR D 405 3.36 -5.60 3.65
CA TYR D 405 3.58 -5.38 2.22
C TYR D 405 3.72 -6.71 1.50
N TRP D 406 3.01 -7.73 1.97
CA TRP D 406 3.06 -9.04 1.31
C TRP D 406 1.63 -9.33 0.81
N GLN D 407 1.50 -9.88 -0.38
CA GLN D 407 0.12 -10.17 -0.80
C GLN D 407 -0.18 -11.63 -1.12
N ALA D 408 0.83 -12.45 -1.31
CA ALA D 408 0.61 -13.84 -1.73
C ALA D 408 0.06 -14.79 -0.63
N THR D 409 -0.64 -15.79 -1.17
CA THR D 409 -1.25 -16.90 -0.42
C THR D 409 -0.16 -17.75 0.19
N TRP D 410 1.01 -17.64 -0.44
CA TRP D 410 2.18 -18.39 0.01
C TRP D 410 3.27 -17.51 0.57
N ILE D 411 4.16 -18.15 1.35
CA ILE D 411 5.33 -17.53 1.96
C ILE D 411 6.55 -18.44 1.81
N PRO D 412 7.52 -17.99 1.03
CA PRO D 412 8.78 -18.73 0.79
C PRO D 412 9.82 -18.61 1.91
N GLU D 413 10.86 -19.46 1.82
CA GLU D 413 11.98 -19.54 2.79
C GLU D 413 13.00 -18.41 2.60
N TRP D 414 13.43 -17.80 3.72
CA TRP D 414 14.40 -16.70 3.64
C TRP D 414 15.26 -16.51 4.86
N GLU D 415 16.52 -16.16 4.58
CA GLU D 415 17.54 -15.90 5.58
C GLU D 415 17.99 -14.47 5.37
N PHE D 416 18.91 -14.00 6.22
CA PHE D 416 19.40 -12.63 6.07
C PHE D 416 20.91 -12.56 5.82
N VAL D 417 21.32 -11.48 5.17
CA VAL D 417 22.72 -11.28 4.76
C VAL D 417 23.13 -9.83 4.52
N ASN D 418 24.42 -9.56 4.69
CA ASN D 418 24.96 -8.25 4.34
C ASN D 418 26.23 -8.41 3.53
N THR D 419 26.04 -8.64 2.23
CA THR D 419 27.14 -8.83 1.31
C THR D 419 27.55 -7.48 0.73
N PRO D 420 28.81 -7.08 0.94
CA PRO D 420 29.47 -5.86 0.51
C PRO D 420 29.30 -5.58 -1.00
N PRO D 421 29.89 -4.46 -1.49
CA PRO D 421 29.82 -4.04 -2.90
C PRO D 421 30.05 -4.93 -4.13
N LEU D 422 30.75 -6.04 -4.03
CA LEU D 422 30.96 -6.84 -5.25
C LEU D 422 29.66 -7.32 -5.92
N VAL D 423 28.71 -7.72 -5.08
CA VAL D 423 27.40 -8.23 -5.52
C VAL D 423 26.54 -7.19 -6.23
N LYS D 424 27.19 -6.16 -6.74
CA LYS D 424 26.54 -5.10 -7.48
C LYS D 424 27.68 -4.61 -8.37
N LEU D 425 27.44 -4.54 -9.67
CA LEU D 425 28.49 -4.11 -10.59
C LEU D 425 28.03 -3.08 -11.61
N ASP E 1 -15.46 16.10 -7.45
CA ASP E 1 -15.70 17.20 -8.44
C ASP E 1 -14.45 18.05 -8.61
N ILE E 2 -13.46 17.52 -9.31
CA ILE E 2 -12.25 18.27 -9.58
C ILE E 2 -12.77 19.33 -10.56
N GLN E 3 -12.52 20.59 -10.31
CA GLN E 3 -13.01 21.62 -11.26
C GLN E 3 -11.94 21.85 -12.33
N MET E 4 -12.37 21.76 -13.56
CA MET E 4 -11.48 21.90 -14.72
C MET E 4 -11.67 23.25 -15.39
N THR E 5 -10.57 23.97 -15.61
CA THR E 5 -10.65 25.30 -16.21
C THR E 5 -9.75 25.54 -17.40
N GLN E 6 -10.39 25.97 -18.49
CA GLN E 6 -9.72 26.31 -19.74
C GLN E 6 -9.78 27.83 -19.76
N THR E 7 -8.75 28.43 -19.19
CA THR E 7 -8.62 29.88 -19.06
C THR E 7 -8.91 30.64 -20.35
N THR E 8 -8.22 30.28 -21.43
CA THR E 8 -8.41 30.93 -22.74
C THR E 8 -9.70 30.36 -23.37
N SER E 9 -10.70 31.23 -23.56
CA SER E 9 -12.00 30.80 -24.11
C SER E 9 -12.07 30.58 -25.64
N SER E 10 -11.62 31.60 -26.38
CA SER E 10 -11.59 31.55 -27.84
C SER E 10 -10.27 32.19 -28.24
N LEU E 11 -9.40 31.44 -28.92
CA LEU E 11 -8.13 31.99 -29.34
C LEU E 11 -8.09 32.22 -30.86
N SER E 12 -7.28 33.19 -31.30
CA SER E 12 -7.13 33.53 -32.72
C SER E 12 -5.89 32.93 -33.43
N ALA E 13 -6.03 32.54 -34.70
CA ALA E 13 -4.86 31.99 -35.41
C ALA E 13 -4.87 32.00 -36.94
N SER E 14 -3.91 31.30 -37.52
CA SER E 14 -3.80 31.24 -38.97
C SER E 14 -3.07 30.03 -39.42
N LEU E 15 -3.48 29.52 -40.58
CA LEU E 15 -2.87 28.34 -41.18
C LEU E 15 -1.35 28.41 -41.05
N GLY E 16 -0.79 27.52 -40.25
CA GLY E 16 0.66 27.51 -40.07
C GLY E 16 1.08 27.83 -38.66
N ASP E 17 0.34 28.74 -38.01
CA ASP E 17 0.58 29.16 -36.64
C ASP E 17 0.78 28.00 -35.66
N ARG E 18 1.20 28.35 -34.44
CA ARG E 18 1.43 27.35 -33.41
C ARG E 18 0.44 27.56 -32.27
N VAL E 19 -0.41 26.58 -32.04
CA VAL E 19 -1.40 26.72 -30.98
C VAL E 19 -1.15 25.87 -29.74
N THR E 20 -1.29 26.50 -28.59
CA THR E 20 -1.14 25.84 -27.31
C THR E 20 -2.29 26.31 -26.43
N ILE E 21 -3.03 25.35 -25.91
CA ILE E 21 -4.16 25.66 -25.06
C ILE E 21 -3.88 25.17 -23.65
N SER E 22 -4.14 26.04 -22.67
CA SER E 22 -3.92 25.75 -21.27
C SER E 22 -5.18 25.25 -20.58
N CYS E 23 -4.97 24.28 -19.69
CA CYS E 23 -6.03 23.64 -18.90
C CYS E 23 -5.56 23.47 -17.46
N SER E 24 -6.32 24.01 -16.51
CA SER E 24 -5.98 23.89 -15.11
C SER E 24 -6.99 23.08 -14.29
N ALA E 25 -6.47 22.29 -13.35
CA ALA E 25 -7.28 21.43 -12.49
C ALA E 25 -7.41 21.94 -11.05
N SER E 26 -8.54 21.65 -10.42
CA SER E 26 -8.81 22.08 -9.05
C SER E 26 -7.82 21.47 -8.03
N GLN E 27 -7.33 20.27 -8.37
CA GLN E 27 -6.35 19.55 -7.58
C GLN E 27 -5.55 18.65 -8.49
N ASP E 28 -4.46 18.09 -7.96
CA ASP E 28 -3.60 17.21 -8.73
C ASP E 28 -4.41 16.11 -9.46
N ILE E 29 -4.13 15.89 -10.74
CA ILE E 29 -4.86 14.82 -11.41
C ILE E 29 -3.96 13.74 -11.97
N SER E 30 -2.74 13.69 -11.47
CA SER E 30 -1.73 12.69 -11.82
C SER E 30 -1.74 12.26 -13.29
N SER E 31 -1.72 13.27 -14.16
CA SER E 31 -1.71 13.13 -15.61
C SER E 31 -2.90 12.38 -16.16
N TYR E 32 -3.95 12.29 -15.36
CA TYR E 32 -5.17 11.61 -15.79
C TYR E 32 -6.00 12.62 -16.57
N LEU E 33 -5.56 12.85 -17.80
CA LEU E 33 -6.20 13.82 -18.67
C LEU E 33 -6.28 13.39 -20.11
N ASN E 34 -7.39 13.81 -20.71
CA ASN E 34 -7.66 13.52 -22.10
C ASN E 34 -8.04 14.78 -22.86
N TRP E 35 -7.65 14.81 -24.13
CA TRP E 35 -8.00 15.95 -24.96
C TRP E 35 -9.02 15.60 -26.00
N TYR E 36 -10.13 16.33 -25.93
CA TYR E 36 -11.22 16.14 -26.88
C TYR E 36 -11.40 17.35 -27.82
N GLN E 37 -11.54 17.05 -29.11
CA GLN E 37 -11.74 18.07 -30.16
C GLN E 37 -13.18 18.01 -30.69
N GLN E 38 -13.78 19.17 -30.91
CA GLN E 38 -15.13 19.21 -31.50
C GLN E 38 -15.30 20.21 -32.66
N LYS E 39 -15.34 19.65 -33.87
CA LYS E 39 -15.53 20.44 -35.09
C LYS E 39 -16.75 21.38 -35.03
N PRO E 40 -16.85 22.31 -35.99
CA PRO E 40 -18.00 23.19 -35.95
C PRO E 40 -19.28 22.41 -36.20
N GLU E 41 -19.15 21.30 -36.91
CA GLU E 41 -20.28 20.43 -37.22
C GLU E 41 -20.95 19.89 -35.97
N GLY E 42 -20.15 19.45 -35.00
CA GLY E 42 -20.72 18.92 -33.77
C GLY E 42 -20.42 17.46 -33.46
N THR E 43 -19.23 17.02 -33.85
CA THR E 43 -18.82 15.64 -33.61
C THR E 43 -17.57 15.69 -32.74
N VAL E 44 -17.46 14.76 -31.78
CA VAL E 44 -16.32 14.76 -30.89
C VAL E 44 -15.34 13.61 -31.03
N LYS E 45 -14.16 13.91 -31.54
CA LYS E 45 -13.14 12.89 -31.67
C LYS E 45 -12.21 13.03 -30.48
N LEU E 46 -11.61 11.88 -30.13
CA LEU E 46 -10.63 11.78 -29.05
C LEU E 46 -9.35 12.26 -29.68
N LEU E 47 -8.66 13.13 -28.95
CA LEU E 47 -7.42 13.68 -29.45
C LEU E 47 -6.26 12.93 -28.79
N ILE E 48 -6.21 12.92 -27.48
CA ILE E 48 -5.12 12.26 -26.78
C ILE E 48 -5.47 11.90 -25.36
N TYR E 49 -4.93 10.75 -24.90
CA TYR E 49 -5.12 10.21 -23.55
C TYR E 49 -3.79 10.12 -22.82
N TYR E 50 -3.84 10.47 -21.51
CA TYR E 50 -2.72 10.50 -20.56
C TYR E 50 -1.99 11.84 -20.67
N THR E 51 -2.68 12.81 -21.23
CA THR E 51 -2.11 14.15 -21.45
C THR E 51 -0.81 14.08 -22.21
N SER E 52 -0.62 13.02 -22.98
CA SER E 52 0.63 12.90 -23.67
C SER E 52 0.58 11.89 -24.75
N SER E 53 -0.23 10.84 -24.59
CA SER E 53 -0.33 9.80 -25.62
C SER E 53 -1.27 10.16 -26.75
N LEU E 54 -0.80 9.93 -27.98
CA LEU E 54 -1.55 10.20 -29.22
C LEU E 54 -2.57 9.13 -29.50
N HIS E 55 -3.78 9.55 -29.84
CA HIS E 55 -4.83 8.59 -30.16
C HIS E 55 -4.47 8.06 -31.55
N SER E 56 -5.06 6.95 -31.97
CA SER E 56 -4.66 6.50 -33.28
C SER E 56 -5.31 7.39 -34.33
N GLY E 57 -4.78 7.35 -35.56
CA GLY E 57 -5.32 8.18 -36.61
C GLY E 57 -4.93 9.64 -36.38
N VAL E 58 -5.14 10.16 -35.19
CA VAL E 58 -4.77 11.53 -34.88
C VAL E 58 -3.37 11.79 -35.42
N PRO E 59 -3.14 12.95 -36.06
CA PRO E 59 -1.84 13.31 -36.63
C PRO E 59 -0.80 13.55 -35.56
N SER E 60 0.44 13.67 -35.99
CA SER E 60 1.56 13.90 -35.07
C SER E 60 1.60 15.31 -34.56
N ALA E 61 1.23 16.25 -35.42
CA ALA E 61 1.22 17.67 -35.07
C ALA E 61 0.63 17.88 -33.69
N PHE E 62 -0.34 17.05 -33.33
CA PHE E 62 -0.95 17.17 -32.01
C PHE E 62 -0.03 16.62 -30.92
N SER E 63 0.00 17.31 -29.77
CA SER E 63 0.87 16.88 -28.68
C SER E 63 0.41 17.29 -27.29
N GLY E 64 0.45 16.33 -26.38
CA GLY E 64 0.07 16.60 -25.00
C GLY E 64 1.21 17.24 -24.23
N SER E 65 0.89 17.70 -23.01
CA SER E 65 1.86 18.35 -22.13
C SER E 65 1.22 18.78 -20.82
N GLY E 66 1.93 18.61 -19.71
CA GLY E 66 1.38 19.00 -18.42
C GLY E 66 1.92 18.13 -17.30
N SER E 67 1.62 18.52 -16.06
CA SER E 67 2.04 17.79 -14.87
C SER E 67 1.34 18.38 -13.66
N GLY E 68 0.49 17.60 -13.03
CA GLY E 68 -0.16 18.10 -11.85
C GLY E 68 -1.50 18.75 -12.02
N THR E 69 -1.57 20.02 -11.70
CA THR E 69 -2.80 20.77 -11.79
C THR E 69 -2.86 21.59 -13.09
N ASP E 70 -1.88 21.39 -13.94
CA ASP E 70 -1.80 22.13 -15.20
C ASP E 70 -1.24 21.24 -16.30
N TYR E 71 -1.76 21.48 -17.50
CA TYR E 71 -1.40 20.75 -18.71
C TYR E 71 -1.73 21.62 -19.91
N SER E 72 -1.15 21.28 -21.05
CA SER E 72 -1.41 22.03 -22.25
C SER E 72 -1.48 21.17 -23.50
N LEU E 73 -2.29 21.61 -24.46
CA LEU E 73 -2.42 20.91 -25.73
C LEU E 73 -1.78 21.84 -26.77
N THR E 74 -0.90 21.28 -27.58
CA THR E 74 -0.16 22.03 -28.60
C THR E 74 -0.18 21.44 -30.01
N ILE E 75 -0.59 22.29 -30.95
CA ILE E 75 -0.70 21.94 -32.36
C ILE E 75 0.49 22.58 -33.04
N SER E 76 1.35 21.76 -33.63
CA SER E 76 2.56 22.29 -34.26
C SER E 76 2.21 23.39 -35.25
N ASN E 77 1.85 22.97 -36.45
CA ASN E 77 1.51 23.91 -37.47
C ASN E 77 0.02 23.76 -37.71
N LEU E 78 -0.72 24.81 -37.37
CA LEU E 78 -2.16 24.81 -37.55
C LEU E 78 -2.60 24.40 -38.95
N GLU E 79 -3.81 23.89 -39.05
CA GLU E 79 -4.37 23.49 -40.34
C GLU E 79 -5.88 23.81 -40.34
N PRO E 80 -6.54 23.73 -41.51
CA PRO E 80 -8.00 24.02 -41.66
C PRO E 80 -8.91 23.27 -40.72
N GLU E 81 -8.75 21.96 -40.70
CA GLU E 81 -9.55 21.07 -39.86
C GLU E 81 -9.40 21.50 -38.40
N ASP E 82 -8.14 21.62 -37.98
CA ASP E 82 -7.74 22.01 -36.62
C ASP E 82 -8.42 23.23 -35.98
N PHE E 83 -9.19 23.97 -36.76
CA PHE E 83 -9.91 25.12 -36.19
C PHE E 83 -11.20 24.63 -35.61
N ALA E 84 -11.20 24.26 -34.34
CA ALA E 84 -12.41 23.76 -33.71
C ALA E 84 -12.44 24.07 -32.22
N THR E 85 -13.39 23.48 -31.49
CA THR E 85 -13.41 23.71 -30.05
C THR E 85 -12.69 22.56 -29.39
N TYR E 86 -12.04 22.85 -28.26
CA TYR E 86 -11.26 21.87 -27.54
C TYR E 86 -11.68 21.64 -26.11
N TYR E 87 -11.90 20.39 -25.77
CA TYR E 87 -12.37 20.05 -24.45
C TYR E 87 -11.36 19.32 -23.60
N CYS E 88 -11.06 19.92 -22.46
CA CYS E 88 -10.10 19.37 -21.51
C CYS E 88 -10.82 18.53 -20.53
N GLN E 89 -10.28 17.32 -20.29
CA GLN E 89 -10.90 16.39 -19.36
C GLN E 89 -9.95 15.68 -18.40
N GLN E 90 -10.42 15.50 -17.17
CA GLN E 90 -9.68 14.81 -16.11
C GLN E 90 -10.44 13.57 -15.63
N TYR E 91 -9.71 12.50 -15.32
CA TYR E 91 -10.35 11.31 -14.81
C TYR E 91 -9.74 10.79 -13.50
N SER E 92 -9.36 11.72 -12.63
CA SER E 92 -8.78 11.36 -11.34
C SER E 92 -9.91 10.92 -10.39
N LYS E 93 -10.68 11.88 -9.88
CA LYS E 93 -11.84 11.58 -9.03
C LYS E 93 -12.95 11.16 -9.98
N PHE E 94 -13.84 10.29 -9.57
CA PHE E 94 -14.76 9.76 -10.58
C PHE E 94 -15.72 10.70 -11.17
N PRO E 95 -16.19 11.72 -10.43
CA PRO E 95 -17.14 12.65 -11.07
C PRO E 95 -16.42 13.25 -12.30
N TRP E 96 -16.38 12.49 -13.42
CA TRP E 96 -15.69 12.88 -14.65
C TRP E 96 -16.11 14.28 -15.05
N THR E 97 -15.13 15.15 -15.25
CA THR E 97 -15.45 16.52 -15.62
C THR E 97 -14.60 17.03 -16.78
N PHE E 98 -15.25 17.76 -17.69
CA PHE E 98 -14.59 18.38 -18.82
C PHE E 98 -14.56 19.89 -18.54
N GLY E 99 -13.47 20.55 -18.86
CA GLY E 99 -13.44 21.97 -18.60
C GLY E 99 -13.88 22.65 -19.87
N GLY E 100 -14.86 23.55 -19.77
CA GLY E 100 -15.38 24.29 -20.93
C GLY E 100 -14.34 24.61 -21.97
N GLY E 101 -14.40 23.85 -23.06
CA GLY E 101 -13.48 23.96 -24.16
C GLY E 101 -12.92 25.31 -24.59
N THR E 102 -11.98 25.25 -25.53
CA THR E 102 -11.36 26.44 -26.08
C THR E 102 -11.58 26.53 -27.58
N LYS E 103 -12.19 27.62 -28.01
CA LYS E 103 -12.46 27.85 -29.43
C LYS E 103 -11.22 28.31 -30.18
N LEU E 104 -10.92 27.61 -31.25
CA LEU E 104 -9.78 27.95 -32.10
C LEU E 104 -10.34 28.49 -33.44
N GLU E 105 -10.44 29.81 -33.54
CA GLU E 105 -10.97 30.50 -34.73
C GLU E 105 -9.89 31.02 -35.71
N ILE E 106 -10.30 31.26 -36.95
CA ILE E 106 -9.40 31.74 -37.98
C ILE E 106 -9.28 33.25 -37.95
N LYS E 107 -8.08 33.75 -37.68
CA LYS E 107 -7.80 35.18 -37.60
C LYS E 107 -8.02 35.84 -38.94
N ARG E 108 -8.53 37.05 -38.90
CA ARG E 108 -8.82 37.75 -40.14
C ARG E 108 -8.52 39.23 -40.04
N ALA E 109 -8.44 39.90 -41.17
CA ALA E 109 -8.21 41.33 -41.14
C ALA E 109 -9.54 41.88 -40.63
N ASP E 110 -9.52 42.97 -39.86
CA ASP E 110 -10.78 43.53 -39.37
C ASP E 110 -11.75 43.89 -40.54
N ALA E 111 -13.02 44.06 -40.22
CA ALA E 111 -14.04 44.39 -41.20
C ALA E 111 -15.28 45.00 -40.51
N ALA E 112 -15.54 46.27 -40.82
CA ALA E 112 -16.67 46.96 -40.20
C ALA E 112 -17.94 46.23 -40.57
N PRO E 113 -18.93 46.29 -39.69
CA PRO E 113 -20.23 45.64 -39.89
C PRO E 113 -21.05 46.37 -40.92
N THR E 114 -21.67 45.62 -41.81
CA THR E 114 -22.50 46.21 -42.82
C THR E 114 -23.91 46.22 -42.24
N VAL E 115 -24.22 47.27 -41.46
CA VAL E 115 -25.55 47.36 -40.84
C VAL E 115 -26.66 47.57 -41.85
N SER E 116 -27.82 46.97 -41.59
CA SER E 116 -28.96 47.08 -42.48
C SER E 116 -30.21 46.92 -41.59
N ILE E 117 -31.17 47.82 -41.72
CA ILE E 117 -32.37 47.77 -40.90
C ILE E 117 -33.62 47.75 -41.74
N PHE E 118 -34.67 47.11 -41.23
CA PHE E 118 -35.93 46.98 -41.96
C PHE E 118 -37.15 47.22 -41.07
N PRO E 119 -38.11 48.02 -41.53
CA PRO E 119 -39.35 48.33 -40.79
C PRO E 119 -40.32 47.14 -40.81
N PRO E 120 -41.24 47.09 -39.86
CA PRO E 120 -42.24 46.01 -39.77
C PRO E 120 -43.05 45.89 -41.04
N SER E 121 -43.49 44.68 -41.34
CA SER E 121 -44.27 44.41 -42.54
C SER E 121 -45.75 44.46 -42.22
N SER E 122 -46.55 44.99 -43.14
CA SER E 122 -48.00 45.06 -42.92
C SER E 122 -48.42 43.62 -42.64
N GLU E 123 -47.75 42.70 -43.35
CA GLU E 123 -47.97 41.26 -43.24
C GLU E 123 -48.07 40.91 -41.77
N GLN E 124 -47.19 41.55 -41.00
CA GLN E 124 -47.04 41.36 -39.58
C GLN E 124 -47.97 42.29 -38.80
N LEU E 125 -47.99 43.55 -39.23
CA LEU E 125 -48.79 44.61 -38.63
C LEU E 125 -50.26 44.23 -38.61
N THR E 126 -50.69 43.51 -39.64
CA THR E 126 -52.08 43.05 -39.77
C THR E 126 -52.43 41.96 -38.75
N SER E 127 -51.73 41.99 -37.61
CA SER E 127 -51.94 41.04 -36.51
C SER E 127 -51.42 41.72 -35.28
N GLY E 128 -51.22 43.04 -35.38
CA GLY E 128 -50.70 43.82 -34.27
C GLY E 128 -49.18 43.74 -34.16
N GLY E 129 -48.62 42.69 -34.75
CA GLY E 129 -47.18 42.49 -34.70
C GLY E 129 -46.31 43.55 -35.34
N ALA E 130 -45.36 44.04 -34.56
CA ALA E 130 -44.46 45.07 -35.05
C ALA E 130 -43.01 44.71 -34.80
N SER E 131 -42.48 43.80 -35.61
CA SER E 131 -41.11 43.34 -35.42
C SER E 131 -40.06 44.12 -36.21
N VAL E 132 -39.23 44.83 -35.47
CA VAL E 132 -38.17 45.59 -36.09
C VAL E 132 -36.86 44.77 -36.07
N VAL E 133 -36.40 44.41 -37.27
CA VAL E 133 -35.19 43.60 -37.44
C VAL E 133 -34.00 44.42 -37.95
N CYS E 134 -32.80 44.15 -37.47
CA CYS E 134 -31.63 44.90 -37.91
C CYS E 134 -30.36 44.09 -38.10
N PHE E 135 -30.30 43.37 -39.22
CA PHE E 135 -29.15 42.54 -39.56
C PHE E 135 -27.81 43.29 -39.55
N LEU E 136 -26.83 42.77 -38.82
CA LEU E 136 -25.48 43.35 -38.80
C LEU E 136 -24.61 42.25 -39.42
N ASN E 137 -24.39 42.34 -40.72
CA ASN E 137 -23.64 41.31 -41.44
C ASN E 137 -22.12 41.50 -41.64
N ASN E 138 -21.41 40.39 -41.81
CA ASN E 138 -19.95 40.38 -41.99
C ASN E 138 -19.14 41.47 -41.32
N PHE E 139 -18.48 41.10 -40.23
CA PHE E 139 -17.63 42.03 -39.47
C PHE E 139 -16.59 41.20 -38.74
N TYR E 140 -15.41 41.76 -38.48
CA TYR E 140 -14.44 40.93 -37.78
C TYR E 140 -14.78 40.68 -36.27
N PRO E 141 -13.81 40.27 -35.40
CA PRO E 141 -14.10 39.96 -33.99
C PRO E 141 -15.55 39.97 -33.50
N LYS E 142 -16.10 38.79 -33.15
CA LYS E 142 -17.48 38.69 -32.64
C LYS E 142 -17.78 39.89 -31.72
N ASP E 143 -16.75 40.32 -30.99
CA ASP E 143 -16.82 41.49 -30.11
C ASP E 143 -17.51 42.65 -30.86
N ILE E 144 -18.81 42.82 -30.63
CA ILE E 144 -19.59 43.85 -31.28
C ILE E 144 -20.83 44.08 -30.43
N ASN E 145 -21.08 45.35 -30.10
CA ASN E 145 -22.22 45.77 -29.28
C ASN E 145 -23.35 46.47 -30.06
N VAL E 146 -24.58 46.05 -29.81
CA VAL E 146 -25.71 46.66 -30.49
C VAL E 146 -26.48 47.53 -29.53
N ALA E 147 -27.12 48.56 -30.05
CA ALA E 147 -27.91 49.48 -29.24
C ALA E 147 -29.23 49.73 -29.97
N TRP E 148 -30.32 49.32 -29.35
CA TRP E 148 -31.65 49.50 -29.90
C TRP E 148 -32.30 50.62 -29.14
N ALA E 149 -32.27 51.80 -29.75
CA ALA E 149 -32.80 53.02 -29.13
C ALA E 149 -33.91 53.73 -29.90
N ILE E 150 -35.04 53.87 -29.23
CA ILE E 150 -36.20 54.56 -29.80
C ILE E 150 -36.24 55.89 -29.04
N ASP E 151 -36.43 56.99 -29.76
CA ASP E 151 -36.52 58.35 -29.19
C ASP E 151 -36.30 58.40 -27.68
N GLY E 152 -35.05 58.52 -27.27
CA GLY E 152 -34.76 58.55 -25.85
C GLY E 152 -33.66 57.56 -25.48
N SER E 153 -33.11 56.91 -26.49
CA SER E 153 -32.01 55.95 -26.32
C SER E 153 -32.27 54.71 -25.46
N ALA E 154 -33.48 54.61 -24.91
CA ALA E 154 -33.80 53.47 -24.06
C ALA E 154 -33.76 52.16 -24.83
N ALA E 155 -33.16 51.14 -24.24
CA ALA E 155 -33.07 49.81 -24.85
C ALA E 155 -34.35 49.04 -24.54
N ALA E 156 -35.44 49.49 -25.17
CA ALA E 156 -36.78 48.94 -25.04
C ALA E 156 -36.80 47.43 -24.75
N ASN E 157 -37.42 47.04 -23.63
CA ASN E 157 -37.47 45.62 -23.30
C ASN E 157 -38.21 44.86 -24.40
N GLY E 158 -37.46 44.06 -25.13
CA GLY E 158 -38.04 43.30 -26.21
C GLY E 158 -37.08 43.20 -27.38
N VAL E 159 -35.81 42.97 -27.07
CA VAL E 159 -34.78 42.84 -28.10
C VAL E 159 -34.08 41.50 -27.99
N LEU E 160 -34.27 40.67 -29.02
CA LEU E 160 -33.66 39.36 -29.05
C LEU E 160 -32.59 39.41 -30.10
N ASN E 161 -31.49 38.72 -29.86
CA ASN E 161 -30.44 38.70 -30.86
C ASN E 161 -29.99 37.27 -31.06
N SER E 162 -29.34 37.04 -32.19
CA SER E 162 -28.85 35.73 -32.58
C SER E 162 -27.57 35.99 -33.33
N TRP E 163 -26.43 35.66 -32.73
CA TRP E 163 -25.14 35.85 -33.39
C TRP E 163 -24.69 34.53 -34.03
N THR E 164 -24.30 34.60 -35.29
CA THR E 164 -23.86 33.44 -36.04
C THR E 164 -22.44 33.01 -35.65
N ASP E 165 -22.15 31.75 -35.90
CA ASP E 165 -20.83 31.20 -35.66
C ASP E 165 -19.97 31.79 -36.75
N GLN E 166 -18.66 31.85 -36.52
CA GLN E 166 -17.76 32.36 -37.53
C GLN E 166 -18.01 31.54 -38.80
N ASP E 167 -18.44 32.20 -39.89
CA ASP E 167 -18.66 31.51 -41.16
C ASP E 167 -17.30 31.03 -41.63
N SER E 168 -17.27 29.84 -42.24
CA SER E 168 -16.06 29.25 -42.75
C SER E 168 -15.40 30.12 -43.81
N LYS E 169 -16.21 30.66 -44.73
CA LYS E 169 -15.71 31.48 -45.83
C LYS E 169 -15.08 32.80 -45.39
N ASP E 170 -15.88 33.86 -45.38
CA ASP E 170 -15.45 35.21 -45.03
C ASP E 170 -14.64 35.34 -43.76
N SER E 171 -14.87 34.45 -42.80
CA SER E 171 -14.22 34.45 -41.49
C SER E 171 -14.89 35.54 -40.67
N THR E 172 -15.85 36.21 -41.26
CA THR E 172 -16.57 37.25 -40.57
C THR E 172 -17.63 36.69 -39.64
N TYR E 173 -18.23 37.59 -38.87
CA TYR E 173 -19.27 37.25 -37.95
C TYR E 173 -20.43 38.17 -38.32
N SER E 174 -21.67 37.70 -38.15
CA SER E 174 -22.83 38.54 -38.44
C SER E 174 -23.93 38.31 -37.42
N MET E 175 -24.32 39.37 -36.73
CA MET E 175 -25.38 39.25 -35.74
C MET E 175 -26.64 39.92 -36.20
N SER E 176 -27.77 39.35 -35.85
CA SER E 176 -29.04 39.91 -36.23
C SER E 176 -29.90 40.18 -35.01
N SER E 177 -29.98 41.45 -34.62
CA SER E 177 -30.82 41.79 -33.48
C SER E 177 -32.25 42.15 -33.90
N THR E 178 -33.21 41.47 -33.29
CA THR E 178 -34.60 41.71 -33.62
C THR E 178 -35.38 42.30 -32.44
N LEU E 179 -35.81 43.56 -32.60
CA LEU E 179 -36.55 44.32 -31.59
C LEU E 179 -38.09 44.09 -31.65
N THR E 180 -38.68 43.54 -30.59
CA THR E 180 -40.12 43.25 -30.58
C THR E 180 -40.98 44.24 -29.79
N LEU E 181 -41.89 44.91 -30.50
CA LEU E 181 -42.79 45.89 -29.90
C LEU E 181 -44.18 45.72 -30.47
N THR E 182 -45.19 45.86 -29.62
CA THR E 182 -46.60 45.73 -29.99
C THR E 182 -47.08 46.83 -30.95
N ALA E 183 -48.30 46.69 -31.46
CA ALA E 183 -48.83 47.71 -32.35
C ALA E 183 -49.11 49.01 -31.57
N ASP E 184 -49.58 48.90 -30.32
CA ASP E 184 -49.84 50.10 -29.54
C ASP E 184 -48.57 50.94 -29.29
N ALA E 185 -47.43 50.26 -29.20
CA ALA E 185 -46.16 50.94 -28.99
C ALA E 185 -45.55 51.36 -30.32
N TYR E 186 -45.85 50.61 -31.38
CA TYR E 186 -45.34 50.92 -32.71
C TYR E 186 -45.81 52.31 -33.13
N GLU E 187 -47.12 52.52 -33.09
CA GLU E 187 -47.74 53.78 -33.46
C GLU E 187 -47.37 54.94 -32.53
N ALA E 188 -47.34 54.66 -31.23
CA ALA E 188 -47.02 55.65 -30.21
C ALA E 188 -45.65 56.27 -30.50
N ALA E 189 -44.64 55.42 -30.59
CA ALA E 189 -43.28 55.89 -30.85
C ALA E 189 -43.16 56.69 -32.16
N ASN E 190 -42.06 57.42 -32.28
CA ASN E 190 -41.81 58.27 -33.45
C ASN E 190 -40.93 57.61 -34.51
N SER E 191 -39.68 57.34 -34.14
CA SER E 191 -38.69 56.73 -35.03
C SER E 191 -37.81 55.70 -34.33
N TYR E 192 -37.49 54.63 -35.05
CA TYR E 192 -36.66 53.54 -34.54
C TYR E 192 -35.22 53.67 -35.03
N THR E 193 -34.27 53.22 -34.20
CA THR E 193 -32.86 53.32 -34.55
C THR E 193 -32.01 52.16 -34.05
N CYS E 194 -31.34 51.49 -34.98
CA CYS E 194 -30.42 50.39 -34.64
C CYS E 194 -28.98 50.90 -34.80
N ALA E 195 -28.14 50.66 -33.81
CA ALA E 195 -26.77 51.14 -33.90
C ALA E 195 -25.74 50.12 -33.48
N ALA E 196 -24.73 49.91 -34.30
CA ALA E 196 -23.69 48.94 -33.94
C ALA E 196 -22.42 49.68 -33.58
N THR E 197 -21.87 49.38 -32.41
CA THR E 197 -20.62 50.00 -32.00
C THR E 197 -19.63 48.88 -32.17
N HIS E 198 -18.53 49.14 -32.87
CA HIS E 198 -17.56 48.10 -33.12
C HIS E 198 -16.15 48.65 -33.03
N LYS E 199 -15.16 47.82 -33.29
CA LYS E 199 -13.77 48.25 -33.22
C LYS E 199 -13.45 49.11 -34.44
N THR E 200 -14.17 48.87 -35.53
CA THR E 200 -14.01 49.56 -36.81
C THR E 200 -13.71 51.05 -36.65
N SER E 201 -14.61 51.73 -35.96
CA SER E 201 -14.51 53.16 -35.68
C SER E 201 -15.32 53.40 -34.42
N THR E 202 -14.88 54.37 -33.63
CA THR E 202 -15.58 54.73 -32.41
C THR E 202 -16.98 55.22 -32.82
N SER E 203 -17.06 55.68 -34.07
CA SER E 203 -18.30 56.15 -34.67
C SER E 203 -19.36 55.06 -34.63
N PRO E 204 -20.35 55.19 -33.74
CA PRO E 204 -21.40 54.16 -33.65
C PRO E 204 -22.13 54.09 -34.99
N ILE E 205 -21.86 53.06 -35.78
CA ILE E 205 -22.51 52.89 -37.09
C ILE E 205 -24.01 52.65 -36.92
N VAL E 206 -24.77 53.72 -37.12
CA VAL E 206 -26.22 53.68 -36.96
C VAL E 206 -27.00 53.67 -38.27
N LYS E 207 -28.31 53.51 -38.12
CA LYS E 207 -29.26 53.50 -39.22
C LYS E 207 -30.61 53.55 -38.54
N SER E 208 -31.52 54.34 -39.11
CA SER E 208 -32.82 54.50 -38.50
C SER E 208 -33.86 54.78 -39.55
N PHE E 209 -35.07 55.02 -39.09
CA PHE E 209 -36.19 55.34 -39.95
C PHE E 209 -37.38 55.71 -39.07
N ASN E 210 -38.47 56.11 -39.72
CA ASN E 210 -39.71 56.42 -39.03
C ASN E 210 -40.81 56.19 -40.06
N ALA E 211 -41.86 55.47 -39.66
CA ALA E 211 -42.97 55.16 -40.57
C ALA E 211 -44.05 54.35 -39.89
N ASN E 212 -44.75 54.98 -38.95
CA ASN E 212 -45.84 54.33 -38.22
C ASN E 212 -47.02 54.02 -39.15
N GLU E 213 -47.42 52.75 -39.17
CA GLU E 213 -48.54 52.25 -39.98
C GLU E 213 -49.22 51.08 -39.26
N CYS E 214 -50.50 50.81 -39.56
CA CYS E 214 -51.24 49.69 -38.94
C CYS E 214 -52.42 49.13 -39.76
N GLN F 1 -16.77 -0.06 -38.20
CA GLN F 1 -16.36 -0.98 -37.12
C GLN F 1 -17.08 -0.60 -35.84
N ILE F 2 -16.34 0.08 -34.96
CA ILE F 2 -16.87 0.53 -33.69
C ILE F 2 -17.76 1.72 -33.99
N THR F 3 -18.98 1.69 -33.49
CA THR F 3 -19.90 2.81 -33.72
C THR F 3 -21.02 2.77 -32.71
N LEU F 4 -21.59 3.94 -32.42
CA LEU F 4 -22.68 3.99 -31.47
C LEU F 4 -23.57 5.17 -31.73
N LYS F 5 -24.83 4.91 -32.04
CA LYS F 5 -25.76 5.96 -32.34
C LYS F 5 -26.89 6.12 -31.30
N GLU F 6 -27.09 7.35 -30.86
CA GLU F 6 -28.07 7.62 -29.84
C GLU F 6 -29.47 8.00 -30.34
N SER F 7 -30.50 7.46 -29.69
CA SER F 7 -31.86 7.72 -30.09
C SER F 7 -32.72 8.05 -28.91
N GLY F 8 -33.43 9.18 -29.03
CA GLY F 8 -34.32 9.67 -27.98
C GLY F 8 -35.69 10.11 -28.44
N PRO F 9 -36.44 10.84 -27.59
CA PRO F 9 -37.78 11.28 -27.95
C PRO F 9 -37.79 12.56 -28.76
N GLY F 10 -36.63 13.19 -28.84
CA GLY F 10 -36.56 14.45 -29.54
C GLY F 10 -37.29 15.50 -28.72
N ILE F 11 -38.59 15.32 -28.50
CA ILE F 11 -39.35 16.30 -27.75
C ILE F 11 -40.03 15.73 -26.51
N VAL F 12 -39.84 16.37 -25.35
CA VAL F 12 -40.49 15.91 -24.13
C VAL F 12 -41.04 17.03 -23.24
N GLN F 13 -42.33 16.92 -22.91
CA GLN F 13 -43.01 17.88 -22.06
C GLN F 13 -42.32 18.05 -20.70
N PRO F 14 -42.39 19.27 -20.13
CA PRO F 14 -41.79 19.54 -18.82
C PRO F 14 -42.45 18.62 -17.83
N SER F 15 -41.67 18.26 -16.81
CA SER F 15 -42.08 17.35 -15.75
C SER F 15 -42.27 15.88 -16.18
N GLN F 16 -42.04 15.55 -17.45
CA GLN F 16 -42.19 14.16 -17.92
C GLN F 16 -40.81 13.54 -18.10
N PRO F 17 -40.68 12.24 -17.84
CA PRO F 17 -39.39 11.58 -17.99
C PRO F 17 -39.15 11.14 -19.41
N PHE F 18 -37.87 10.95 -19.76
CA PHE F 18 -37.49 10.47 -21.11
C PHE F 18 -36.43 9.35 -21.05
N ARG F 19 -36.22 8.64 -22.18
CA ARG F 19 -35.24 7.55 -22.23
C ARG F 19 -34.48 7.34 -23.59
N LEU F 20 -33.25 7.85 -23.63
CA LEU F 20 -32.42 7.75 -24.82
C LEU F 20 -31.79 6.35 -24.90
N THR F 21 -31.81 5.73 -26.07
CA THR F 21 -31.25 4.41 -26.26
C THR F 21 -30.05 4.47 -27.20
N CYS F 22 -28.91 3.94 -26.78
CA CYS F 22 -27.70 3.92 -27.63
C CYS F 22 -27.34 2.49 -28.02
N THR F 23 -27.38 2.23 -29.31
CA THR F 23 -27.09 0.93 -29.88
C THR F 23 -25.65 1.09 -30.28
N PHE F 24 -24.85 0.04 -30.25
CA PHE F 24 -23.45 0.19 -30.63
C PHE F 24 -22.96 -1.05 -31.35
N SER F 25 -21.79 -1.01 -31.98
CA SER F 25 -21.30 -2.18 -32.69
C SER F 25 -19.77 -2.19 -32.72
N GLY F 26 -19.18 -3.38 -32.85
CA GLY F 26 -17.73 -3.49 -32.89
C GLY F 26 -17.25 -4.05 -31.57
N PHE F 27 -17.38 -3.26 -30.51
CA PHE F 27 -16.99 -3.68 -29.16
C PHE F 27 -18.14 -4.42 -28.47
N SER F 28 -18.05 -4.55 -27.14
CA SER F 28 -19.10 -5.21 -26.33
C SER F 28 -19.14 -4.81 -24.86
N LEU F 29 -20.34 -4.64 -24.33
CA LEU F 29 -20.50 -4.31 -22.92
C LEU F 29 -20.35 -5.55 -22.05
N SER F 30 -19.71 -6.57 -22.61
CA SER F 30 -19.46 -7.80 -21.88
C SER F 30 -17.96 -7.95 -21.64
N THR F 31 -17.15 -7.28 -22.46
CA THR F 31 -15.69 -7.36 -22.32
C THR F 31 -15.09 -6.43 -21.25
N SER F 32 -14.38 -7.09 -20.36
CA SER F 32 -13.66 -6.51 -19.21
C SER F 32 -13.50 -4.97 -19.27
N GLY F 33 -12.52 -4.52 -20.03
CA GLY F 33 -12.08 -3.09 -20.12
C GLY F 33 -13.14 -2.07 -20.60
N ILE F 34 -14.02 -2.47 -21.51
CA ILE F 34 -15.02 -1.56 -22.14
C ILE F 34 -15.98 -0.86 -21.15
N GLY F 35 -16.92 -0.12 -21.77
CA GLY F 35 -17.97 0.65 -21.06
C GLY F 35 -18.60 1.71 -22.02
N VAL F 36 -19.59 2.44 -21.54
CA VAL F 36 -20.20 3.48 -22.33
C VAL F 36 -20.62 4.60 -21.44
N THR F 37 -20.46 5.81 -21.94
CA THR F 37 -20.82 6.98 -21.17
C THR F 37 -21.84 7.84 -21.88
N TRP F 38 -22.62 8.56 -21.08
CA TRP F 38 -23.59 9.49 -21.59
C TRP F 38 -23.13 10.93 -21.26
N ILE F 39 -22.69 11.65 -22.32
CA ILE F 39 -22.28 13.06 -22.22
C ILE F 39 -23.49 13.89 -22.63
N ARG F 40 -23.49 15.16 -22.24
CA ARG F 40 -24.58 16.08 -22.51
C ARG F 40 -24.12 17.51 -22.77
N GLN F 41 -24.13 17.91 -24.04
CA GLN F 41 -23.78 19.28 -24.47
C GLN F 41 -25.01 20.18 -24.73
N PRO F 42 -25.44 20.99 -23.74
CA PRO F 42 -26.60 21.86 -23.92
C PRO F 42 -26.39 23.07 -24.83
N SER F 43 -27.25 23.11 -25.85
CA SER F 43 -27.31 24.14 -26.90
C SER F 43 -26.51 25.46 -26.73
N GLY F 44 -25.26 25.44 -27.18
CA GLY F 44 -24.38 26.60 -27.09
C GLY F 44 -23.57 26.62 -25.82
N LYS F 45 -22.99 25.47 -25.44
CA LYS F 45 -22.22 25.33 -24.20
C LYS F 45 -21.28 24.11 -24.23
N GLY F 46 -20.50 23.92 -23.17
CA GLY F 46 -19.59 22.79 -23.10
C GLY F 46 -20.27 21.48 -22.73
N LEU F 47 -19.65 20.36 -23.14
CA LEU F 47 -20.18 19.03 -22.84
C LEU F 47 -20.13 18.82 -21.32
N GLU F 48 -21.04 17.99 -20.79
CA GLU F 48 -21.15 17.73 -19.35
C GLU F 48 -21.20 16.24 -19.15
N TRP F 49 -20.49 15.72 -18.14
CA TRP F 49 -20.48 14.28 -17.82
C TRP F 49 -21.65 13.90 -16.94
N LEU F 50 -22.45 12.94 -17.40
CA LEU F 50 -23.63 12.54 -16.65
C LEU F 50 -23.51 11.19 -15.94
N ALA F 51 -23.17 10.18 -16.68
CA ALA F 51 -23.04 8.87 -16.08
C ALA F 51 -22.33 7.93 -17.00
N THR F 52 -21.59 7.02 -16.40
CA THR F 52 -20.87 6.02 -17.16
C THR F 52 -21.42 4.69 -16.71
N ILE F 53 -21.81 3.87 -17.69
CA ILE F 53 -22.33 2.55 -17.40
C ILE F 53 -21.12 1.66 -17.56
N TRP F 54 -20.79 0.88 -16.53
CA TRP F 54 -19.64 0.00 -16.58
C TRP F 54 -19.99 -1.46 -16.78
N TRP F 55 -19.19 -2.13 -17.60
CA TRP F 55 -19.32 -3.55 -17.90
C TRP F 55 -19.60 -4.45 -16.69
N ASP F 56 -18.85 -4.20 -15.60
CA ASP F 56 -18.99 -4.95 -14.35
C ASP F 56 -20.22 -4.56 -13.57
N ASP F 57 -21.15 -3.93 -14.27
CA ASP F 57 -22.44 -3.53 -13.75
C ASP F 57 -22.36 -2.40 -12.75
N ASP F 58 -21.12 -1.97 -12.43
CA ASP F 58 -20.83 -0.86 -11.48
C ASP F 58 -20.86 0.52 -12.13
N ASN F 59 -22.05 0.97 -12.52
CA ASN F 59 -22.14 2.26 -13.16
C ASN F 59 -22.03 3.46 -12.19
N ARG F 60 -21.54 4.58 -12.70
CA ARG F 60 -21.37 5.79 -11.89
C ARG F 60 -22.14 6.98 -12.44
N TYR F 61 -22.88 7.63 -11.55
CA TYR F 61 -23.70 8.76 -11.92
C TYR F 61 -23.07 10.03 -11.44
N ASN F 62 -23.42 11.14 -12.12
CA ASN F 62 -22.96 12.47 -11.75
C ASN F 62 -23.73 12.86 -10.49
N PRO F 63 -23.02 13.32 -9.45
CA PRO F 63 -23.70 13.71 -8.22
C PRO F 63 -24.85 14.67 -8.38
N SER F 64 -24.77 15.60 -9.31
CA SER F 64 -25.89 16.51 -9.46
C SER F 64 -27.20 15.92 -10.04
N LEU F 65 -27.10 14.77 -10.72
CA LEU F 65 -28.31 14.25 -11.37
C LEU F 65 -28.82 12.84 -11.04
N LYS F 66 -28.10 12.07 -10.28
CA LYS F 66 -28.52 10.69 -9.94
C LYS F 66 -29.88 10.65 -9.29
N SER F 67 -30.26 11.74 -8.63
CA SER F 67 -31.56 11.74 -7.99
C SER F 67 -32.69 11.70 -9.00
N ARG F 68 -32.41 12.01 -10.26
CA ARG F 68 -33.43 11.97 -11.28
C ARG F 68 -33.04 11.09 -12.48
N LEU F 69 -31.80 10.63 -12.54
CA LEU F 69 -31.37 9.86 -13.68
C LEU F 69 -30.73 8.51 -13.39
N THR F 70 -30.90 7.56 -14.30
CA THR F 70 -30.34 6.21 -14.15
C THR F 70 -29.79 5.61 -15.42
N VAL F 71 -28.94 4.62 -15.28
CA VAL F 71 -28.40 3.99 -16.46
C VAL F 71 -28.62 2.50 -16.38
N SER F 72 -28.30 1.81 -17.46
CA SER F 72 -28.47 0.36 -17.57
C SER F 72 -28.13 -0.05 -18.98
N LYS F 73 -28.07 -1.33 -19.23
CA LYS F 73 -27.75 -1.76 -20.56
C LYS F 73 -28.18 -3.16 -20.76
N ASP F 74 -28.42 -3.50 -22.01
CA ASP F 74 -28.75 -4.86 -22.36
C ASP F 74 -27.64 -5.24 -23.34
N THR F 75 -26.52 -5.72 -22.81
CA THR F 75 -25.36 -6.10 -23.61
C THR F 75 -25.72 -7.08 -24.72
N SER F 76 -26.66 -7.98 -24.39
CA SER F 76 -27.12 -9.00 -25.30
C SER F 76 -27.51 -8.36 -26.62
N ASN F 77 -28.28 -7.27 -26.54
CA ASN F 77 -28.71 -6.57 -27.75
C ASN F 77 -27.79 -5.45 -28.22
N ASN F 78 -26.72 -5.20 -27.45
CA ASN F 78 -25.70 -4.19 -27.76
C ASN F 78 -26.28 -2.75 -27.64
N GLN F 79 -27.25 -2.60 -26.73
CA GLN F 79 -27.88 -1.32 -26.52
C GLN F 79 -27.52 -0.72 -25.17
N ALA F 80 -27.57 0.58 -25.08
CA ALA F 80 -27.23 1.17 -23.80
C ALA F 80 -28.24 2.24 -23.56
N PHE F 81 -28.97 2.10 -22.46
CA PHE F 81 -29.95 3.10 -22.17
C PHE F 81 -29.48 4.11 -21.13
N LEU F 82 -30.22 5.23 -21.11
CA LEU F 82 -30.03 6.35 -20.20
C LEU F 82 -31.40 6.92 -19.83
N ASN F 83 -31.85 6.75 -18.60
CA ASN F 83 -33.15 7.31 -18.18
C ASN F 83 -33.03 8.48 -17.23
N MET F 84 -33.83 9.50 -17.50
CA MET F 84 -33.85 10.72 -16.70
C MET F 84 -35.30 11.06 -16.42
N MET F 85 -35.64 11.17 -15.14
CA MET F 85 -37.01 11.49 -14.76
C MET F 85 -37.30 12.95 -14.48
N THR F 86 -38.59 13.31 -14.52
CA THR F 86 -39.07 14.67 -14.26
C THR F 86 -38.17 15.70 -14.90
N VAL F 87 -38.25 15.76 -16.24
CA VAL F 87 -37.41 16.67 -17.00
C VAL F 87 -37.73 18.14 -16.94
N GLU F 88 -36.67 18.93 -16.86
CA GLU F 88 -36.81 20.38 -16.82
C GLU F 88 -36.19 21.08 -18.01
N THR F 89 -36.59 22.34 -18.17
CA THR F 89 -36.12 23.23 -19.24
C THR F 89 -34.65 22.99 -19.50
N ALA F 90 -33.83 23.49 -18.57
CA ALA F 90 -32.38 23.40 -18.61
C ALA F 90 -31.83 22.12 -19.22
N ASP F 91 -32.46 21.00 -18.94
CA ASP F 91 -32.00 19.73 -19.47
C ASP F 91 -32.06 19.54 -20.99
N THR F 92 -33.00 20.24 -21.64
CA THR F 92 -33.22 20.17 -23.10
C THR F 92 -31.88 20.40 -23.80
N ALA F 93 -31.38 19.38 -24.52
CA ALA F 93 -30.06 19.49 -25.18
C ALA F 93 -29.66 18.25 -26.06
N ILE F 94 -28.44 18.26 -26.61
CA ILE F 94 -28.00 17.08 -27.39
C ILE F 94 -27.30 16.14 -26.44
N TYR F 95 -27.76 14.92 -26.40
CA TYR F 95 -27.20 13.93 -25.52
C TYR F 95 -26.27 12.95 -26.26
N TYR F 96 -25.05 12.76 -25.77
CA TYR F 96 -24.16 11.81 -26.42
C TYR F 96 -23.92 10.52 -25.64
N CYS F 97 -23.93 9.43 -26.39
CA CYS F 97 -23.57 8.10 -25.87
C CYS F 97 -22.13 7.90 -26.35
N ALA F 98 -21.26 7.43 -25.47
CA ALA F 98 -19.84 7.29 -25.85
C ALA F 98 -19.14 6.07 -25.27
N GLN F 99 -18.50 5.33 -26.17
CA GLN F 99 -17.75 4.11 -25.83
C GLN F 99 -16.48 4.44 -25.05
N SER F 100 -16.46 4.11 -23.77
CA SER F 100 -15.29 4.34 -22.91
C SER F 100 -14.68 3.00 -22.66
N ALA F 101 -13.41 2.99 -22.30
CA ALA F 101 -12.72 1.72 -22.08
C ALA F 101 -11.38 1.87 -21.42
N ILE F 102 -11.17 1.10 -20.35
CA ILE F 102 -9.90 1.10 -19.60
C ILE F 102 -8.95 0.22 -20.39
N THR F 103 -8.00 0.89 -21.05
CA THR F 103 -7.02 0.22 -21.91
C THR F 103 -6.02 -0.56 -21.10
N SER F 104 -5.36 0.15 -20.20
CA SER F 104 -4.33 -0.43 -19.36
C SER F 104 -4.24 0.34 -18.07
N VAL F 105 -3.21 0.01 -17.32
CA VAL F 105 -2.91 0.60 -16.03
C VAL F 105 -3.18 2.09 -15.92
N THR F 106 -2.83 2.88 -16.94
CA THR F 106 -3.11 4.31 -16.87
C THR F 106 -3.99 4.91 -17.93
N ASP F 107 -4.34 4.14 -18.96
CA ASP F 107 -5.14 4.71 -20.06
C ASP F 107 -6.63 4.59 -19.90
N SER F 108 -7.31 5.75 -19.88
CA SER F 108 -8.77 5.73 -19.76
C SER F 108 -9.41 7.00 -20.29
N ALA F 109 -10.05 6.86 -21.44
CA ALA F 109 -10.71 7.98 -22.12
C ALA F 109 -11.89 7.46 -22.95
N MET F 110 -12.75 8.38 -23.38
CA MET F 110 -13.87 8.02 -24.20
C MET F 110 -13.43 7.89 -25.68
N ASP F 111 -12.84 6.73 -25.94
CA ASP F 111 -12.33 6.29 -27.23
C ASP F 111 -13.10 6.70 -28.50
N HIS F 112 -14.42 6.53 -28.52
CA HIS F 112 -15.25 6.90 -29.70
C HIS F 112 -16.61 7.42 -29.25
N TRP F 113 -17.02 8.57 -29.78
CA TRP F 113 -18.34 9.13 -29.43
C TRP F 113 -19.39 8.77 -30.49
N GLY F 114 -20.39 9.65 -30.60
CA GLY F 114 -21.46 9.49 -31.58
C GLY F 114 -22.22 10.81 -31.75
N GLN F 115 -22.83 10.99 -32.92
CA GLN F 115 -23.62 12.19 -33.21
C GLN F 115 -24.81 12.32 -32.27
N GLY F 116 -24.67 13.16 -31.24
CA GLY F 116 -25.71 13.38 -30.24
C GLY F 116 -27.15 13.51 -30.72
N THR F 117 -28.09 13.15 -29.86
CA THR F 117 -29.51 13.23 -30.14
C THR F 117 -30.10 14.50 -29.50
N SER F 118 -31.11 15.10 -30.10
CA SER F 118 -31.66 16.31 -29.49
C SER F 118 -32.91 16.14 -28.70
N VAL F 119 -32.75 16.35 -27.40
CA VAL F 119 -33.83 16.27 -26.46
C VAL F 119 -34.25 17.70 -26.23
N THR F 120 -35.49 18.01 -26.59
CA THR F 120 -36.01 19.34 -26.38
C THR F 120 -37.11 19.23 -25.35
N VAL F 121 -37.06 20.13 -24.36
CA VAL F 121 -38.06 20.13 -23.32
C VAL F 121 -38.96 21.37 -23.32
N SER F 122 -40.21 21.19 -23.73
CA SER F 122 -41.19 22.28 -23.72
C SER F 122 -42.63 21.96 -24.07
N SER F 123 -43.47 22.63 -23.29
CA SER F 123 -44.91 22.57 -23.34
C SER F 123 -45.39 22.83 -24.73
N ALA F 124 -44.71 23.79 -25.37
CA ALA F 124 -44.98 24.22 -26.75
C ALA F 124 -45.50 23.12 -27.69
N ALA F 125 -46.36 23.53 -28.60
CA ALA F 125 -46.94 22.58 -29.54
C ALA F 125 -46.50 22.83 -30.98
N THR F 126 -46.69 21.81 -31.82
CA THR F 126 -46.36 21.88 -33.24
C THR F 126 -46.95 23.17 -33.81
N THR F 127 -46.09 24.11 -34.22
CA THR F 127 -46.58 25.35 -34.81
C THR F 127 -45.87 25.75 -36.09
N PRO F 128 -46.59 25.74 -37.23
CA PRO F 128 -45.99 26.13 -38.53
C PRO F 128 -45.55 27.57 -38.30
N PRO F 129 -44.44 27.97 -38.90
CA PRO F 129 -44.08 29.37 -38.64
C PRO F 129 -44.86 30.30 -39.55
N SER F 130 -44.56 31.59 -39.39
CA SER F 130 -45.16 32.65 -40.18
C SER F 130 -43.99 33.53 -40.64
N VAL F 131 -43.75 33.52 -41.95
CA VAL F 131 -42.65 34.30 -42.52
C VAL F 131 -43.06 35.71 -42.97
N TYR F 132 -42.22 36.67 -42.65
CA TYR F 132 -42.49 38.05 -43.01
C TYR F 132 -41.32 38.62 -43.80
N PRO F 133 -41.60 39.14 -45.02
CA PRO F 133 -40.55 39.72 -45.85
C PRO F 133 -40.08 41.04 -45.28
N LEU F 134 -38.79 41.14 -45.02
CA LEU F 134 -38.21 42.38 -44.50
C LEU F 134 -37.63 43.14 -45.68
N ALA F 135 -38.35 44.13 -46.20
CA ALA F 135 -37.87 44.92 -47.34
C ALA F 135 -37.05 46.15 -46.93
N PRO F 136 -36.10 46.59 -47.76
CA PRO F 136 -35.24 47.75 -47.44
C PRO F 136 -36.05 48.94 -46.90
N GLY F 137 -37.12 49.29 -47.60
CA GLY F 137 -37.99 50.37 -47.15
C GLY F 137 -37.61 51.80 -47.50
N SER F 138 -37.35 52.60 -46.47
CA SER F 138 -37.00 54.02 -46.62
C SER F 138 -35.74 54.32 -47.44
N ALA F 139 -35.34 53.35 -48.26
CA ALA F 139 -34.17 53.47 -49.12
C ALA F 139 -34.29 52.49 -50.28
N ALA F 140 -33.93 52.94 -51.48
CA ALA F 140 -34.03 52.10 -52.66
C ALA F 140 -33.10 52.60 -53.76
N GLN F 141 -32.26 51.69 -54.26
CA GLN F 141 -31.29 51.99 -55.32
C GLN F 141 -30.20 52.97 -54.86
N THR F 142 -30.21 53.27 -53.57
CA THR F 142 -29.24 54.15 -52.94
C THR F 142 -28.10 53.28 -52.39
N ASN F 143 -28.10 52.02 -52.84
CA ASN F 143 -27.13 51.02 -52.42
C ASN F 143 -26.84 50.06 -53.57
N SER F 144 -25.59 50.04 -54.03
CA SER F 144 -25.20 49.14 -55.12
C SER F 144 -25.30 47.69 -54.67
N MET F 145 -25.15 47.45 -53.37
CA MET F 145 -25.28 46.11 -52.80
C MET F 145 -26.42 46.09 -51.78
N VAL F 146 -27.65 45.98 -52.27
CA VAL F 146 -28.86 45.96 -51.46
C VAL F 146 -29.09 44.66 -50.68
N THR F 147 -29.19 44.80 -49.36
CA THR F 147 -29.45 43.65 -48.50
C THR F 147 -30.96 43.45 -48.36
N LEU F 148 -31.41 42.22 -48.60
CA LEU F 148 -32.84 41.87 -48.47
C LEU F 148 -32.98 41.05 -47.21
N GLY F 149 -34.17 41.04 -46.63
CA GLY F 149 -34.35 40.28 -45.40
C GLY F 149 -35.55 39.36 -45.40
N CYS F 150 -35.62 38.47 -44.42
CA CYS F 150 -36.72 37.51 -44.32
C CYS F 150 -36.85 36.83 -42.95
N LEU F 151 -37.72 37.40 -42.11
CA LEU F 151 -37.96 36.93 -40.75
C LEU F 151 -38.88 35.73 -40.69
N VAL F 152 -38.62 34.83 -39.74
CA VAL F 152 -39.39 33.60 -39.56
C VAL F 152 -39.74 33.52 -38.09
N LYS F 153 -41.01 33.80 -37.77
CA LYS F 153 -41.47 33.84 -36.38
C LYS F 153 -42.38 32.65 -35.92
N GLY F 154 -42.40 32.58 -34.59
CA GLY F 154 -43.23 31.67 -33.73
C GLY F 154 -43.39 30.20 -34.18
N TYR F 155 -42.30 29.44 -34.18
CA TYR F 155 -42.40 27.99 -34.50
C TYR F 155 -41.73 27.18 -33.40
N PHE F 156 -42.21 25.96 -33.14
CA PHE F 156 -41.56 25.17 -32.10
C PHE F 156 -40.54 24.12 -32.51
N PRO F 157 -41.00 23.08 -33.22
CA PRO F 157 -40.09 22.03 -33.66
C PRO F 157 -38.88 22.67 -34.35
N GLU F 158 -37.80 22.84 -33.59
CA GLU F 158 -36.58 23.48 -34.05
C GLU F 158 -36.16 23.36 -35.49
N PRO F 159 -36.30 22.18 -36.11
CA PRO F 159 -35.87 22.12 -37.50
C PRO F 159 -36.63 23.06 -38.48
N VAL F 160 -35.91 24.00 -39.09
CA VAL F 160 -36.52 24.91 -40.05
C VAL F 160 -35.55 25.31 -41.19
N THR F 161 -35.97 25.11 -42.43
CA THR F 161 -35.10 25.52 -43.54
C THR F 161 -35.37 26.95 -44.03
N VAL F 162 -34.35 27.57 -44.62
CA VAL F 162 -34.47 28.91 -45.16
C VAL F 162 -33.67 28.97 -46.45
N THR F 163 -34.38 28.96 -47.58
CA THR F 163 -33.73 29.00 -48.88
C THR F 163 -34.05 30.27 -49.62
N TRP F 164 -33.15 30.72 -50.48
CA TRP F 164 -33.38 31.96 -51.21
C TRP F 164 -33.65 31.81 -52.68
N ASN F 165 -34.93 31.82 -53.02
CA ASN F 165 -35.39 31.69 -54.40
C ASN F 165 -35.23 30.28 -54.93
N SER F 166 -35.99 29.35 -54.34
CA SER F 166 -35.99 27.94 -54.74
C SER F 166 -34.61 27.30 -54.76
N GLY F 167 -33.66 27.92 -54.07
CA GLY F 167 -32.30 27.39 -53.99
C GLY F 167 -31.35 27.85 -55.06
N SER F 168 -31.41 29.13 -55.36
CA SER F 168 -30.56 29.75 -56.38
C SER F 168 -29.51 30.64 -55.71
N LEU F 169 -29.99 31.61 -54.95
CA LEU F 169 -29.12 32.53 -54.24
C LEU F 169 -28.48 31.84 -53.05
N SER F 170 -27.17 31.66 -53.07
CA SER F 170 -26.49 31.04 -51.94
C SER F 170 -25.47 32.03 -51.40
N SER F 171 -24.63 32.53 -52.30
CA SER F 171 -23.60 33.49 -51.93
C SER F 171 -24.20 34.74 -51.29
N GLY F 172 -23.67 35.07 -50.12
CA GLY F 172 -24.12 36.25 -49.39
C GLY F 172 -25.37 36.06 -48.56
N VAL F 173 -25.62 34.83 -48.09
CA VAL F 173 -26.79 34.50 -47.26
C VAL F 173 -26.41 34.08 -45.83
N HIS F 174 -27.03 34.74 -44.85
CA HIS F 174 -26.79 34.45 -43.45
C HIS F 174 -28.09 34.08 -42.81
N THR F 175 -28.20 32.82 -42.40
CA THR F 175 -29.39 32.33 -41.73
C THR F 175 -29.00 32.17 -40.27
N PHE F 176 -29.28 33.20 -39.48
CA PHE F 176 -28.95 33.19 -38.07
C PHE F 176 -29.60 32.05 -37.27
N PRO F 177 -29.05 31.73 -36.08
CA PRO F 177 -29.52 30.69 -35.18
C PRO F 177 -30.82 31.10 -34.55
N ALA F 178 -31.72 30.14 -34.33
CA ALA F 178 -33.03 30.48 -33.75
C ALA F 178 -32.95 30.93 -32.29
N VAL F 179 -33.97 31.64 -31.81
CA VAL F 179 -34.00 32.09 -30.42
C VAL F 179 -35.41 31.89 -29.82
N LEU F 180 -35.46 31.62 -28.51
CA LEU F 180 -36.69 31.38 -27.78
C LEU F 180 -37.49 32.62 -27.43
N GLN F 181 -38.69 32.72 -28.01
CA GLN F 181 -39.58 33.84 -27.76
C GLN F 181 -40.95 33.26 -27.39
N SER F 182 -41.35 33.49 -26.14
CA SER F 182 -42.64 33.00 -25.63
C SER F 182 -42.81 31.52 -25.98
N ASP F 183 -41.78 30.74 -25.70
CA ASP F 183 -41.78 29.31 -26.00
C ASP F 183 -41.98 28.97 -27.48
N LEU F 184 -41.49 29.83 -28.38
CA LEU F 184 -41.54 29.58 -29.82
C LEU F 184 -40.25 30.10 -30.47
N TYR F 185 -39.73 29.39 -31.45
CA TYR F 185 -38.51 29.82 -32.11
C TYR F 185 -38.74 30.85 -33.19
N THR F 186 -37.76 31.74 -33.33
CA THR F 186 -37.82 32.81 -34.30
C THR F 186 -36.50 32.98 -35.08
N LEU F 187 -36.47 32.44 -36.29
CA LEU F 187 -35.28 32.55 -37.13
C LEU F 187 -35.40 33.77 -38.08
N SER F 188 -34.31 34.53 -38.21
CA SER F 188 -34.25 35.71 -39.07
C SER F 188 -33.04 35.62 -40.01
N SER F 189 -33.27 35.27 -41.27
CA SER F 189 -32.18 35.16 -42.25
C SER F 189 -32.07 36.38 -43.14
N SER F 190 -30.94 36.50 -43.83
CA SER F 190 -30.75 37.61 -44.73
C SER F 190 -29.83 37.40 -45.94
N VAL F 191 -30.32 37.80 -47.11
CA VAL F 191 -29.54 37.75 -48.34
C VAL F 191 -29.24 39.18 -48.83
N THR F 192 -28.08 39.34 -49.44
CA THR F 192 -27.70 40.62 -49.99
C THR F 192 -27.49 40.38 -51.46
N VAL F 193 -28.20 41.18 -52.27
CA VAL F 193 -28.13 41.12 -53.72
C VAL F 193 -27.70 42.46 -54.27
N PRO F 194 -26.90 42.46 -55.35
CA PRO F 194 -26.45 43.71 -55.95
C PRO F 194 -27.66 44.48 -56.46
N SER F 195 -27.66 45.79 -56.24
CA SER F 195 -28.74 46.69 -56.66
C SER F 195 -29.35 46.36 -58.02
N SER F 196 -28.50 45.92 -58.94
CA SER F 196 -28.96 45.57 -60.28
C SER F 196 -29.99 44.46 -60.25
N THR F 197 -29.70 43.47 -59.43
CA THR F 197 -30.47 42.23 -59.37
C THR F 197 -31.86 42.32 -58.70
N TRP F 198 -31.96 42.79 -57.45
CA TRP F 198 -33.26 42.68 -56.74
C TRP F 198 -34.46 43.34 -57.43
N PRO F 199 -34.34 44.63 -57.73
CA PRO F 199 -35.49 45.27 -58.39
C PRO F 199 -35.92 44.50 -59.65
N SER F 200 -34.97 44.28 -60.56
CA SER F 200 -35.28 43.59 -61.82
C SER F 200 -35.73 42.13 -61.74
N GLU F 201 -34.85 41.27 -61.26
CA GLU F 201 -35.14 39.85 -61.13
C GLU F 201 -35.79 39.62 -59.77
N THR F 202 -36.68 38.64 -59.67
CA THR F 202 -37.37 38.38 -58.41
C THR F 202 -36.49 37.70 -57.36
N VAL F 203 -36.69 38.08 -56.12
CA VAL F 203 -35.95 37.50 -54.99
C VAL F 203 -36.88 37.19 -53.81
N THR F 204 -37.37 35.97 -53.77
CA THR F 204 -38.26 35.55 -52.72
C THR F 204 -37.54 34.63 -51.78
N CYS F 205 -37.97 34.67 -50.52
CA CYS F 205 -37.41 33.87 -49.46
C CYS F 205 -38.43 32.83 -48.99
N ASN F 206 -38.00 31.58 -49.00
CA ASN F 206 -38.86 30.48 -48.61
C ASN F 206 -38.47 29.74 -47.34
N VAL F 207 -39.46 29.60 -46.46
CA VAL F 207 -39.28 28.93 -45.19
C VAL F 207 -39.98 27.60 -45.22
N ALA F 208 -39.33 26.57 -44.66
CA ALA F 208 -39.86 25.20 -44.62
C ALA F 208 -39.65 24.58 -43.24
N HIS F 209 -40.77 24.23 -42.62
CA HIS F 209 -40.81 23.61 -41.30
C HIS F 209 -41.34 22.22 -41.57
N PRO F 210 -40.44 21.22 -41.61
CA PRO F 210 -40.84 19.86 -41.87
C PRO F 210 -41.89 19.38 -40.90
N ALA F 211 -41.69 19.66 -39.62
CA ALA F 211 -42.63 19.21 -38.58
C ALA F 211 -44.13 19.48 -38.76
N SER F 212 -44.50 20.66 -39.23
CA SER F 212 -45.92 21.02 -39.42
C SER F 212 -46.29 20.71 -40.85
N SER F 213 -45.24 20.50 -41.64
CA SER F 213 -45.37 20.18 -43.05
C SER F 213 -45.73 21.44 -43.81
N THR F 214 -45.00 22.51 -43.48
CA THR F 214 -45.24 23.76 -44.14
C THR F 214 -44.05 24.30 -44.91
N LYS F 215 -44.26 24.43 -46.21
CA LYS F 215 -43.27 25.01 -47.09
C LYS F 215 -44.03 26.27 -47.46
N VAL F 216 -43.36 27.41 -47.36
CA VAL F 216 -43.99 28.67 -47.71
C VAL F 216 -42.94 29.62 -48.31
N ASP F 217 -43.39 30.40 -49.30
CA ASP F 217 -42.55 31.36 -50.03
C ASP F 217 -43.05 32.76 -49.75
N LYS F 218 -42.21 33.75 -50.02
CA LYS F 218 -42.53 35.15 -49.80
C LYS F 218 -41.66 35.99 -50.72
N LYS F 219 -42.30 36.86 -51.50
CA LYS F 219 -41.63 37.74 -52.44
C LYS F 219 -40.91 38.89 -51.71
N ILE F 220 -40.04 39.59 -52.44
CA ILE F 220 -39.26 40.71 -51.90
C ILE F 220 -38.36 40.26 -50.73
#